data_2HZK
#
_entry.id   2HZK
#
_cell.length_a   104.505
_cell.length_b   63.826
_cell.length_c   127.897
_cell.angle_alpha   90.00
_cell.angle_beta   106.58
_cell.angle_gamma   90.00
#
_symmetry.space_group_name_H-M   'P 1 21 1'
#
loop_
_entity.id
_entity.type
_entity.pdbx_description
1 polymer 'TRAP-T family sorbitol/mannitol transporter, periplasmic binding protein, SmoM'
2 non-polymer GLYCEROL
3 water water
#
_entity_poly.entity_id   1
_entity_poly.type   'polypeptide(L)'
_entity_poly.pdbx_seq_one_letter_code
;MDRRSFITKAAVGGAAASALAAPALAQSAPKVTWRLASSFPKSLDTIFGGAEVLSK(MSE)LSEATDGNFQIQVFSAGEL
VPGLQAADAVTEGTVECCHTVGYYYWGKDPTFALAAAVPFSLSARGINAWHYHGGGIDLYNEFLSQHNIVAFPGGNTGVQ
(MSE)GGWFRREINTVAD(MSE)QGLK(MSE)RVGGFAGKV(MSE)ERLGVVPQQIAGGDIYPALEKGTIDATEWVGPYD
DEKLGFFKVAPYYYYPGWWEGGPTVHF(MSE)FNKSAYEGLTPTYQSLLRTACHAADAN(MSE)LQLYDWKNPTAIKSLV
AQGTQLRPFSPEILQACFEAANEVYAE(MSE)EASNPAFKKIWDSIKAFRSEHYTWAQIAEYNYDTF(MSE)(MSE)VQQ
NAGKL
;
_entity_poly.pdbx_strand_id   A,B,C,D
#
loop_
_chem_comp.id
_chem_comp.type
_chem_comp.name
_chem_comp.formula
GOL non-polymer GLYCEROL 'C3 H8 O3'
#
# COMPACT_ATOMS: atom_id res chain seq x y z
N VAL A 32 -1.93 -17.01 -6.21
CA VAL A 32 -1.73 -15.79 -5.38
C VAL A 32 -0.91 -16.19 -4.14
N THR A 33 0.23 -15.54 -3.95
CA THR A 33 1.05 -15.76 -2.75
C THR A 33 1.26 -14.42 -2.05
N TRP A 34 0.64 -14.28 -0.88
CA TRP A 34 0.70 -13.05 -0.10
C TRP A 34 1.38 -13.30 1.24
N ARG A 35 1.93 -12.24 1.82
CA ARG A 35 2.49 -12.28 3.18
C ARG A 35 1.62 -11.43 4.09
N LEU A 36 1.31 -11.96 5.27
CA LEU A 36 0.48 -11.27 6.25
C LEU A 36 1.34 -10.99 7.47
N ALA A 37 1.42 -9.72 7.87
CA ALA A 37 2.18 -9.34 9.08
C ALA A 37 1.17 -9.22 10.22
N SER A 38 1.30 -10.08 11.22
CA SER A 38 0.42 -10.01 12.38
C SER A 38 0.96 -8.98 13.37
N SER A 39 0.07 -8.27 14.03
CA SER A 39 0.46 -7.42 15.17
C SER A 39 0.68 -8.25 16.43
N PHE A 40 0.39 -9.55 16.38
CA PHE A 40 0.35 -10.39 17.58
C PHE A 40 1.45 -11.48 17.65
N PRO A 41 1.93 -11.76 18.87
CA PRO A 41 2.83 -12.88 19.06
C PRO A 41 2.03 -14.18 19.06
N LYS A 42 2.67 -15.31 18.73
CA LYS A 42 1.96 -16.60 18.67
C LYS A 42 1.39 -17.02 20.02
N SER A 43 1.95 -16.46 21.09
CA SER A 43 1.52 -16.79 22.46
C SER A 43 0.13 -16.25 22.80
N LEU A 44 -0.32 -15.25 22.05
CA LEU A 44 -1.69 -14.76 22.11
C LEU A 44 -2.48 -15.58 21.08
N ASP A 45 -2.69 -16.85 21.40
CA ASP A 45 -2.91 -17.84 20.37
C ASP A 45 -4.25 -17.69 19.67
N THR A 46 -5.25 -17.18 20.38
CA THR A 46 -6.58 -17.09 19.80
C THR A 46 -6.74 -15.84 18.94
N ILE A 47 -6.02 -14.78 19.29
CA ILE A 47 -6.01 -13.57 18.46
C ILE A 47 -5.09 -13.77 17.27
N PHE A 48 -3.84 -14.11 17.55
CA PHE A 48 -2.90 -14.45 16.46
C PHE A 48 -3.48 -15.53 15.52
N GLY A 49 -4.08 -16.56 16.13
CA GLY A 49 -4.69 -17.69 15.40
C GLY A 49 -5.73 -17.34 14.34
N GLY A 50 -6.40 -16.20 14.49
CA GLY A 50 -7.37 -15.72 13.51
C GLY A 50 -6.78 -15.67 12.09
N ALA A 51 -5.54 -15.21 12.00
CA ALA A 51 -4.84 -15.15 10.71
C ALA A 51 -4.59 -16.56 10.15
N GLU A 52 -4.25 -17.50 11.03
CA GLU A 52 -4.02 -18.88 10.59
C GLU A 52 -5.34 -19.50 10.11
N VAL A 53 -6.42 -19.11 10.77
CA VAL A 53 -7.76 -19.61 10.41
C VAL A 53 -8.12 -19.11 9.03
N LEU A 54 -7.94 -17.81 8.79
CA LEU A 54 -8.22 -17.24 7.49
C LEU A 54 -7.35 -17.94 6.44
N SER A 55 -6.04 -18.04 6.71
CA SER A 55 -5.12 -18.65 5.74
C SER A 55 -5.54 -20.08 5.35
N LYS A 56 -5.96 -20.87 6.35
CA LYS A 56 -6.43 -22.25 6.13
C LYS A 56 -7.70 -22.29 5.30
N MSE A 57 -8.65 -21.41 5.64
CA MSE A 57 -9.92 -21.34 4.90
C MSE A 57 -9.65 -21.07 3.42
O MSE A 57 -10.19 -21.76 2.56
CB MSE A 57 -10.81 -20.23 5.47
CG MSE A 57 -11.44 -20.59 6.80
SE MSE A 57 -12.34 -19.04 7.50
CE MSE A 57 -13.35 -20.02 8.97
N LEU A 58 -8.76 -20.12 3.15
CA LEU A 58 -8.47 -19.71 1.77
C LEU A 58 -7.72 -20.80 1.00
N SER A 59 -6.71 -21.39 1.65
CA SER A 59 -5.89 -22.45 1.02
C SER A 59 -6.75 -23.67 0.70
N GLU A 60 -7.55 -24.10 1.67
CA GLU A 60 -8.39 -25.27 1.46
C GLU A 60 -9.45 -25.03 0.39
N ALA A 61 -10.04 -23.84 0.37
CA ALA A 61 -11.12 -23.56 -0.59
C ALA A 61 -10.63 -23.42 -2.04
N THR A 62 -9.31 -23.30 -2.21
CA THR A 62 -8.73 -23.03 -3.54
C THR A 62 -7.67 -24.07 -3.90
N ASP A 63 -7.63 -25.16 -3.14
CA ASP A 63 -6.60 -26.19 -3.32
C ASP A 63 -5.17 -25.60 -3.38
N GLY A 64 -4.89 -24.63 -2.50
CA GLY A 64 -3.54 -24.06 -2.37
C GLY A 64 -3.24 -22.88 -3.28
N ASN A 65 -4.18 -22.51 -4.15
CA ASN A 65 -3.94 -21.44 -5.11
C ASN A 65 -3.92 -20.02 -4.53
N PHE A 66 -4.65 -19.82 -3.42
CA PHE A 66 -4.70 -18.53 -2.74
C PHE A 66 -4.01 -18.78 -1.42
N GLN A 67 -2.72 -18.41 -1.36
CA GLN A 67 -1.86 -18.71 -0.24
C GLN A 67 -1.50 -17.42 0.47
N ILE A 68 -1.96 -17.29 1.71
CA ILE A 68 -1.54 -16.19 2.58
C ILE A 68 -0.61 -16.76 3.66
N GLN A 69 0.65 -16.35 3.62
CA GLN A 69 1.66 -16.86 4.54
C GLN A 69 1.66 -15.95 5.76
N VAL A 70 1.41 -16.55 6.94
CA VAL A 70 1.24 -15.79 8.18
C VAL A 70 2.52 -15.65 9.00
N PHE A 71 2.85 -14.41 9.36
CA PHE A 71 4.04 -14.11 10.17
C PHE A 71 3.64 -13.43 11.46
N SER A 72 4.19 -13.93 12.58
CA SER A 72 3.90 -13.31 13.88
C SER A 72 4.62 -11.97 14.06
N ALA A 73 4.22 -11.24 15.10
CA ALA A 73 4.74 -9.90 15.35
C ALA A 73 6.28 -9.89 15.34
N GLY A 74 6.85 -8.98 14.55
CA GLY A 74 8.29 -8.76 14.55
C GLY A 74 9.05 -9.59 13.53
N GLU A 75 8.39 -10.58 12.95
CA GLU A 75 9.05 -11.43 11.94
C GLU A 75 9.25 -10.73 10.62
N LEU A 76 8.23 -10.01 10.15
CA LEU A 76 8.33 -9.25 8.90
C LEU A 76 8.59 -7.78 9.18
N VAL A 77 7.76 -7.21 10.05
CA VAL A 77 7.87 -5.82 10.49
C VAL A 77 7.45 -5.81 11.96
N PRO A 78 7.80 -4.76 12.72
CA PRO A 78 7.37 -4.71 14.13
C PRO A 78 5.82 -4.78 14.21
N GLY A 79 5.31 -5.44 15.24
CA GLY A 79 3.86 -5.65 15.37
C GLY A 79 3.03 -4.39 15.30
N LEU A 80 3.45 -3.35 16.01
CA LEU A 80 2.69 -2.11 16.01
C LEU A 80 2.86 -1.30 14.72
N GLN A 81 3.64 -1.80 13.78
CA GLN A 81 3.80 -1.12 12.48
C GLN A 81 3.14 -1.91 11.35
N ALA A 82 2.41 -2.95 11.72
CA ALA A 82 1.78 -3.80 10.69
C ALA A 82 0.92 -3.04 9.66
N ALA A 83 -0.02 -2.19 10.11
CA ALA A 83 -0.86 -1.47 9.13
C ALA A 83 -0.05 -0.45 8.30
N ASP A 84 1.00 0.12 8.92
CA ASP A 84 1.89 1.07 8.25
C ASP A 84 2.59 0.40 7.08
N ALA A 85 3.01 -0.84 7.31
CA ALA A 85 3.64 -1.63 6.27
C ALA A 85 2.66 -1.97 5.15
N VAL A 86 1.39 -2.20 5.48
CA VAL A 86 0.34 -2.39 4.48
C VAL A 86 0.10 -1.10 3.68
N THR A 87 -0.02 0.02 4.36
CA THR A 87 -0.23 1.32 3.71
C THR A 87 0.89 1.58 2.69
N GLU A 88 2.12 1.29 3.08
CA GLU A 88 3.30 1.53 2.25
C GLU A 88 3.57 0.44 1.20
N GLY A 89 2.75 -0.62 1.20
CA GLY A 89 2.94 -1.75 0.29
C GLY A 89 4.19 -2.59 0.50
N THR A 90 4.75 -2.60 1.72
CA THR A 90 5.92 -3.46 1.96
C THR A 90 5.48 -4.88 2.23
N VAL A 91 4.24 -5.02 2.69
CA VAL A 91 3.58 -6.33 2.83
C VAL A 91 2.15 -6.19 2.28
N GLU A 92 1.53 -7.28 1.85
N GLU A 92 1.54 -7.28 1.85
CA GLU A 92 0.18 -7.19 1.26
CA GLU A 92 0.24 -7.03 1.26
C GLU A 92 -0.90 -6.92 2.29
C GLU A 92 -0.99 -7.14 2.19
N CYS A 93 -0.78 -7.56 3.44
CA CYS A 93 -1.87 -7.53 4.44
C CYS A 93 -1.39 -7.66 5.87
N CYS A 94 -2.27 -7.35 6.80
CA CYS A 94 -1.98 -7.53 8.21
C CYS A 94 -3.24 -7.96 8.97
N HIS A 95 -3.02 -8.38 10.22
CA HIS A 95 -4.12 -8.70 11.13
C HIS A 95 -3.73 -7.88 12.37
N THR A 96 -4.61 -6.95 12.76
CA THR A 96 -4.22 -5.92 13.70
C THR A 96 -5.45 -5.38 14.43
N VAL A 97 -5.25 -4.47 15.37
CA VAL A 97 -6.37 -3.76 15.98
C VAL A 97 -6.25 -2.28 15.62
N GLY A 98 -7.32 -1.74 15.06
CA GLY A 98 -7.36 -0.38 14.54
C GLY A 98 -6.89 0.67 15.53
N TYR A 99 -7.21 0.49 16.81
CA TYR A 99 -6.84 1.50 17.80
C TYR A 99 -5.32 1.61 18.05
N TYR A 100 -4.54 0.64 17.58
CA TYR A 100 -3.06 0.79 17.60
C TYR A 100 -2.60 2.04 16.84
N TYR A 101 -3.41 2.53 15.91
CA TYR A 101 -3.02 3.65 15.05
C TYR A 101 -3.77 4.94 15.39
N TRP A 102 -4.30 5.01 16.60
CA TRP A 102 -5.12 6.17 16.99
C TRP A 102 -4.27 7.44 17.06
N GLY A 103 -2.97 7.26 17.25
CA GLY A 103 -2.00 8.37 17.20
C GLY A 103 -1.92 9.02 15.83
N LYS A 104 -2.03 8.23 14.76
CA LYS A 104 -2.07 8.74 13.41
C LYS A 104 -3.40 9.51 13.16
N ASP A 105 -4.51 8.92 13.61
CA ASP A 105 -5.85 9.54 13.48
C ASP A 105 -6.76 8.74 14.42
N PRO A 106 -7.47 9.41 15.35
CA PRO A 106 -8.33 8.64 16.27
C PRO A 106 -9.45 7.84 15.57
N THR A 107 -9.74 8.22 14.33
CA THR A 107 -10.74 7.52 13.52
C THR A 107 -10.38 6.05 13.35
N PHE A 108 -9.07 5.73 13.32
CA PHE A 108 -8.66 4.31 13.21
C PHE A 108 -9.31 3.42 14.27
N ALA A 109 -9.53 3.98 15.46
CA ALA A 109 -9.97 3.20 16.61
C ALA A 109 -11.45 2.88 16.53
N LEU A 110 -12.22 3.69 15.79
CA LEU A 110 -13.69 3.63 15.92
C LEU A 110 -14.33 2.30 15.55
N ALA A 111 -13.86 1.68 14.47
CA ALA A 111 -14.41 0.39 14.05
C ALA A 111 -13.71 -0.78 14.75
N ALA A 112 -12.68 -0.49 15.55
CA ALA A 112 -12.01 -1.50 16.35
C ALA A 112 -12.67 -1.51 17.74
N ALA A 113 -12.36 -0.52 18.57
CA ALA A 113 -13.08 -0.33 19.84
C ALA A 113 -12.71 1.04 20.38
N VAL A 114 -13.71 1.77 20.84
CA VAL A 114 -13.53 2.97 21.65
C VAL A 114 -14.38 2.79 22.92
N PRO A 115 -14.03 3.50 24.02
CA PRO A 115 -14.79 3.33 25.26
C PRO A 115 -16.30 3.51 25.13
N PHE A 116 -17.06 2.63 25.78
CA PHE A 116 -18.53 2.74 25.82
C PHE A 116 -19.17 2.71 24.42
N SER A 117 -18.63 1.86 23.57
CA SER A 117 -19.22 1.60 22.27
C SER A 117 -20.10 0.33 22.35
N LEU A 118 -20.33 -0.33 21.23
CA LEU A 118 -21.22 -1.48 21.18
C LEU A 118 -20.49 -2.78 21.59
N SER A 119 -21.22 -3.71 22.20
CA SER A 119 -20.63 -5.02 22.44
C SER A 119 -20.64 -5.80 21.12
N ALA A 120 -20.17 -7.04 21.15
CA ALA A 120 -19.85 -7.77 19.90
C ALA A 120 -21.01 -7.92 18.93
N ARG A 121 -22.18 -8.35 19.39
CA ARG A 121 -23.29 -8.50 18.42
C ARG A 121 -23.72 -7.15 17.85
N GLY A 122 -23.70 -6.12 18.70
CA GLY A 122 -24.08 -4.77 18.26
C GLY A 122 -23.14 -4.24 17.21
N ILE A 123 -21.84 -4.32 17.47
CA ILE A 123 -20.88 -3.80 16.48
C ILE A 123 -20.92 -4.59 15.17
N ASN A 124 -21.09 -5.91 15.28
CA ASN A 124 -21.19 -6.73 14.07
C ASN A 124 -22.41 -6.40 13.24
N ALA A 125 -23.53 -6.11 13.90
CA ALA A 125 -24.75 -5.69 13.17
C ALA A 125 -24.40 -4.46 12.34
N TRP A 126 -23.74 -3.50 12.98
CA TRP A 126 -23.34 -2.24 12.34
C TRP A 126 -22.33 -2.48 11.19
N HIS A 127 -21.28 -3.24 11.47
CA HIS A 127 -20.27 -3.64 10.48
C HIS A 127 -20.93 -4.18 9.19
N TYR A 128 -21.71 -5.25 9.34
CA TYR A 128 -22.15 -6.04 8.20
C TYR A 128 -23.44 -5.57 7.55
N HIS A 129 -24.29 -4.89 8.32
CA HIS A 129 -25.61 -4.49 7.80
C HIS A 129 -25.97 -3.05 8.03
N GLY A 130 -25.14 -2.35 8.81
CA GLY A 130 -25.34 -0.93 9.06
C GLY A 130 -24.44 0.01 8.26
N GLY A 131 -23.72 -0.54 7.29
CA GLY A 131 -22.83 0.22 6.42
C GLY A 131 -21.47 0.49 7.05
N GLY A 132 -21.20 -0.18 8.16
CA GLY A 132 -19.97 0.10 8.92
C GLY A 132 -18.71 -0.26 8.17
N ILE A 133 -18.70 -1.46 7.56
CA ILE A 133 -17.51 -1.87 6.76
C ILE A 133 -17.21 -0.81 5.68
N ASP A 134 -18.25 -0.38 4.96
CA ASP A 134 -18.09 0.64 3.93
C ASP A 134 -17.62 1.99 4.48
N LEU A 135 -18.18 2.42 5.61
CA LEU A 135 -17.82 3.68 6.21
C LEU A 135 -16.34 3.64 6.60
N TYR A 136 -15.91 2.55 7.23
CA TYR A 136 -14.51 2.45 7.64
C TYR A 136 -13.57 2.42 6.42
N ASN A 137 -13.99 1.69 5.37
CA ASN A 137 -13.17 1.61 4.18
C ASN A 137 -13.08 2.94 3.42
N GLU A 138 -14.14 3.72 3.50
CA GLU A 138 -14.13 5.08 2.94
C GLU A 138 -13.03 5.91 3.61
N PHE A 139 -12.90 5.78 4.93
CA PHE A 139 -11.80 6.41 5.66
C PHE A 139 -10.44 5.83 5.25
N LEU A 140 -10.36 4.51 5.13
CA LEU A 140 -9.10 3.83 4.98
C LEU A 140 -8.50 3.95 3.57
N SER A 141 -9.35 4.36 2.62
CA SER A 141 -8.96 4.44 1.20
C SER A 141 -7.72 5.32 1.05
N GLN A 142 -7.73 6.48 1.71
CA GLN A 142 -6.57 7.41 1.66
C GLN A 142 -5.30 6.78 2.23
N HIS A 143 -5.46 5.75 3.07
CA HIS A 143 -4.35 5.04 3.68
C HIS A 143 -4.02 3.71 2.98
N ASN A 144 -4.54 3.56 1.76
CA ASN A 144 -4.29 2.40 0.90
C ASN A 144 -4.67 1.08 1.53
N ILE A 145 -5.78 1.07 2.29
CA ILE A 145 -6.22 -0.16 2.98
C ILE A 145 -7.68 -0.44 2.66
N VAL A 146 -7.98 -1.72 2.43
CA VAL A 146 -9.33 -2.25 2.45
C VAL A 146 -9.32 -3.25 3.62
N ALA A 147 -10.25 -3.07 4.55
CA ALA A 147 -10.26 -3.85 5.78
C ALA A 147 -11.60 -4.53 5.94
N PHE A 148 -11.56 -5.73 6.51
CA PHE A 148 -12.77 -6.43 6.93
C PHE A 148 -12.57 -6.97 8.34
N PRO A 149 -13.65 -7.04 9.13
CA PRO A 149 -13.49 -7.62 10.48
C PRO A 149 -12.83 -9.00 10.45
N GLY A 150 -11.94 -9.23 11.39
CA GLY A 150 -11.16 -10.47 11.47
C GLY A 150 -11.13 -11.07 12.87
N GLY A 151 -12.21 -10.85 13.61
CA GLY A 151 -12.38 -11.46 14.93
C GLY A 151 -12.96 -10.45 15.91
N ASN A 152 -13.54 -10.98 16.98
CA ASN A 152 -13.97 -10.13 18.11
C ASN A 152 -13.62 -10.89 19.37
N THR A 153 -13.21 -10.19 20.42
CA THR A 153 -12.86 -10.87 21.68
C THR A 153 -14.04 -10.87 22.69
N GLY A 154 -15.08 -10.09 22.41
CA GLY A 154 -16.16 -9.86 23.39
C GLY A 154 -15.64 -8.90 24.44
N VAL A 155 -16.48 -8.58 25.43
CA VAL A 155 -16.06 -7.62 26.45
C VAL A 155 -14.78 -8.10 27.13
N GLN A 156 -13.80 -7.21 27.22
CA GLN A 156 -12.52 -7.55 27.88
C GLN A 156 -12.64 -7.24 29.37
N MSE A 157 -11.68 -7.72 30.16
CA MSE A 157 -11.75 -7.48 31.61
C MSE A 157 -11.17 -6.12 31.99
O MSE A 157 -10.57 -5.44 31.14
CB MSE A 157 -11.07 -8.64 32.36
CG MSE A 157 -11.83 -9.97 32.25
SE MSE A 157 -13.54 -9.92 33.21
CE MSE A 157 -12.82 -10.01 35.11
N GLY A 158 -11.35 -5.72 33.24
CA GLY A 158 -10.93 -4.38 33.70
C GLY A 158 -9.52 -4.35 34.26
N GLY A 159 -8.87 -5.50 34.29
CA GLY A 159 -7.45 -5.55 34.68
C GLY A 159 -7.22 -6.10 36.06
N TRP A 160 -5.94 -6.22 36.41
CA TRP A 160 -5.47 -6.88 37.62
C TRP A 160 -4.86 -5.84 38.54
N PHE A 161 -5.32 -5.84 39.79
CA PHE A 161 -5.02 -4.77 40.75
C PHE A 161 -4.37 -5.34 42.02
N ARG A 162 -3.33 -4.68 42.53
CA ARG A 162 -2.74 -5.09 43.81
C ARG A 162 -3.63 -4.75 45.00
N ARG A 163 -4.41 -3.67 44.87
CA ARG A 163 -5.31 -3.21 45.94
C ARG A 163 -6.63 -2.80 45.33
N GLU A 164 -7.70 -3.03 46.06
CA GLU A 164 -9.05 -2.73 45.57
C GLU A 164 -9.26 -1.23 45.44
N ILE A 165 -10.08 -0.85 44.45
CA ILE A 165 -10.54 0.53 44.30
C ILE A 165 -12.07 0.60 44.28
N ASN A 166 -12.62 1.67 44.87
CA ASN A 166 -14.08 1.82 44.94
C ASN A 166 -14.64 3.16 44.46
N THR A 167 -13.81 4.20 44.50
CA THR A 167 -14.27 5.56 44.23
C THR A 167 -13.34 6.24 43.24
N VAL A 168 -13.78 7.38 42.71
CA VAL A 168 -12.91 8.18 41.87
C VAL A 168 -11.67 8.64 42.67
N ALA A 169 -11.88 9.04 43.92
CA ALA A 169 -10.78 9.43 44.79
C ALA A 169 -9.68 8.36 44.84
N ASP A 170 -10.10 7.09 44.89
CA ASP A 170 -9.18 5.94 44.95
C ASP A 170 -8.29 5.85 43.73
N MSE A 171 -8.69 6.50 42.64
CA MSE A 171 -7.98 6.41 41.37
C MSE A 171 -6.88 7.45 41.24
O MSE A 171 -6.06 7.38 40.33
CB MSE A 171 -8.96 6.56 40.19
CG MSE A 171 -10.05 5.51 40.09
SE MSE A 171 -11.33 5.96 38.66
CE MSE A 171 -11.25 7.88 38.69
N GLN A 172 -6.87 8.43 42.15
CA GLN A 172 -5.90 9.52 42.07
C GLN A 172 -4.49 8.98 42.27
N GLY A 173 -3.64 9.18 41.27
CA GLY A 173 -2.26 8.69 41.34
C GLY A 173 -2.07 7.21 41.06
N LEU A 174 -3.15 6.51 40.71
CA LEU A 174 -3.07 5.10 40.37
C LEU A 174 -2.12 4.87 39.18
N LYS A 175 -1.07 4.08 39.41
CA LYS A 175 -0.13 3.74 38.34
C LYS A 175 -0.63 2.47 37.62
N MSE A 176 -1.29 2.66 36.49
CA MSE A 176 -1.85 1.53 35.75
C MSE A 176 -1.22 1.37 34.38
O MSE A 176 -1.07 2.36 33.64
CB MSE A 176 -3.36 1.65 35.58
CG MSE A 176 -3.99 0.43 34.91
SE MSE A 176 -5.93 0.61 34.90
CE MSE A 176 -6.36 -1.27 34.26
N ARG A 177 -0.85 0.14 34.05
CA ARG A 177 -0.40 -0.18 32.70
C ARG A 177 -1.63 -0.20 31.82
N VAL A 178 -1.78 0.86 31.04
CA VAL A 178 -2.90 1.04 30.14
C VAL A 178 -2.51 2.16 29.19
N GLY A 179 -3.06 2.11 27.98
CA GLY A 179 -2.79 3.19 27.05
C GLY A 179 -3.99 3.53 26.21
N GLY A 180 -3.72 4.16 25.08
CA GLY A 180 -4.76 4.55 24.12
C GLY A 180 -5.84 5.41 24.73
N PHE A 181 -7.04 5.24 24.19
CA PHE A 181 -8.22 5.93 24.67
C PHE A 181 -8.45 5.71 26.14
N ALA A 182 -8.33 4.45 26.56
CA ALA A 182 -8.61 4.10 27.95
C ALA A 182 -7.70 4.93 28.86
N GLY A 183 -6.44 5.05 28.46
CA GLY A 183 -5.46 5.79 29.27
C GLY A 183 -5.79 7.27 29.27
N LYS A 184 -6.16 7.79 28.10
CA LYS A 184 -6.52 9.20 27.98
C LYS A 184 -7.68 9.57 28.89
N VAL A 185 -8.71 8.72 28.90
CA VAL A 185 -9.89 8.94 29.72
C VAL A 185 -9.54 8.87 31.21
N MSE A 186 -8.86 7.81 31.60
CA MSE A 186 -8.53 7.63 33.01
C MSE A 186 -7.58 8.71 33.50
O MSE A 186 -7.64 9.12 34.66
CB MSE A 186 -8.01 6.23 33.26
CG MSE A 186 -9.15 5.25 33.35
SE MSE A 186 -8.59 3.52 33.97
CE MSE A 186 -8.25 2.71 32.21
N GLU A 187 -6.74 9.21 32.61
CA GLU A 187 -5.81 10.29 32.96
C GLU A 187 -6.57 11.53 33.43
N ARG A 188 -7.72 11.80 32.81
CA ARG A 188 -8.56 12.93 33.23
C ARG A 188 -9.12 12.75 34.62
N LEU A 189 -9.17 11.51 35.08
CA LEU A 189 -9.66 11.20 36.41
C LEU A 189 -8.56 11.07 37.46
N GLY A 190 -7.32 11.32 37.05
CA GLY A 190 -6.21 11.26 37.99
C GLY A 190 -5.30 10.02 37.97
N VAL A 191 -5.64 8.99 37.18
CA VAL A 191 -4.70 7.87 37.06
CA VAL A 191 -4.69 7.87 37.07
C VAL A 191 -3.47 8.29 36.24
N VAL A 192 -2.35 7.64 36.51
CA VAL A 192 -1.15 7.93 35.75
C VAL A 192 -0.78 6.69 34.91
N PRO A 193 -1.15 6.70 33.62
CA PRO A 193 -0.89 5.57 32.74
C PRO A 193 0.59 5.22 32.65
N GLN A 194 0.86 3.93 32.57
CA GLN A 194 2.22 3.42 32.46
C GLN A 194 2.39 2.74 31.10
N GLN A 195 3.55 2.95 30.48
CA GLN A 195 3.87 2.35 29.20
C GLN A 195 4.87 1.23 29.47
N ILE A 196 4.39 -0.02 29.37
CA ILE A 196 5.19 -1.17 29.76
C ILE A 196 5.00 -2.30 28.75
N ALA A 197 6.12 -2.88 28.30
CA ALA A 197 6.12 -4.03 27.41
C ALA A 197 5.46 -5.22 28.09
N GLY A 198 4.64 -5.96 27.35
CA GLY A 198 3.96 -7.17 27.86
C GLY A 198 4.77 -8.00 28.85
N GLY A 199 6.03 -8.25 28.50
CA GLY A 199 6.95 -9.07 29.30
C GLY A 199 7.45 -8.45 30.59
N ASP A 200 7.37 -7.13 30.68
CA ASP A 200 7.85 -6.41 31.86
C ASP A 200 6.73 -6.12 32.88
N ILE A 201 5.50 -6.48 32.55
CA ILE A 201 4.35 -6.17 33.42
C ILE A 201 4.41 -6.96 34.74
N TYR A 202 4.54 -8.29 34.63
CA TYR A 202 4.58 -9.11 35.84
C TYR A 202 5.66 -8.65 36.83
N PRO A 203 6.93 -8.49 36.38
CA PRO A 203 7.94 -7.98 37.31
C PRO A 203 7.59 -6.62 37.96
N ALA A 204 6.99 -5.71 37.20
CA ALA A 204 6.58 -4.40 37.73
C ALA A 204 5.56 -4.55 38.88
N LEU A 205 4.58 -5.43 38.68
CA LEU A 205 3.56 -5.70 39.70
C LEU A 205 4.20 -6.34 40.93
N GLU A 206 5.07 -7.31 40.65
CA GLU A 206 5.85 -8.07 41.63
C GLU A 206 6.64 -7.13 42.55
N LYS A 207 7.34 -6.17 41.94
CA LYS A 207 8.19 -5.20 42.63
C LYS A 207 7.40 -4.00 43.14
N GLY A 208 6.11 -3.93 42.80
CA GLY A 208 5.25 -2.83 43.23
C GLY A 208 5.53 -1.50 42.57
N THR A 209 6.12 -1.53 41.37
CA THR A 209 6.42 -0.33 40.60
C THR A 209 5.18 0.23 39.91
N ILE A 210 4.17 -0.62 39.78
CA ILE A 210 2.85 -0.21 39.27
C ILE A 210 1.76 -0.80 40.18
N ASP A 211 0.57 -0.25 40.10
CA ASP A 211 -0.56 -0.66 40.94
C ASP A 211 -1.48 -1.66 40.24
N ALA A 212 -1.52 -1.60 38.92
CA ALA A 212 -2.51 -2.40 38.16
C ALA A 212 -2.10 -2.51 36.71
N THR A 213 -2.69 -3.47 35.99
CA THR A 213 -2.47 -3.61 34.55
C THR A 213 -3.74 -4.08 33.84
N GLU A 214 -3.94 -3.65 32.61
CA GLU A 214 -4.92 -4.37 31.80
C GLU A 214 -4.16 -5.34 30.92
N TRP A 215 -4.86 -6.33 30.39
CA TRP A 215 -4.27 -7.24 29.43
C TRP A 215 -5.38 -7.59 28.45
N VAL A 216 -6.04 -8.72 28.62
CA VAL A 216 -7.16 -9.07 27.74
C VAL A 216 -8.34 -9.54 28.59
N GLY A 217 -8.48 -10.86 28.75
CA GLY A 217 -9.63 -11.45 29.47
C GLY A 217 -9.15 -12.75 30.11
N PRO A 218 -10.08 -13.57 30.64
CA PRO A 218 -9.63 -14.70 31.48
C PRO A 218 -8.70 -15.70 30.75
N TYR A 219 -9.05 -16.02 29.51
CA TYR A 219 -8.25 -17.01 28.78
C TYR A 219 -6.77 -16.61 28.63
N ASP A 220 -6.52 -15.42 28.09
CA ASP A 220 -5.15 -14.95 27.91
C ASP A 220 -4.50 -14.57 29.23
N ASP A 221 -5.27 -13.89 30.11
CA ASP A 221 -4.71 -13.37 31.36
C ASP A 221 -4.21 -14.49 32.26
N GLU A 222 -4.90 -15.62 32.27
CA GLU A 222 -4.50 -16.73 33.16
C GLU A 222 -3.04 -17.14 32.94
N LYS A 223 -2.62 -17.13 31.68
CA LYS A 223 -1.27 -17.59 31.29
C LYS A 223 -0.14 -16.72 31.87
N LEU A 224 -0.48 -15.48 32.24
CA LEU A 224 0.49 -14.56 32.82
C LEU A 224 0.66 -14.70 34.32
N GLY A 225 -0.29 -15.36 34.99
CA GLY A 225 -0.20 -15.62 36.44
C GLY A 225 -0.29 -14.37 37.32
N PHE A 226 -1.00 -13.35 36.83
CA PHE A 226 -1.19 -12.11 37.62
C PHE A 226 -1.85 -12.32 39.00
N PHE A 227 -2.64 -13.40 39.14
CA PHE A 227 -3.23 -13.73 40.44
C PHE A 227 -2.21 -14.02 41.57
N LYS A 228 -0.95 -14.22 41.19
CA LYS A 228 0.14 -14.43 42.16
C LYS A 228 0.64 -13.13 42.81
N VAL A 229 0.34 -12.00 42.17
CA VAL A 229 0.88 -10.71 42.57
C VAL A 229 -0.13 -9.56 42.62
N ALA A 230 -1.30 -9.74 42.00
CA ALA A 230 -2.28 -8.68 41.86
C ALA A 230 -3.63 -9.31 41.63
N PRO A 231 -4.24 -9.91 42.68
CA PRO A 231 -5.32 -10.88 42.46
C PRO A 231 -6.73 -10.27 42.36
N TYR A 232 -6.84 -8.96 42.46
CA TYR A 232 -8.16 -8.30 42.34
C TYR A 232 -8.42 -8.02 40.88
N TYR A 233 -9.39 -8.76 40.31
CA TYR A 233 -9.61 -8.82 38.85
C TYR A 233 -10.89 -8.07 38.56
N TYR A 234 -10.73 -6.86 38.02
CA TYR A 234 -11.89 -5.95 37.84
C TYR A 234 -12.64 -6.19 36.52
N TYR A 235 -13.88 -5.73 36.48
CA TYR A 235 -14.69 -5.81 35.29
C TYR A 235 -15.82 -4.78 35.33
N PRO A 236 -16.36 -4.40 34.17
CA PRO A 236 -15.93 -4.72 32.80
C PRO A 236 -14.82 -3.77 32.33
N GLY A 237 -14.03 -4.22 31.35
CA GLY A 237 -13.10 -3.34 30.65
C GLY A 237 -13.94 -2.48 29.71
N TRP A 238 -14.46 -1.38 30.25
CA TRP A 238 -15.40 -0.49 29.54
C TRP A 238 -14.78 0.18 28.32
N TRP A 239 -13.45 0.14 28.23
CA TRP A 239 -12.73 0.66 27.06
C TRP A 239 -12.85 -0.28 25.87
N GLU A 240 -13.24 -1.54 26.11
CA GLU A 240 -13.34 -2.51 25.05
C GLU A 240 -14.53 -3.45 25.17
N GLY A 241 -15.70 -2.92 24.83
CA GLY A 241 -16.96 -3.66 24.92
C GLY A 241 -17.09 -4.77 23.91
N GLY A 242 -16.53 -4.58 22.73
CA GLY A 242 -16.67 -5.58 21.66
C GLY A 242 -15.64 -5.30 20.58
N PRO A 243 -14.35 -5.48 20.92
CA PRO A 243 -13.31 -5.03 19.99
C PRO A 243 -13.18 -5.94 18.78
N THR A 244 -13.22 -5.34 17.59
CA THR A 244 -12.88 -6.16 16.43
C THR A 244 -11.42 -6.03 16.06
N VAL A 245 -10.89 -7.17 15.60
CA VAL A 245 -9.52 -7.26 15.18
C VAL A 245 -9.56 -7.37 13.65
N HIS A 246 -9.17 -6.32 12.95
CA HIS A 246 -9.31 -6.34 11.49
C HIS A 246 -8.23 -7.10 10.73
N PHE A 247 -8.64 -7.72 9.63
CA PHE A 247 -7.68 -7.94 8.53
C PHE A 247 -7.64 -6.65 7.72
N MSE A 248 -6.43 -6.17 7.42
CA MSE A 248 -6.31 -5.01 6.55
C MSE A 248 -5.45 -5.36 5.36
O MSE A 248 -4.35 -5.87 5.55
CB MSE A 248 -5.67 -3.86 7.33
CG MSE A 248 -6.54 -3.45 8.51
SE MSE A 248 -5.85 -1.80 9.33
CE MSE A 248 -7.31 -1.46 10.68
N PHE A 249 -5.97 -5.12 4.17
CA PHE A 249 -5.32 -5.52 2.92
C PHE A 249 -4.90 -4.29 2.15
N ASN A 250 -3.72 -4.33 1.56
CA ASN A 250 -3.33 -3.25 0.68
C ASN A 250 -4.39 -3.10 -0.44
N LYS A 251 -4.87 -1.88 -0.65
CA LYS A 251 -6.01 -1.65 -1.54
C LYS A 251 -5.66 -2.08 -2.98
N SER A 252 -4.47 -1.72 -3.43
CA SER A 252 -4.03 -2.17 -4.74
C SER A 252 -3.96 -3.71 -4.84
N ALA A 253 -3.41 -4.36 -3.81
CA ALA A 253 -3.34 -5.83 -3.75
C ALA A 253 -4.74 -6.42 -3.85
N TYR A 254 -5.65 -5.90 -3.05
CA TYR A 254 -7.03 -6.40 -3.03
C TYR A 254 -7.69 -6.23 -4.39
N GLU A 255 -7.56 -5.04 -4.96
CA GLU A 255 -8.15 -4.75 -6.28
C GLU A 255 -7.55 -5.55 -7.45
N GLY A 256 -6.34 -6.06 -7.26
CA GLY A 256 -5.68 -6.95 -8.22
C GLY A 256 -6.11 -8.41 -8.16
N LEU A 257 -6.82 -8.81 -7.09
CA LEU A 257 -7.44 -10.13 -7.07
C LEU A 257 -8.59 -10.21 -8.07
N THR A 258 -8.84 -11.41 -8.59
CA THR A 258 -10.05 -11.63 -9.39
C THR A 258 -11.29 -11.33 -8.53
N PRO A 259 -12.42 -10.93 -9.17
CA PRO A 259 -13.65 -10.79 -8.40
C PRO A 259 -13.99 -12.06 -7.60
N THR A 260 -13.64 -13.23 -8.15
CA THR A 260 -13.85 -14.50 -7.46
C THR A 260 -13.08 -14.53 -6.12
N TYR A 261 -11.79 -14.19 -6.16
CA TYR A 261 -10.97 -14.25 -4.95
C TYR A 261 -11.31 -13.10 -3.99
N GLN A 262 -11.76 -11.97 -4.53
CA GLN A 262 -12.25 -10.86 -3.68
C GLN A 262 -13.42 -11.35 -2.83
N SER A 263 -14.36 -12.01 -3.49
CA SER A 263 -15.56 -12.49 -2.81
C SER A 263 -15.22 -13.59 -1.82
N LEU A 264 -14.39 -14.54 -2.23
CA LEU A 264 -13.92 -15.59 -1.33
C LEU A 264 -13.24 -14.97 -0.10
N LEU A 265 -12.42 -13.94 -0.32
CA LEU A 265 -11.72 -13.30 0.78
C LEU A 265 -12.70 -12.68 1.78
N ARG A 266 -13.71 -11.97 1.28
CA ARG A 266 -14.75 -11.41 2.17
C ARG A 266 -15.52 -12.50 2.96
N THR A 267 -15.88 -13.58 2.27
CA THR A 267 -16.60 -14.69 2.91
C THR A 267 -15.75 -15.31 4.04
N ALA A 268 -14.49 -15.59 3.74
CA ALA A 268 -13.58 -16.22 4.68
C ALA A 268 -13.30 -15.27 5.86
N CYS A 269 -13.17 -13.97 5.60
CA CYS A 269 -12.98 -13.02 6.73
C CYS A 269 -14.22 -13.05 7.64
N HIS A 270 -15.40 -13.12 7.02
CA HIS A 270 -16.67 -13.09 7.76
C HIS A 270 -16.75 -14.34 8.68
N ALA A 271 -16.37 -15.48 8.12
CA ALA A 271 -16.32 -16.74 8.90
C ALA A 271 -15.28 -16.67 10.02
N ALA A 272 -14.08 -16.21 9.67
CA ALA A 272 -13.00 -16.13 10.67
C ALA A 272 -13.35 -15.18 11.80
N ASP A 273 -14.04 -14.09 11.45
CA ASP A 273 -14.48 -13.09 12.44
C ASP A 273 -15.40 -13.75 13.47
N ALA A 274 -16.38 -14.52 12.98
CA ALA A 274 -17.27 -15.24 13.87
C ALA A 274 -16.50 -16.27 14.70
N ASN A 275 -15.57 -16.98 14.04
CA ASN A 275 -14.82 -18.04 14.65
C ASN A 275 -14.08 -17.59 15.91
N MSE A 276 -13.44 -16.43 15.85
CA MSE A 276 -12.66 -15.96 17.01
C MSE A 276 -13.55 -15.66 18.20
O MSE A 276 -13.26 -16.06 19.32
CB MSE A 276 -11.79 -14.74 16.67
CG MSE A 276 -10.90 -14.37 17.88
SE MSE A 276 -10.05 -12.64 17.66
CE MSE A 276 -8.89 -13.12 16.05
N LEU A 277 -14.67 -14.98 17.93
CA LEU A 277 -15.62 -14.66 19.03
C LEU A 277 -16.11 -15.97 19.66
N GLN A 278 -16.41 -16.97 18.82
CA GLN A 278 -16.94 -18.23 19.29
C GLN A 278 -15.88 -19.00 20.09
N LEU A 279 -14.62 -18.86 19.70
CA LEU A 279 -13.52 -19.48 20.47
C LEU A 279 -13.40 -18.87 21.85
N TYR A 280 -13.42 -17.55 21.91
CA TYR A 280 -13.38 -16.86 23.22
C TYR A 280 -14.59 -17.22 24.09
N ASP A 281 -15.77 -17.27 23.48
CA ASP A 281 -17.00 -17.60 24.23
C ASP A 281 -16.95 -19.05 24.77
N TRP A 282 -16.23 -19.91 24.06
CA TRP A 282 -16.02 -21.28 24.52
C TRP A 282 -14.95 -21.36 25.63
N LYS A 283 -13.83 -20.67 25.43
CA LYS A 283 -12.65 -20.79 26.33
C LYS A 283 -12.77 -20.00 27.62
N ASN A 284 -13.35 -18.81 27.55
CA ASN A 284 -13.42 -17.91 28.71
C ASN A 284 -14.12 -18.54 29.93
N PRO A 285 -15.26 -19.22 29.73
CA PRO A 285 -15.91 -19.85 30.90
C PRO A 285 -14.98 -20.79 31.68
N THR A 286 -14.22 -21.61 30.97
CA THR A 286 -13.23 -22.50 31.59
C THR A 286 -12.13 -21.70 32.33
N ALA A 287 -11.60 -20.66 31.69
CA ALA A 287 -10.49 -19.90 32.27
C ALA A 287 -10.94 -19.15 33.52
N ILE A 288 -12.14 -18.57 33.50
CA ILE A 288 -12.56 -17.82 34.69
C ILE A 288 -12.76 -18.75 35.89
N LYS A 289 -13.28 -19.95 35.64
CA LYS A 289 -13.42 -20.94 36.70
C LYS A 289 -12.06 -21.35 37.27
N SER A 290 -11.09 -21.60 36.39
CA SER A 290 -9.73 -21.95 36.82
C SER A 290 -9.11 -20.80 37.63
N LEU A 291 -9.27 -19.57 37.15
CA LEU A 291 -8.73 -18.39 37.85
C LEU A 291 -9.29 -18.21 39.26
N VAL A 292 -10.62 -18.31 39.39
CA VAL A 292 -11.28 -18.25 40.69
C VAL A 292 -10.86 -19.41 41.59
N ALA A 293 -10.77 -20.61 41.02
CA ALA A 293 -10.29 -21.77 41.77
C ALA A 293 -8.92 -21.53 42.42
N GLN A 294 -8.11 -20.73 41.74
CA GLN A 294 -6.72 -20.49 42.16
C GLN A 294 -6.58 -19.20 42.97
N GLY A 295 -7.71 -18.63 43.41
CA GLY A 295 -7.67 -17.50 44.34
C GLY A 295 -8.00 -16.13 43.78
N THR A 296 -8.26 -16.04 42.48
CA THR A 296 -8.59 -14.77 41.85
C THR A 296 -9.82 -14.15 42.52
N GLN A 297 -9.75 -12.86 42.85
N GLN A 297 -9.77 -12.84 42.76
CA GLN A 297 -10.88 -12.14 43.48
CA GLN A 297 -10.82 -12.12 43.48
C GLN A 297 -11.55 -11.21 42.49
C GLN A 297 -11.58 -11.18 42.53
N LEU A 298 -12.70 -11.64 41.98
CA LEU A 298 -13.44 -10.85 41.00
C LEU A 298 -14.10 -9.62 41.68
N ARG A 299 -13.93 -8.44 41.11
CA ARG A 299 -14.50 -7.21 41.68
C ARG A 299 -15.08 -6.32 40.57
N PRO A 300 -16.35 -5.91 40.68
CA PRO A 300 -16.91 -4.96 39.70
C PRO A 300 -16.37 -3.56 39.95
N PHE A 301 -16.12 -2.80 38.87
CA PHE A 301 -15.92 -1.35 39.01
C PHE A 301 -17.23 -0.78 39.55
N SER A 302 -17.15 0.14 40.52
CA SER A 302 -18.35 0.71 41.11
C SER A 302 -19.15 1.57 40.12
N PRO A 303 -20.47 1.73 40.36
CA PRO A 303 -21.25 2.70 39.58
C PRO A 303 -20.57 4.08 39.49
N GLU A 304 -20.01 4.56 40.60
CA GLU A 304 -19.35 5.88 40.61
C GLU A 304 -18.18 5.92 39.61
N ILE A 305 -17.34 4.89 39.65
CA ILE A 305 -16.19 4.81 38.75
C ILE A 305 -16.63 4.73 37.28
N LEU A 306 -17.58 3.83 36.99
CA LEU A 306 -18.07 3.67 35.64
C LEU A 306 -18.69 4.95 35.10
N GLN A 307 -19.52 5.61 35.91
CA GLN A 307 -20.17 6.84 35.45
C GLN A 307 -19.11 7.91 35.18
N ALA A 308 -18.11 8.02 36.06
CA ALA A 308 -17.06 9.03 35.90
C ALA A 308 -16.30 8.78 34.60
N CYS A 309 -16.00 7.50 34.31
CA CYS A 309 -15.29 7.14 33.08
C CYS A 309 -16.12 7.48 31.85
N PHE A 310 -17.42 7.24 31.94
CA PHE A 310 -18.36 7.52 30.85
C PHE A 310 -18.41 9.03 30.55
N GLU A 311 -18.56 9.83 31.60
CA GLU A 311 -18.55 11.30 31.43
C GLU A 311 -17.23 11.82 30.84
N ALA A 312 -16.09 11.32 31.36
CA ALA A 312 -14.76 11.68 30.84
C ALA A 312 -14.59 11.28 29.38
N ALA A 313 -15.08 10.09 29.02
CA ALA A 313 -15.01 9.64 27.64
C ALA A 313 -15.82 10.57 26.72
N ASN A 314 -17.02 10.97 27.15
CA ASN A 314 -17.85 11.86 26.31
C ASN A 314 -17.18 13.20 26.07
N GLU A 315 -16.45 13.68 27.07
CA GLU A 315 -15.70 14.92 26.97
C GLU A 315 -14.60 14.76 25.91
N VAL A 316 -13.87 13.64 25.94
CA VAL A 316 -12.87 13.34 24.93
C VAL A 316 -13.49 13.27 23.51
N TYR A 317 -14.61 12.56 23.37
CA TYR A 317 -15.30 12.46 22.08
C TYR A 317 -15.71 13.82 21.53
N ALA A 318 -16.27 14.66 22.40
CA ALA A 318 -16.71 16.01 22.02
C ALA A 318 -15.54 16.81 21.46
N GLU A 319 -14.35 16.71 22.07
CA GLU A 319 -13.16 17.34 21.52
C GLU A 319 -12.80 16.81 20.13
N MSE A 320 -12.75 15.49 19.98
CA MSE A 320 -12.38 14.89 18.70
C MSE A 320 -13.38 15.19 17.59
O MSE A 320 -13.00 15.44 16.46
CB MSE A 320 -12.21 13.38 18.85
CG MSE A 320 -10.98 13.02 19.66
SE MSE A 320 -10.97 11.11 20.06
CE MSE A 320 -9.19 11.03 20.91
N GLU A 321 -14.67 15.18 17.92
CA GLU A 321 -15.71 15.43 16.92
C GLU A 321 -15.62 16.85 16.37
N ALA A 322 -15.31 17.79 17.26
CA ALA A 322 -15.23 19.22 16.88
C ALA A 322 -14.05 19.51 15.94
N SER A 323 -13.01 18.69 16.01
CA SER A 323 -11.78 18.92 15.27
C SER A 323 -11.54 17.96 14.11
N ASN A 324 -12.33 16.89 14.03
CA ASN A 324 -12.03 15.79 13.12
C ASN A 324 -13.31 15.28 12.42
N PRO A 325 -13.65 15.83 11.23
CA PRO A 325 -14.87 15.44 10.50
C PRO A 325 -15.00 13.93 10.23
N ALA A 326 -13.88 13.28 9.95
CA ALA A 326 -13.86 11.85 9.64
C ALA A 326 -14.29 11.05 10.86
N PHE A 327 -13.76 11.44 12.01
CA PHE A 327 -14.07 10.83 13.29
C PHE A 327 -15.54 11.07 13.61
N LYS A 328 -15.99 12.32 13.44
CA LYS A 328 -17.39 12.65 13.71
C LYS A 328 -18.34 11.81 12.86
N LYS A 329 -18.02 11.64 11.58
CA LYS A 329 -18.93 10.93 10.69
C LYS A 329 -19.13 9.48 11.16
N ILE A 330 -18.03 8.81 11.49
CA ILE A 330 -18.15 7.39 11.86
C ILE A 330 -18.76 7.23 13.25
N TRP A 331 -18.29 8.04 14.19
CA TRP A 331 -18.80 7.98 15.57
C TRP A 331 -20.29 8.29 15.63
N ASP A 332 -20.73 9.33 14.90
CA ASP A 332 -22.16 9.60 14.82
C ASP A 332 -22.96 8.42 14.30
N SER A 333 -22.40 7.70 13.32
CA SER A 333 -23.07 6.52 12.76
C SER A 333 -23.17 5.41 13.81
N ILE A 334 -22.07 5.14 14.50
CA ILE A 334 -22.09 4.16 15.61
C ILE A 334 -23.10 4.56 16.69
N LYS A 335 -23.07 5.84 17.10
CA LYS A 335 -23.96 6.29 18.16
C LYS A 335 -25.44 6.20 17.77
N ALA A 336 -25.74 6.45 16.49
CA ALA A 336 -27.10 6.35 15.99
C ALA A 336 -27.65 4.95 16.24
N PHE A 337 -26.83 3.95 15.98
CA PHE A 337 -27.26 2.56 16.21
C PHE A 337 -27.16 2.16 17.69
N ARG A 338 -26.14 2.68 18.38
CA ARG A 338 -25.89 2.32 19.77
C ARG A 338 -27.15 2.47 20.64
N SER A 339 -27.83 3.61 20.52
CA SER A 339 -29.03 3.84 21.32
C SER A 339 -30.21 2.91 20.95
N GLU A 340 -30.38 2.64 19.65
CA GLU A 340 -31.37 1.67 19.16
C GLU A 340 -31.07 0.25 19.66
N HIS A 341 -29.82 -0.16 19.53
CA HIS A 341 -29.39 -1.46 19.98
C HIS A 341 -29.67 -1.69 21.47
N TYR A 342 -29.24 -0.73 22.30
CA TYR A 342 -29.43 -0.87 23.72
C TYR A 342 -30.90 -0.70 24.19
N THR A 343 -31.75 -0.16 23.33
CA THR A 343 -33.20 -0.24 23.53
C THR A 343 -33.71 -1.68 23.29
N TRP A 344 -33.34 -2.26 22.15
CA TRP A 344 -33.86 -3.58 21.77
C TRP A 344 -33.26 -4.72 22.59
N ALA A 345 -31.93 -4.67 22.77
CA ALA A 345 -31.23 -5.75 23.51
C ALA A 345 -31.77 -5.93 24.93
N GLN A 346 -32.36 -4.89 25.50
CA GLN A 346 -32.85 -5.02 26.86
C GLN A 346 -34.20 -5.74 26.98
N ILE A 347 -34.78 -6.09 25.82
CA ILE A 347 -36.10 -6.72 25.78
C ILE A 347 -35.93 -8.24 25.79
N ALA A 348 -35.93 -8.87 24.62
CA ALA A 348 -35.88 -10.33 24.57
C ALA A 348 -34.56 -10.85 25.06
N GLU A 349 -33.45 -10.32 24.53
CA GLU A 349 -32.13 -10.88 24.84
C GLU A 349 -31.82 -10.82 26.33
N TYR A 350 -31.96 -9.64 26.92
CA TYR A 350 -31.59 -9.41 28.34
C TYR A 350 -32.49 -10.17 29.29
N ASN A 351 -33.78 -10.17 29.00
CA ASN A 351 -34.73 -10.87 29.87
C ASN A 351 -34.46 -12.37 29.88
N TYR A 352 -34.26 -12.94 28.69
CA TYR A 352 -33.93 -14.35 28.61
C TYR A 352 -32.63 -14.69 29.33
N ASP A 353 -31.54 -14.01 28.98
CA ASP A 353 -30.25 -14.31 29.58
C ASP A 353 -30.26 -14.09 31.08
N THR A 354 -30.89 -13.00 31.55
CA THR A 354 -30.89 -12.74 33.00
C THR A 354 -31.67 -13.81 33.78
N PHE A 355 -32.78 -14.28 33.20
CA PHE A 355 -33.48 -15.41 33.79
C PHE A 355 -32.55 -16.64 33.92
N MSE A 356 -31.80 -16.96 32.85
CA MSE A 356 -30.85 -18.10 32.93
C MSE A 356 -29.78 -17.91 34.00
O MSE A 356 -29.43 -18.85 34.71
CB MSE A 356 -30.21 -18.39 31.58
CG MSE A 356 -31.21 -18.67 30.48
SE MSE A 356 -32.32 -20.26 30.87
CE MSE A 356 -30.84 -21.61 30.75
N MSE A 357 -29.26 -16.69 34.10
CA MSE A 357 -28.26 -16.35 35.13
C MSE A 357 -28.80 -16.53 36.55
O MSE A 357 -28.13 -17.11 37.41
CB MSE A 357 -27.77 -14.93 34.91
CG MSE A 357 -26.94 -14.75 33.64
SE MSE A 357 -26.70 -12.84 33.26
CE MSE A 357 -26.00 -13.04 31.40
N VAL A 358 -30.03 -16.06 36.78
CA VAL A 358 -30.69 -16.28 38.07
C VAL A 358 -30.78 -17.78 38.38
N GLN A 359 -31.24 -18.56 37.41
CA GLN A 359 -31.31 -20.03 37.59
C GLN A 359 -29.94 -20.62 37.90
N GLN A 360 -28.90 -20.16 37.18
CA GLN A 360 -27.55 -20.67 37.45
C GLN A 360 -27.18 -20.40 38.91
N ASN A 361 -27.42 -19.16 39.34
CA ASN A 361 -27.05 -18.74 40.70
C ASN A 361 -27.81 -19.48 41.77
N ALA A 362 -29.00 -19.96 41.41
CA ALA A 362 -29.87 -20.74 42.32
C ALA A 362 -29.51 -22.24 42.31
N GLY A 363 -28.48 -22.60 41.54
CA GLY A 363 -28.10 -23.99 41.35
C GLY A 363 -29.11 -24.82 40.57
N LYS A 364 -29.96 -24.15 39.80
CA LYS A 364 -31.05 -24.82 39.11
C LYS A 364 -30.73 -25.27 37.69
N LEU A 365 -29.51 -24.98 37.21
CA LEU A 365 -29.14 -25.42 35.86
C LEU A 365 -28.38 -26.72 35.88
N PRO B 30 -14.64 -27.10 -9.87
CA PRO B 30 -15.41 -28.01 -10.73
C PRO B 30 -16.89 -27.67 -10.72
N LYS B 31 -17.63 -28.11 -11.73
CA LYS B 31 -19.04 -27.79 -11.83
C LYS B 31 -19.90 -28.73 -10.98
N VAL B 32 -20.61 -28.14 -10.02
CA VAL B 32 -21.54 -28.85 -9.17
C VAL B 32 -22.86 -28.13 -9.29
N THR B 33 -23.94 -28.88 -9.52
CA THR B 33 -25.23 -28.25 -9.69
C THR B 33 -26.23 -28.94 -8.77
N TRP B 34 -26.62 -28.25 -7.70
CA TRP B 34 -27.51 -28.81 -6.65
C TRP B 34 -28.79 -28.01 -6.52
N ARG B 35 -29.78 -28.63 -5.88
CA ARG B 35 -31.04 -27.96 -5.47
C ARG B 35 -31.15 -27.93 -3.96
N LEU B 36 -31.62 -26.81 -3.44
CA LEU B 36 -31.86 -26.64 -2.01
C LEU B 36 -33.34 -26.37 -1.84
N ALA B 37 -33.97 -27.19 -1.00
CA ALA B 37 -35.38 -27.04 -0.65
C ALA B 37 -35.43 -26.28 0.67
N SER B 38 -35.97 -25.08 0.67
CA SER B 38 -36.12 -24.32 1.93
C SER B 38 -37.37 -24.75 2.68
N SER B 39 -37.30 -24.78 4.02
CA SER B 39 -38.56 -24.94 4.81
C SER B 39 -39.38 -23.65 4.85
N PHE B 40 -38.85 -22.56 4.29
CA PHE B 40 -39.38 -21.21 4.54
C PHE B 40 -39.95 -20.53 3.31
N PRO B 41 -41.01 -19.72 3.51
CA PRO B 41 -41.58 -18.93 2.43
C PRO B 41 -40.70 -17.71 2.22
N LYS B 42 -40.74 -17.11 1.03
CA LYS B 42 -39.88 -15.96 0.76
C LYS B 42 -40.29 -14.76 1.61
N SER B 43 -41.52 -14.76 2.12
CA SER B 43 -41.99 -13.63 2.94
C SER B 43 -41.27 -13.56 4.30
N LEU B 44 -40.67 -14.68 4.73
CA LEU B 44 -39.78 -14.70 5.90
C LEU B 44 -38.39 -14.36 5.37
N ASP B 45 -38.19 -13.12 4.95
CA ASP B 45 -37.06 -12.81 4.08
C ASP B 45 -35.69 -13.02 4.71
N THR B 46 -35.58 -12.82 6.02
CA THR B 46 -34.27 -12.89 6.65
C THR B 46 -33.85 -14.36 6.83
N ILE B 47 -34.83 -15.20 7.14
CA ILE B 47 -34.56 -16.62 7.41
C ILE B 47 -34.43 -17.31 6.07
N PHE B 48 -35.44 -17.14 5.20
CA PHE B 48 -35.33 -17.69 3.84
C PHE B 48 -34.04 -17.21 3.16
N GLY B 49 -33.73 -15.93 3.36
CA GLY B 49 -32.56 -15.28 2.76
C GLY B 49 -31.24 -15.93 3.07
N GLY B 50 -31.13 -16.63 4.19
CA GLY B 50 -29.85 -17.33 4.51
C GLY B 50 -29.40 -18.31 3.44
N ALA B 51 -30.35 -19.00 2.80
CA ALA B 51 -30.00 -19.94 1.74
C ALA B 51 -29.52 -19.13 0.51
N GLU B 52 -30.14 -17.98 0.24
CA GLU B 52 -29.70 -17.13 -0.87
C GLU B 52 -28.26 -16.64 -0.63
N VAL B 53 -27.97 -16.33 0.62
CA VAL B 53 -26.66 -15.81 0.98
C VAL B 53 -25.62 -16.91 0.78
N LEU B 54 -25.92 -18.10 1.26
CA LEU B 54 -25.05 -19.26 1.06
C LEU B 54 -24.81 -19.51 -0.44
N SER B 55 -25.90 -19.49 -1.22
CA SER B 55 -25.82 -19.77 -2.66
C SER B 55 -24.89 -18.74 -3.34
N LYS B 56 -25.09 -17.46 -3.02
CA LYS B 56 -24.28 -16.36 -3.57
C LYS B 56 -22.80 -16.51 -3.17
N MSE B 57 -22.55 -16.83 -1.90
CA MSE B 57 -21.19 -17.01 -1.42
C MSE B 57 -20.47 -18.08 -2.20
O MSE B 57 -19.35 -17.88 -2.65
CB MSE B 57 -21.21 -17.37 0.07
CG MSE B 57 -21.42 -16.16 0.94
SE MSE B 57 -21.62 -16.79 2.79
CE MSE B 57 -21.65 -15.06 3.73
N LEU B 58 -21.13 -19.21 -2.41
CA LEU B 58 -20.53 -20.35 -3.10
C LEU B 58 -20.30 -20.08 -4.59
N SER B 59 -21.32 -19.52 -5.25
CA SER B 59 -21.21 -19.19 -6.68
CA SER B 59 -21.16 -19.24 -6.67
C SER B 59 -20.06 -18.20 -6.90
N GLU B 60 -20.06 -17.12 -6.11
CA GLU B 60 -19.06 -16.07 -6.29
C GLU B 60 -17.63 -16.57 -6.04
N ALA B 61 -17.46 -17.41 -5.01
CA ALA B 61 -16.14 -17.95 -4.64
C ALA B 61 -15.60 -18.98 -5.64
N THR B 62 -16.43 -19.38 -6.61
CA THR B 62 -16.06 -20.43 -7.57
C THR B 62 -16.29 -20.02 -9.01
N ASP B 63 -16.40 -18.71 -9.24
CA ASP B 63 -16.69 -18.15 -10.56
C ASP B 63 -17.90 -18.85 -11.22
N GLY B 64 -18.92 -19.14 -10.41
CA GLY B 64 -20.17 -19.73 -10.90
C GLY B 64 -20.22 -21.24 -10.93
N ASN B 65 -19.11 -21.91 -10.61
CA ASN B 65 -19.02 -23.37 -10.77
C ASN B 65 -19.80 -24.20 -9.72
N PHE B 66 -19.77 -23.77 -8.46
CA PHE B 66 -20.52 -24.42 -7.39
C PHE B 66 -21.88 -23.75 -7.31
N GLN B 67 -22.89 -24.38 -7.92
CA GLN B 67 -24.22 -23.82 -8.03
C GLN B 67 -25.20 -24.56 -7.12
N ILE B 68 -25.82 -23.83 -6.19
CA ILE B 68 -26.93 -24.37 -5.43
C ILE B 68 -28.14 -23.50 -5.70
N GLN B 69 -29.12 -24.05 -6.40
CA GLN B 69 -30.34 -23.31 -6.73
C GLN B 69 -31.30 -23.41 -5.56
N VAL B 70 -31.66 -22.26 -5.03
CA VAL B 70 -32.57 -22.20 -3.87
C VAL B 70 -34.02 -22.19 -4.33
N PHE B 71 -34.84 -23.00 -3.67
CA PHE B 71 -36.29 -22.97 -3.84
C PHE B 71 -36.96 -22.74 -2.49
N SER B 72 -38.03 -21.95 -2.48
CA SER B 72 -38.73 -21.65 -1.24
C SER B 72 -39.75 -22.74 -0.90
N ALA B 73 -40.35 -22.64 0.29
CA ALA B 73 -41.22 -23.71 0.80
C ALA B 73 -42.34 -24.06 -0.20
N GLY B 74 -42.52 -25.35 -0.45
CA GLY B 74 -43.60 -25.83 -1.32
C GLY B 74 -43.25 -25.87 -2.80
N GLU B 75 -42.17 -25.18 -3.21
CA GLU B 75 -41.79 -25.15 -4.63
C GLU B 75 -41.35 -26.50 -5.18
N LEU B 76 -40.57 -27.23 -4.38
CA LEU B 76 -40.13 -28.57 -4.69
C LEU B 76 -40.90 -29.58 -3.83
N VAL B 77 -40.90 -29.35 -2.52
CA VAL B 77 -41.58 -30.20 -1.55
C VAL B 77 -42.15 -29.29 -0.44
N PRO B 78 -43.15 -29.78 0.31
CA PRO B 78 -43.66 -28.98 1.43
C PRO B 78 -42.54 -28.61 2.41
N GLY B 79 -42.65 -27.42 3.01
CA GLY B 79 -41.58 -26.89 3.89
C GLY B 79 -41.23 -27.83 5.04
N LEU B 80 -42.24 -28.42 5.65
CA LEU B 80 -42.02 -29.32 6.78
C LEU B 80 -41.46 -30.68 6.38
N GLN B 81 -41.28 -30.91 5.08
CA GLN B 81 -40.74 -32.18 4.61
C GLN B 81 -39.38 -32.00 3.94
N ALA B 82 -38.79 -30.82 4.11
CA ALA B 82 -37.52 -30.50 3.47
C ALA B 82 -36.41 -31.49 3.83
N ALA B 83 -36.25 -31.77 5.13
CA ALA B 83 -35.23 -32.74 5.55
C ALA B 83 -35.50 -34.17 5.02
N ASP B 84 -36.77 -34.57 4.98
CA ASP B 84 -37.15 -35.87 4.40
C ASP B 84 -36.66 -36.01 2.95
N ALA B 85 -36.86 -34.95 2.16
CA ALA B 85 -36.38 -34.87 0.77
C ALA B 85 -34.86 -35.05 0.68
N VAL B 86 -34.14 -34.46 1.63
CA VAL B 86 -32.69 -34.60 1.68
C VAL B 86 -32.29 -36.05 1.98
N THR B 87 -32.91 -36.63 3.02
CA THR B 87 -32.61 -38.00 3.43
C THR B 87 -32.81 -38.95 2.26
N GLU B 88 -33.89 -38.72 1.53
CA GLU B 88 -34.29 -39.62 0.42
C GLU B 88 -33.49 -39.35 -0.86
N GLY B 89 -32.70 -38.27 -0.90
CA GLY B 89 -31.93 -37.92 -2.09
C GLY B 89 -32.72 -37.23 -3.20
N THR B 90 -33.96 -36.84 -2.90
CA THR B 90 -34.80 -36.01 -3.80
C THR B 90 -34.13 -34.66 -4.13
N VAL B 91 -33.52 -34.04 -3.13
CA VAL B 91 -32.76 -32.81 -3.31
C VAL B 91 -31.44 -33.02 -2.56
N GLU B 92 -30.41 -32.25 -2.90
CA GLU B 92 -29.11 -32.43 -2.27
C GLU B 92 -29.04 -31.79 -0.89
N CYS B 93 -29.89 -30.78 -0.68
CA CYS B 93 -29.81 -30.06 0.60
C CYS B 93 -31.07 -29.30 0.93
N CYS B 94 -31.17 -28.83 2.17
CA CYS B 94 -32.28 -28.00 2.59
C CYS B 94 -31.77 -26.97 3.60
N HIS B 95 -32.63 -25.98 3.89
CA HIS B 95 -32.37 -24.99 4.93
C HIS B 95 -33.64 -25.11 5.80
N THR B 96 -33.47 -25.45 7.08
CA THR B 96 -34.63 -25.84 7.89
C THR B 96 -34.32 -25.58 9.37
N VAL B 97 -35.30 -25.84 10.24
CA VAL B 97 -35.03 -25.86 11.69
C VAL B 97 -35.21 -27.28 12.22
N GLY B 98 -34.20 -27.76 12.93
CA GLY B 98 -34.16 -29.16 13.40
C GLY B 98 -35.38 -29.55 14.20
N TYR B 99 -35.96 -28.60 14.93
CA TYR B 99 -37.10 -28.91 15.78
C TYR B 99 -38.38 -29.26 15.03
N TYR B 100 -38.43 -28.95 13.72
CA TYR B 100 -39.55 -29.41 12.88
C TYR B 100 -39.69 -30.92 12.87
N TYR B 101 -38.62 -31.64 13.19
CA TYR B 101 -38.58 -33.11 13.12
C TYR B 101 -38.55 -33.78 14.50
N TRP B 102 -38.88 -33.01 15.53
CA TRP B 102 -38.86 -33.49 16.91
C TRP B 102 -39.82 -34.67 17.15
N GLY B 103 -40.88 -34.74 16.33
CA GLY B 103 -41.83 -35.86 16.38
C GLY B 103 -41.21 -37.18 16.02
N LYS B 104 -40.31 -37.18 15.04
CA LYS B 104 -39.52 -38.36 14.70
C LYS B 104 -38.59 -38.75 15.85
N ASP B 105 -37.97 -37.75 16.47
CA ASP B 105 -36.99 -37.96 17.53
C ASP B 105 -36.70 -36.58 18.13
N PRO B 106 -36.96 -36.37 19.44
CA PRO B 106 -36.71 -35.03 20.02
C PRO B 106 -35.25 -34.58 19.91
N THR B 107 -34.34 -35.53 19.67
CA THR B 107 -32.91 -35.22 19.46
C THR B 107 -32.68 -34.23 18.31
N PHE B 108 -33.52 -34.32 17.27
CA PHE B 108 -33.43 -33.36 16.16
C PHE B 108 -33.50 -31.91 16.64
N ALA B 109 -34.27 -31.66 17.71
CA ALA B 109 -34.49 -30.30 18.21
C ALA B 109 -33.26 -29.71 18.91
N LEU B 110 -32.37 -30.55 19.45
CA LEU B 110 -31.40 -30.07 20.45
C LEU B 110 -30.40 -29.03 19.92
N ALA B 111 -29.89 -29.26 18.70
CA ALA B 111 -28.94 -28.37 18.07
C ALA B 111 -29.62 -27.18 17.38
N ALA B 112 -30.95 -27.20 17.33
CA ALA B 112 -31.71 -26.09 16.74
C ALA B 112 -32.12 -25.19 17.88
N ALA B 113 -33.17 -25.58 18.60
CA ALA B 113 -33.49 -24.95 19.87
C ALA B 113 -34.46 -25.83 20.65
N VAL B 114 -34.20 -25.92 21.95
CA VAL B 114 -35.18 -26.44 22.90
C VAL B 114 -35.36 -25.39 24.03
N PRO B 115 -36.51 -25.41 24.71
CA PRO B 115 -36.73 -24.41 25.79
C PRO B 115 -35.61 -24.29 26.82
N PHE B 116 -35.26 -23.05 27.14
CA PHE B 116 -34.27 -22.78 28.20
C PHE B 116 -32.90 -23.38 27.88
N SER B 117 -32.52 -23.28 26.61
CA SER B 117 -31.16 -23.65 26.19
C SER B 117 -30.30 -22.40 26.14
N LEU B 118 -29.21 -22.44 25.38
CA LEU B 118 -28.29 -21.30 25.29
C LEU B 118 -28.78 -20.22 24.31
N SER B 119 -28.42 -18.98 24.55
CA SER B 119 -28.69 -17.95 23.54
C SER B 119 -27.63 -18.05 22.43
N ALA B 120 -27.66 -17.12 21.49
CA ALA B 120 -26.94 -17.31 20.22
C ALA B 120 -25.43 -17.47 20.41
N ARG B 121 -24.77 -16.56 21.13
CA ARG B 121 -23.31 -16.70 21.30
C ARG B 121 -22.96 -17.99 22.03
N GLY B 122 -23.76 -18.36 23.04
CA GLY B 122 -23.46 -19.59 23.80
C GLY B 122 -23.61 -20.84 22.93
N ILE B 123 -24.72 -20.93 22.20
CA ILE B 123 -24.92 -22.12 21.36
C ILE B 123 -23.84 -22.21 20.27
N ASN B 124 -23.47 -21.06 19.70
CA ASN B 124 -22.41 -21.02 18.66
C ASN B 124 -21.05 -21.45 19.20
N ALA B 125 -20.72 -21.06 20.44
CA ALA B 125 -19.49 -21.54 21.06
C ALA B 125 -19.52 -23.06 21.09
N TRP B 126 -20.63 -23.64 21.55
CA TRP B 126 -20.76 -25.09 21.64
C TRP B 126 -20.70 -25.75 20.24
N HIS B 127 -21.47 -25.21 19.30
CA HIS B 127 -21.44 -25.71 17.91
C HIS B 127 -20.00 -25.83 17.35
N TYR B 128 -19.28 -24.72 17.38
CA TYR B 128 -18.07 -24.59 16.61
C TYR B 128 -16.81 -25.05 17.35
N HIS B 129 -16.86 -24.95 18.69
CA HIS B 129 -15.67 -25.23 19.51
C HIS B 129 -15.89 -26.19 20.66
N GLY B 130 -17.15 -26.54 20.89
CA GLY B 130 -17.52 -27.47 21.95
C GLY B 130 -17.84 -28.86 21.45
N GLY B 131 -17.55 -29.12 20.17
CA GLY B 131 -17.87 -30.42 19.56
C GLY B 131 -19.32 -30.62 19.18
N GLY B 132 -20.13 -29.57 19.24
CA GLY B 132 -21.57 -29.70 18.98
C GLY B 132 -21.90 -30.06 17.52
N ILE B 133 -21.18 -29.47 16.58
CA ILE B 133 -21.43 -29.83 15.15
C ILE B 133 -21.19 -31.34 14.93
N ASP B 134 -20.08 -31.86 15.45
CA ASP B 134 -19.78 -33.30 15.34
C ASP B 134 -20.82 -34.16 16.07
N LEU B 135 -21.22 -33.75 17.28
CA LEU B 135 -22.22 -34.52 18.04
C LEU B 135 -23.52 -34.63 17.24
N TYR B 136 -23.99 -33.49 16.73
CA TYR B 136 -25.23 -33.48 15.95
C TYR B 136 -25.06 -34.34 14.69
N ASN B 137 -23.90 -34.25 14.04
CA ASN B 137 -23.67 -35.07 12.84
C ASN B 137 -23.54 -36.56 13.13
N GLU B 138 -23.05 -36.89 14.31
CA GLU B 138 -23.02 -38.31 14.73
C GLU B 138 -24.44 -38.85 14.81
N PHE B 139 -25.36 -38.05 15.31
CA PHE B 139 -26.76 -38.42 15.37
C PHE B 139 -27.39 -38.46 13.97
N LEU B 140 -27.05 -37.48 13.13
CA LEU B 140 -27.72 -37.35 11.83
C LEU B 140 -27.26 -38.36 10.77
N SER B 141 -26.13 -39.02 11.03
CA SER B 141 -25.51 -39.95 10.05
C SER B 141 -26.51 -41.02 9.61
N GLN B 142 -27.17 -41.63 10.60
CA GLN B 142 -28.21 -42.66 10.34
C GLN B 142 -29.37 -42.13 9.51
N HIS B 143 -29.54 -40.81 9.49
CA HIS B 143 -30.61 -40.17 8.70
C HIS B 143 -30.09 -39.62 7.37
N ASN B 144 -28.86 -40.03 7.00
CA ASN B 144 -28.27 -39.70 5.70
C ASN B 144 -28.07 -38.20 5.50
N ILE B 145 -27.71 -37.51 6.58
CA ILE B 145 -27.58 -36.05 6.54
C ILE B 145 -26.27 -35.64 7.22
N VAL B 146 -25.61 -34.65 6.63
CA VAL B 146 -24.52 -33.92 7.26
C VAL B 146 -25.00 -32.46 7.34
N ALA B 147 -24.99 -31.90 8.54
CA ALA B 147 -25.55 -30.55 8.73
C ALA B 147 -24.53 -29.58 9.33
N PHE B 148 -24.72 -28.30 9.01
CA PHE B 148 -23.93 -27.21 9.59
C PHE B 148 -24.86 -26.04 9.88
N PRO B 149 -24.58 -25.29 10.95
CA PRO B 149 -25.39 -24.11 11.27
C PRO B 149 -25.50 -23.18 10.06
N GLY B 150 -26.69 -22.62 9.89
CA GLY B 150 -27.01 -21.79 8.75
C GLY B 150 -27.82 -20.56 9.13
N GLY B 151 -27.60 -20.07 10.35
CA GLY B 151 -28.26 -18.85 10.81
C GLY B 151 -28.71 -18.98 12.26
N ASN B 152 -28.91 -17.84 12.89
CA ASN B 152 -29.51 -17.78 14.22
C ASN B 152 -30.39 -16.54 14.23
N THR B 153 -31.56 -16.65 14.86
CA THR B 153 -32.49 -15.53 14.90
C THR B 153 -32.32 -14.72 16.18
N GLY B 154 -31.52 -15.23 17.11
CA GLY B 154 -31.44 -14.65 18.46
C GLY B 154 -32.73 -14.97 19.20
N VAL B 155 -32.87 -14.43 20.42
CA VAL B 155 -34.04 -14.78 21.25
C VAL B 155 -35.29 -14.32 20.53
N GLN B 156 -36.25 -15.22 20.38
CA GLN B 156 -37.51 -14.83 19.74
C GLN B 156 -38.46 -14.17 20.75
N MSE B 157 -39.48 -13.49 20.24
CA MSE B 157 -40.47 -12.87 21.15
C MSE B 157 -41.46 -13.92 21.68
O MSE B 157 -41.53 -15.04 21.17
CB MSE B 157 -41.21 -11.74 20.41
CG MSE B 157 -40.31 -10.54 20.10
SE MSE B 157 -39.69 -9.64 21.75
CE MSE B 157 -41.40 -8.67 22.20
N GLY B 158 -42.24 -13.55 22.69
CA GLY B 158 -43.17 -14.47 23.33
C GLY B 158 -44.55 -14.52 22.70
N GLY B 159 -44.78 -13.74 21.64
CA GLY B 159 -46.05 -13.79 20.92
C GLY B 159 -47.04 -12.64 21.15
N TRP B 160 -48.14 -12.69 20.40
CA TRP B 160 -49.16 -11.63 20.38
C TRP B 160 -50.42 -12.10 21.10
N PHE B 161 -50.85 -11.32 22.09
CA PHE B 161 -51.93 -11.71 23.00
C PHE B 161 -53.08 -10.70 22.94
N ARG B 162 -54.31 -11.19 22.93
CA ARG B 162 -55.49 -10.33 22.92
C ARG B 162 -55.70 -9.70 24.28
N ARG B 163 -55.40 -10.47 25.34
CA ARG B 163 -55.55 -10.05 26.73
C ARG B 163 -54.27 -10.36 27.51
N GLU B 164 -53.99 -9.56 28.53
CA GLU B 164 -52.80 -9.80 29.34
C GLU B 164 -52.84 -11.11 30.12
N ILE B 165 -51.67 -11.69 30.30
CA ILE B 165 -51.47 -12.76 31.28
C ILE B 165 -50.40 -12.34 32.28
N ASN B 166 -50.71 -12.50 33.56
CA ASN B 166 -49.85 -12.04 34.63
C ASN B 166 -49.43 -13.16 35.55
N THR B 167 -50.32 -14.13 35.75
CA THR B 167 -50.07 -15.23 36.68
C THR B 167 -50.13 -16.56 35.94
N VAL B 168 -49.62 -17.60 36.60
CA VAL B 168 -49.75 -18.97 36.05
C VAL B 168 -51.24 -19.29 35.81
N ALA B 169 -52.09 -18.93 36.77
CA ALA B 169 -53.53 -19.19 36.67
C ALA B 169 -54.16 -18.54 35.43
N ASP B 170 -53.64 -17.37 35.01
CA ASP B 170 -54.09 -16.72 33.77
C ASP B 170 -53.92 -17.57 32.50
N MSE B 171 -53.07 -18.60 32.57
CA MSE B 171 -52.75 -19.46 31.41
C MSE B 171 -53.78 -20.59 31.24
O MSE B 171 -53.79 -21.27 30.22
CB MSE B 171 -51.34 -20.07 31.59
CG MSE B 171 -50.21 -19.03 31.69
SE MSE B 171 -48.50 -19.94 32.05
CE MSE B 171 -48.14 -19.49 33.81
N GLN B 172 -54.61 -20.79 32.26
CA GLN B 172 -55.60 -21.88 32.23
C GLN B 172 -56.52 -21.78 31.02
N GLY B 173 -56.48 -22.80 30.15
CA GLY B 173 -57.34 -22.87 28.96
C GLY B 173 -56.95 -21.90 27.84
N LEU B 174 -55.75 -21.33 27.93
CA LEU B 174 -55.25 -20.42 26.88
C LEU B 174 -55.20 -21.15 25.54
N LYS B 175 -55.79 -20.54 24.52
CA LYS B 175 -55.72 -21.09 23.18
C LYS B 175 -54.64 -20.35 22.43
N MSE B 176 -53.48 -20.98 22.29
CA MSE B 176 -52.34 -20.31 21.66
C MSE B 176 -51.88 -21.05 20.42
O MSE B 176 -51.69 -22.26 20.47
CB MSE B 176 -51.16 -20.14 22.64
CG MSE B 176 -50.04 -19.27 22.05
SE MSE B 176 -48.64 -19.06 23.36
CE MSE B 176 -47.52 -17.70 22.34
N ARG B 177 -51.71 -20.32 19.32
CA ARG B 177 -51.09 -20.90 18.12
C ARG B 177 -49.60 -21.01 18.41
N VAL B 178 -49.16 -22.25 18.56
CA VAL B 178 -47.82 -22.61 18.98
C VAL B 178 -47.81 -24.14 18.80
N GLY B 179 -46.64 -24.72 18.65
CA GLY B 179 -46.53 -26.17 18.59
C GLY B 179 -45.19 -26.65 19.09
N GLY B 180 -44.81 -27.84 18.67
CA GLY B 180 -43.55 -28.46 19.05
C GLY B 180 -43.29 -28.50 20.54
N PHE B 181 -42.00 -28.39 20.87
CA PHE B 181 -41.54 -28.35 22.23
C PHE B 181 -42.20 -27.31 23.09
N ALA B 182 -42.31 -26.09 22.55
CA ALA B 182 -42.94 -25.01 23.29
C ALA B 182 -44.31 -25.47 23.73
N GLY B 183 -45.05 -26.08 22.82
CA GLY B 183 -46.42 -26.53 23.08
C GLY B 183 -46.48 -27.62 24.12
N LYS B 184 -45.54 -28.56 24.02
CA LYS B 184 -45.47 -29.67 24.96
C LYS B 184 -45.24 -29.17 26.36
N VAL B 185 -44.40 -28.14 26.50
CA VAL B 185 -44.11 -27.59 27.83
C VAL B 185 -45.34 -26.86 28.37
N MSE B 186 -45.97 -26.03 27.54
CA MSE B 186 -47.11 -25.24 27.97
C MSE B 186 -48.36 -26.08 28.24
O MSE B 186 -49.21 -25.70 29.06
CB MSE B 186 -47.40 -24.08 27.02
CG MSE B 186 -46.33 -23.02 27.13
SE MSE B 186 -46.88 -21.36 26.26
CE MSE B 186 -46.62 -21.97 24.57
N GLU B 187 -48.45 -27.24 27.62
CA GLU B 187 -49.55 -28.17 27.93
C GLU B 187 -49.57 -28.59 29.40
N ARG B 188 -48.40 -28.69 30.03
CA ARG B 188 -48.29 -28.96 31.47
C ARG B 188 -48.89 -27.86 32.33
N LEU B 189 -49.12 -26.70 31.73
CA LEU B 189 -49.66 -25.54 32.43
C LEU B 189 -51.07 -25.18 31.95
N GLY B 190 -51.72 -26.11 31.24
CA GLY B 190 -53.11 -25.96 30.84
C GLY B 190 -53.36 -25.11 29.60
N VAL B 191 -52.31 -24.78 28.85
CA VAL B 191 -52.57 -24.15 27.55
C VAL B 191 -52.83 -25.21 26.50
N VAL B 192 -53.75 -24.94 25.58
CA VAL B 192 -53.95 -25.86 24.47
C VAL B 192 -53.48 -25.27 23.14
N PRO B 193 -52.34 -25.79 22.66
CA PRO B 193 -51.79 -25.39 21.38
C PRO B 193 -52.86 -25.54 20.29
N GLN B 194 -52.90 -24.56 19.39
CA GLN B 194 -53.80 -24.55 18.25
C GLN B 194 -53.02 -24.76 16.96
N GLN B 195 -53.57 -25.55 16.05
CA GLN B 195 -52.95 -25.75 14.73
C GLN B 195 -53.70 -24.90 13.70
N ILE B 196 -53.06 -23.83 13.24
CA ILE B 196 -53.69 -22.85 12.36
C ILE B 196 -52.71 -22.39 11.28
N ALA B 197 -53.16 -22.43 10.03
CA ALA B 197 -52.35 -21.95 8.91
C ALA B 197 -52.02 -20.48 9.12
N GLY B 198 -50.77 -20.11 8.81
CA GLY B 198 -50.30 -18.72 8.90
C GLY B 198 -51.29 -17.65 8.52
N GLY B 199 -51.95 -17.83 7.36
CA GLY B 199 -52.89 -16.82 6.84
C GLY B 199 -54.22 -16.77 7.55
N ASP B 200 -54.47 -17.76 8.43
CA ASP B 200 -55.73 -17.85 9.18
C ASP B 200 -55.64 -17.30 10.61
N ILE B 201 -54.43 -16.91 11.03
CA ILE B 201 -54.19 -16.46 12.41
C ILE B 201 -54.85 -15.11 12.69
N TYR B 202 -54.61 -14.14 11.80
CA TYR B 202 -55.14 -12.79 11.99
C TYR B 202 -56.67 -12.81 12.17
N PRO B 203 -57.42 -13.43 11.22
CA PRO B 203 -58.88 -13.47 11.41
C PRO B 203 -59.33 -14.21 12.67
N ALA B 204 -58.59 -15.26 13.07
CA ALA B 204 -58.87 -15.97 14.34
C ALA B 204 -58.68 -15.06 15.55
N LEU B 205 -57.59 -14.29 15.57
CA LEU B 205 -57.40 -13.30 16.63
C LEU B 205 -58.48 -12.23 16.58
N GLU B 206 -58.80 -11.77 15.38
CA GLU B 206 -59.79 -10.73 15.17
C GLU B 206 -61.17 -11.16 15.71
N LYS B 207 -61.51 -12.42 15.45
CA LYS B 207 -62.78 -13.02 15.91
C LYS B 207 -62.79 -13.48 17.37
N GLY B 208 -61.61 -13.63 17.97
CA GLY B 208 -61.49 -14.07 19.37
C GLY B 208 -61.55 -15.57 19.54
N THR B 209 -61.26 -16.27 18.45
CA THR B 209 -61.31 -17.73 18.35
C THR B 209 -60.05 -18.38 18.93
N ILE B 210 -58.96 -17.60 18.96
CA ILE B 210 -57.75 -17.97 19.69
C ILE B 210 -57.39 -16.77 20.54
N ASP B 211 -56.52 -16.99 21.53
CA ASP B 211 -56.15 -15.96 22.47
C ASP B 211 -54.79 -15.35 22.18
N ALA B 212 -53.92 -16.11 21.52
CA ALA B 212 -52.54 -15.67 21.33
C ALA B 212 -51.91 -16.43 20.19
N THR B 213 -50.83 -15.88 19.64
CA THR B 213 -50.06 -16.58 18.61
C THR B 213 -48.58 -16.29 18.76
N GLU B 214 -47.77 -17.32 18.48
CA GLU B 214 -46.34 -17.17 18.24
C GLU B 214 -46.15 -16.59 16.83
N TRP B 215 -45.03 -15.94 16.59
CA TRP B 215 -44.55 -15.80 15.23
C TRP B 215 -43.02 -15.84 15.28
N VAL B 216 -42.35 -14.70 15.19
CA VAL B 216 -40.88 -14.71 15.30
C VAL B 216 -40.35 -13.59 16.21
N GLY B 217 -40.25 -12.38 15.66
CA GLY B 217 -39.76 -11.22 16.40
C GLY B 217 -40.19 -9.97 15.68
N PRO B 218 -39.75 -8.81 16.17
CA PRO B 218 -40.28 -7.54 15.71
C PRO B 218 -40.19 -7.34 14.19
N TYR B 219 -39.04 -7.63 13.59
CA TYR B 219 -38.90 -7.40 12.15
C TYR B 219 -39.93 -8.18 11.32
N ASP B 220 -40.07 -9.49 11.57
CA ASP B 220 -41.02 -10.33 10.82
C ASP B 220 -42.47 -10.07 11.22
N ASP B 221 -42.70 -9.84 12.51
CA ASP B 221 -44.07 -9.78 13.04
C ASP B 221 -44.80 -8.54 12.60
N GLU B 222 -44.06 -7.46 12.40
CA GLU B 222 -44.68 -6.17 12.08
C GLU B 222 -45.51 -6.26 10.80
N LYS B 223 -45.01 -7.05 9.85
CA LYS B 223 -45.64 -7.20 8.54
C LYS B 223 -47.02 -7.84 8.62
N LEU B 224 -47.24 -8.67 9.64
CA LEU B 224 -48.50 -9.41 9.83
C LEU B 224 -49.61 -8.61 10.50
N GLY B 225 -49.27 -7.44 11.06
CA GLY B 225 -50.23 -6.54 11.69
C GLY B 225 -51.01 -7.11 12.88
N PHE B 226 -50.43 -8.09 13.57
CA PHE B 226 -51.07 -8.69 14.73
C PHE B 226 -51.37 -7.65 15.80
N PHE B 227 -50.56 -6.60 15.86
CA PHE B 227 -50.73 -5.55 16.87
C PHE B 227 -52.12 -4.89 16.82
N LYS B 228 -52.78 -5.00 15.67
CA LYS B 228 -54.11 -4.42 15.45
C LYS B 228 -55.24 -5.19 16.17
N VAL B 229 -55.01 -6.48 16.42
CA VAL B 229 -56.04 -7.37 16.95
C VAL B 229 -55.60 -8.13 18.19
N ALA B 230 -54.32 -7.97 18.55
CA ALA B 230 -53.73 -8.64 19.70
C ALA B 230 -52.55 -7.77 20.15
N PRO B 231 -52.83 -6.69 20.90
CA PRO B 231 -51.90 -5.59 21.16
C PRO B 231 -50.75 -5.87 22.12
N TYR B 232 -50.89 -6.91 22.93
CA TYR B 232 -49.89 -7.21 23.94
C TYR B 232 -48.85 -8.13 23.33
N TYR B 233 -47.60 -7.67 23.35
CA TYR B 233 -46.48 -8.37 22.72
C TYR B 233 -45.58 -8.81 23.85
N TYR B 234 -45.58 -10.13 24.10
CA TYR B 234 -44.88 -10.71 25.25
C TYR B 234 -43.43 -11.09 24.93
N TYR B 235 -42.63 -11.21 25.98
CA TYR B 235 -41.24 -11.59 25.85
C TYR B 235 -40.72 -12.10 27.21
N PRO B 236 -39.67 -12.95 27.19
CA PRO B 236 -39.01 -13.53 26.02
C PRO B 236 -39.70 -14.81 25.53
N GLY B 237 -39.47 -15.20 24.27
CA GLY B 237 -39.86 -16.50 23.77
C GLY B 237 -38.89 -17.52 24.30
N TRP B 238 -39.11 -17.98 25.54
CA TRP B 238 -38.19 -18.89 26.27
C TRP B 238 -38.00 -20.25 25.59
N TRP B 239 -38.86 -20.54 24.62
CA TRP B 239 -38.73 -21.79 23.89
C TRP B 239 -37.65 -21.71 22.83
N GLU B 240 -37.26 -20.49 22.46
CA GLU B 240 -36.25 -20.28 21.42
C GLU B 240 -35.29 -19.14 21.79
N GLY B 241 -34.38 -19.45 22.70
CA GLY B 241 -33.40 -18.48 23.16
C GLY B 241 -32.29 -18.17 22.15
N GLY B 242 -31.95 -19.12 21.29
CA GLY B 242 -30.91 -18.87 20.29
C GLY B 242 -31.02 -19.93 19.21
N PRO B 243 -32.12 -19.90 18.43
CA PRO B 243 -32.33 -21.02 17.54
C PRO B 243 -31.46 -20.97 16.28
N THR B 244 -30.81 -22.09 16.03
CA THR B 244 -29.99 -22.27 14.84
C THR B 244 -30.87 -22.84 13.72
N VAL B 245 -30.67 -22.30 12.52
CA VAL B 245 -31.38 -22.73 11.31
C VAL B 245 -30.37 -23.49 10.48
N HIS B 246 -30.44 -24.83 10.45
CA HIS B 246 -29.37 -25.60 9.81
C HIS B 246 -29.46 -25.67 8.28
N PHE B 247 -28.30 -25.69 7.62
CA PHE B 247 -28.20 -26.27 6.30
C PHE B 247 -27.99 -27.78 6.49
N MSE B 248 -28.81 -28.60 5.85
CA MSE B 248 -28.66 -30.05 5.95
C MSE B 248 -28.37 -30.58 4.56
O MSE B 248 -29.09 -30.24 3.63
CB MSE B 248 -29.94 -30.67 6.50
CG MSE B 248 -30.13 -30.33 7.97
SE MSE B 248 -31.63 -31.30 8.75
CE MSE B 248 -31.48 -30.67 10.68
N PHE B 249 -27.34 -31.41 4.45
CA PHE B 249 -26.87 -31.91 3.16
C PHE B 249 -27.01 -33.42 3.11
N ASN B 250 -27.46 -33.91 1.97
CA ASN B 250 -27.50 -35.35 1.77
C ASN B 250 -26.07 -35.86 1.97
N LYS B 251 -25.94 -36.92 2.76
CA LYS B 251 -24.63 -37.42 3.17
C LYS B 251 -23.82 -37.91 1.97
N SER B 252 -24.45 -38.63 1.06
CA SER B 252 -23.79 -39.06 -0.18
C SER B 252 -23.29 -37.86 -1.03
N ALA B 253 -24.15 -36.84 -1.16
CA ALA B 253 -23.83 -35.66 -1.94
C ALA B 253 -22.65 -34.91 -1.31
N TYR B 254 -22.69 -34.74 0.01
CA TYR B 254 -21.60 -34.06 0.70
C TYR B 254 -20.29 -34.83 0.55
N GLU B 255 -20.37 -36.13 0.80
CA GLU B 255 -19.16 -36.98 0.71
C GLU B 255 -18.56 -37.05 -0.71
N GLY B 256 -19.40 -36.81 -1.72
CA GLY B 256 -18.97 -36.84 -3.13
C GLY B 256 -18.25 -35.58 -3.58
N LEU B 257 -18.38 -34.52 -2.78
CA LEU B 257 -17.65 -33.27 -3.05
C LEU B 257 -16.15 -33.46 -2.88
N THR B 258 -15.37 -32.70 -3.63
CA THR B 258 -13.92 -32.63 -3.40
C THR B 258 -13.68 -32.05 -2.00
N PRO B 259 -12.55 -32.41 -1.35
CA PRO B 259 -12.15 -31.78 -0.07
C PRO B 259 -12.15 -30.25 -0.14
N THR B 260 -11.74 -29.70 -1.27
CA THR B 260 -11.79 -28.27 -1.50
C THR B 260 -13.22 -27.71 -1.34
N TYR B 261 -14.20 -28.35 -1.98
CA TYR B 261 -15.58 -27.87 -1.90
C TYR B 261 -16.22 -28.16 -0.55
N GLN B 262 -15.83 -29.25 0.09
CA GLN B 262 -16.30 -29.54 1.46
C GLN B 262 -15.83 -28.45 2.39
N SER B 263 -14.56 -28.07 2.29
CA SER B 263 -14.04 -26.98 3.12
C SER B 263 -14.73 -25.65 2.81
N LEU B 264 -14.86 -25.32 1.53
CA LEU B 264 -15.51 -24.07 1.15
C LEU B 264 -16.94 -24.05 1.67
N LEU B 265 -17.65 -25.18 1.51
CA LEU B 265 -19.04 -25.27 1.97
C LEU B 265 -19.13 -24.94 3.46
N ARG B 266 -18.27 -25.55 4.26
CA ARG B 266 -18.24 -25.29 5.73
C ARG B 266 -17.92 -23.81 6.03
N THR B 267 -16.93 -23.26 5.33
CA THR B 267 -16.59 -21.84 5.50
C THR B 267 -17.79 -20.94 5.19
N ALA B 268 -18.44 -21.19 4.06
CA ALA B 268 -19.58 -20.40 3.63
C ALA B 268 -20.76 -20.55 4.61
N CYS B 269 -21.04 -21.77 5.06
CA CYS B 269 -22.10 -21.95 6.08
C CYS B 269 -21.79 -21.10 7.34
N HIS B 270 -20.52 -21.13 7.75
CA HIS B 270 -20.09 -20.43 8.96
C HIS B 270 -20.34 -18.91 8.83
N ALA B 271 -20.00 -18.36 7.66
CA ALA B 271 -20.22 -16.95 7.37
C ALA B 271 -21.70 -16.62 7.26
N ALA B 272 -22.46 -17.49 6.57
CA ALA B 272 -23.89 -17.26 6.39
C ALA B 272 -24.60 -17.30 7.74
N ASP B 273 -24.14 -18.22 8.59
CA ASP B 273 -24.69 -18.38 9.96
C ASP B 273 -24.55 -17.08 10.76
N ALA B 274 -23.36 -16.48 10.72
CA ALA B 274 -23.13 -15.20 11.40
C ALA B 274 -24.01 -14.11 10.74
N ASN B 275 -24.05 -14.12 9.41
CA ASN B 275 -24.75 -13.09 8.64
C ASN B 275 -26.21 -12.92 9.07
N MSE B 276 -26.91 -14.03 9.26
CA MSE B 276 -28.35 -13.95 9.57
C MSE B 276 -28.54 -13.30 10.94
O MSE B 276 -29.36 -12.40 11.09
CB MSE B 276 -29.03 -15.31 9.56
CG MSE B 276 -30.52 -15.18 9.81
SE MSE B 276 -31.39 -16.90 10.11
CE MSE B 276 -31.05 -17.75 8.26
N LEU B 277 -27.73 -13.73 11.90
CA LEU B 277 -27.84 -13.16 13.26
C LEU B 277 -27.60 -11.67 13.20
N GLN B 278 -26.56 -11.28 12.47
CA GLN B 278 -26.20 -9.85 12.36
C GLN B 278 -27.28 -9.03 11.67
N LEU B 279 -27.97 -9.65 10.71
CA LEU B 279 -29.03 -8.94 10.00
C LEU B 279 -30.22 -8.68 10.94
N TYR B 280 -30.61 -9.70 11.70
CA TYR B 280 -31.64 -9.51 12.73
C TYR B 280 -31.22 -8.49 13.79
N ASP B 281 -29.97 -8.56 14.24
CA ASP B 281 -29.49 -7.60 15.23
C ASP B 281 -29.55 -6.18 14.68
N TRP B 282 -29.37 -6.02 13.35
CA TRP B 282 -29.47 -4.68 12.74
C TRP B 282 -30.94 -4.22 12.60
N LYS B 283 -31.81 -5.12 12.17
CA LYS B 283 -33.17 -4.76 11.73
C LYS B 283 -34.18 -4.69 12.88
N ASN B 284 -34.00 -5.57 13.87
CA ASN B 284 -34.96 -5.67 14.96
C ASN B 284 -35.13 -4.36 15.77
N PRO B 285 -34.04 -3.63 16.06
CA PRO B 285 -34.23 -2.39 16.83
C PRO B 285 -35.17 -1.36 16.16
N THR B 286 -35.06 -1.22 14.85
CA THR B 286 -35.93 -0.31 14.11
C THR B 286 -37.38 -0.81 14.14
N ALA B 287 -37.55 -2.11 13.93
CA ALA B 287 -38.89 -2.73 13.93
C ALA B 287 -39.58 -2.61 15.29
N ILE B 288 -38.88 -2.85 16.40
CA ILE B 288 -39.54 -2.75 17.72
C ILE B 288 -40.03 -1.32 17.99
N LYS B 289 -39.20 -0.36 17.60
CA LYS B 289 -39.56 1.05 17.74
C LYS B 289 -40.82 1.38 16.94
N SER B 290 -40.87 0.88 15.71
CA SER B 290 -42.00 1.09 14.83
C SER B 290 -43.27 0.47 15.40
N LEU B 291 -43.17 -0.76 15.91
CA LEU B 291 -44.31 -1.43 16.54
C LEU B 291 -44.86 -0.67 17.74
N VAL B 292 -43.97 -0.16 18.59
CA VAL B 292 -44.40 0.61 19.76
C VAL B 292 -45.06 1.92 19.32
N ALA B 293 -44.46 2.60 18.34
CA ALA B 293 -45.06 3.80 17.72
C ALA B 293 -46.48 3.57 17.16
N GLN B 294 -46.77 2.35 16.73
CA GLN B 294 -48.10 1.97 16.22
C GLN B 294 -49.06 1.46 17.30
N GLY B 295 -48.67 1.59 18.58
CA GLY B 295 -49.55 1.22 19.69
C GLY B 295 -49.33 -0.14 20.35
N THR B 296 -48.29 -0.87 19.93
CA THR B 296 -47.98 -2.18 20.55
C THR B 296 -47.67 -2.03 22.05
N GLN B 297 -48.22 -2.93 22.86
CA GLN B 297 -48.01 -2.94 24.32
C GLN B 297 -47.03 -4.01 24.71
N LEU B 298 -45.76 -3.66 24.91
CA LEU B 298 -44.76 -4.65 25.30
C LEU B 298 -44.98 -5.13 26.73
N ARG B 299 -44.95 -6.45 26.95
CA ARG B 299 -45.14 -6.99 28.29
C ARG B 299 -44.21 -8.17 28.55
N PRO B 300 -43.44 -8.13 29.66
CA PRO B 300 -42.67 -9.32 29.99
C PRO B 300 -43.57 -10.44 30.52
N PHE B 301 -43.25 -11.69 30.21
CA PHE B 301 -43.78 -12.78 31.02
C PHE B 301 -43.27 -12.57 32.46
N SER B 302 -44.17 -12.67 33.44
CA SER B 302 -43.81 -12.47 34.83
C SER B 302 -42.81 -13.55 35.31
N PRO B 303 -42.08 -13.25 36.40
CA PRO B 303 -41.20 -14.26 37.01
C PRO B 303 -41.94 -15.58 37.35
N GLU B 304 -43.18 -15.46 37.86
CA GLU B 304 -44.01 -16.62 38.18
C GLU B 304 -44.25 -17.52 36.94
N ILE B 305 -44.59 -16.90 35.81
CA ILE B 305 -44.82 -17.61 34.55
C ILE B 305 -43.54 -18.26 34.04
N LEU B 306 -42.46 -17.49 34.02
CA LEU B 306 -41.18 -18.02 33.50
C LEU B 306 -40.73 -19.18 34.37
N GLN B 307 -40.89 -19.04 35.68
CA GLN B 307 -40.44 -20.11 36.61
C GLN B 307 -41.26 -21.39 36.39
N ALA B 308 -42.58 -21.24 36.22
CA ALA B 308 -43.44 -22.40 35.94
C ALA B 308 -43.06 -23.11 34.64
N CYS B 309 -42.81 -22.32 33.58
CA CYS B 309 -42.42 -22.88 32.27
C CYS B 309 -41.07 -23.64 32.35
N PHE B 310 -40.15 -23.07 33.11
CA PHE B 310 -38.83 -23.66 33.34
C PHE B 310 -38.98 -25.01 34.07
N GLU B 311 -39.79 -25.02 35.13
CA GLU B 311 -40.03 -26.25 35.88
C GLU B 311 -40.68 -27.32 35.00
N ALA B 312 -41.70 -26.93 34.24
CA ALA B 312 -42.34 -27.84 33.29
C ALA B 312 -41.37 -28.43 32.26
N ALA B 313 -40.52 -27.55 31.71
CA ALA B 313 -39.52 -27.96 30.72
C ALA B 313 -38.56 -29.01 31.32
N ASN B 314 -38.10 -28.76 32.53
CA ASN B 314 -37.20 -29.70 33.18
C ASN B 314 -37.88 -31.05 33.42
N GLU B 315 -39.17 -31.05 33.77
CA GLU B 315 -39.91 -32.31 33.89
C GLU B 315 -39.92 -33.10 32.58
N VAL B 316 -40.18 -32.40 31.47
CA VAL B 316 -40.17 -33.01 30.14
C VAL B 316 -38.77 -33.56 29.81
N TYR B 317 -37.71 -32.79 30.10
CA TYR B 317 -36.35 -33.25 29.77
C TYR B 317 -35.97 -34.51 30.56
N ALA B 318 -36.38 -34.57 31.83
CA ALA B 318 -36.13 -35.74 32.69
C ALA B 318 -36.71 -36.98 32.04
N GLU B 319 -37.94 -36.89 31.54
CA GLU B 319 -38.55 -38.05 30.86
C GLU B 319 -37.76 -38.45 29.64
N MSE B 320 -37.42 -37.45 28.82
CA MSE B 320 -36.70 -37.72 27.57
C MSE B 320 -35.31 -38.29 27.80
O MSE B 320 -34.92 -39.22 27.10
CB MSE B 320 -36.62 -36.47 26.71
CG MSE B 320 -37.98 -36.09 26.14
SE MSE B 320 -37.82 -34.42 25.16
CE MSE B 320 -39.71 -34.36 24.49
N GLU B 321 -34.59 -37.77 28.79
CA GLU B 321 -33.25 -38.25 29.12
C GLU B 321 -33.29 -39.71 29.58
N ALA B 322 -34.34 -40.07 30.30
CA ALA B 322 -34.47 -41.43 30.85
C ALA B 322 -34.83 -42.46 29.76
N SER B 323 -35.43 -41.99 28.66
CA SER B 323 -35.96 -42.90 27.65
C SER B 323 -35.19 -42.90 26.31
N ASN B 324 -34.33 -41.89 26.10
CA ASN B 324 -33.73 -41.66 24.80
C ASN B 324 -32.23 -41.34 24.93
N PRO B 325 -31.38 -42.37 24.82
CA PRO B 325 -29.94 -42.19 25.00
C PRO B 325 -29.30 -41.13 24.06
N ALA B 326 -29.74 -41.07 22.81
CA ALA B 326 -29.21 -40.07 21.87
C ALA B 326 -29.49 -38.65 22.36
N PHE B 327 -30.71 -38.45 22.85
CA PHE B 327 -31.15 -37.15 23.39
C PHE B 327 -30.34 -36.80 24.61
N LYS B 328 -30.23 -37.74 25.54
CA LYS B 328 -29.42 -37.53 26.75
C LYS B 328 -27.97 -37.15 26.45
N LYS B 329 -27.33 -37.82 25.50
CA LYS B 329 -25.93 -37.52 25.18
C LYS B 329 -25.78 -36.05 24.74
N ILE B 330 -26.61 -35.62 23.81
CA ILE B 330 -26.46 -34.25 23.28
C ILE B 330 -26.89 -33.22 24.32
N TRP B 331 -28.01 -33.48 25.00
CA TRP B 331 -28.53 -32.51 25.98
C TRP B 331 -27.59 -32.37 27.18
N ASP B 332 -26.99 -33.48 27.65
CA ASP B 332 -26.02 -33.37 28.74
C ASP B 332 -24.80 -32.54 28.33
N SER B 333 -24.40 -32.68 27.07
CA SER B 333 -23.30 -31.87 26.54
C SER B 333 -23.65 -30.39 26.53
N ILE B 334 -24.83 -30.06 26.03
CA ILE B 334 -25.29 -28.68 26.01
C ILE B 334 -25.38 -28.12 27.44
N LYS B 335 -26.02 -28.88 28.33
CA LYS B 335 -26.15 -28.48 29.73
C LYS B 335 -24.81 -28.27 30.43
N ALA B 336 -23.81 -29.10 30.11
CA ALA B 336 -22.49 -28.94 30.72
C ALA B 336 -21.94 -27.54 30.42
N PHE B 337 -22.09 -27.12 29.16
CA PHE B 337 -21.61 -25.80 28.79
C PHE B 337 -22.56 -24.70 29.27
N ARG B 338 -23.86 -25.00 29.25
CA ARG B 338 -24.86 -24.02 29.67
C ARG B 338 -24.55 -23.41 31.04
N SER B 339 -24.22 -24.22 32.04
CA SER B 339 -23.94 -23.67 33.38
C SER B 339 -22.67 -22.83 33.40
N GLU B 340 -21.63 -23.28 32.67
CA GLU B 340 -20.35 -22.55 32.55
C GLU B 340 -20.58 -21.22 31.86
N HIS B 341 -21.33 -21.25 30.75
CA HIS B 341 -21.60 -20.05 29.96
C HIS B 341 -22.31 -18.99 30.81
N TYR B 342 -23.37 -19.40 31.49
CA TYR B 342 -24.15 -18.47 32.29
C TYR B 342 -23.45 -18.06 33.60
N THR B 343 -22.39 -18.78 33.97
CA THR B 343 -21.51 -18.28 35.04
C THR B 343 -20.66 -17.12 34.51
N TRP B 344 -19.99 -17.33 33.39
CA TRP B 344 -19.11 -16.31 32.81
C TRP B 344 -19.87 -15.08 32.29
N ALA B 345 -21.00 -15.32 31.63
CA ALA B 345 -21.72 -14.23 30.96
C ALA B 345 -22.18 -13.16 31.94
N GLN B 346 -22.33 -13.52 33.21
CA GLN B 346 -22.76 -12.51 34.18
C GLN B 346 -21.65 -11.59 34.68
N ILE B 347 -20.44 -11.82 34.21
CA ILE B 347 -19.30 -11.02 34.66
C ILE B 347 -19.07 -9.83 33.71
N ALA B 348 -18.26 -9.98 32.68
CA ALA B 348 -17.94 -8.84 31.84
C ALA B 348 -19.10 -8.44 30.91
N GLU B 349 -19.71 -9.42 30.24
CA GLU B 349 -20.75 -9.13 29.26
C GLU B 349 -21.97 -8.46 29.94
N TYR B 350 -22.48 -9.12 30.98
CA TYR B 350 -23.70 -8.65 31.65
C TYR B 350 -23.45 -7.26 32.22
N ASN B 351 -22.30 -7.06 32.84
CA ASN B 351 -22.07 -5.78 33.52
C ASN B 351 -21.85 -4.62 32.57
N TYR B 352 -21.13 -4.90 31.48
CA TYR B 352 -20.98 -3.91 30.41
C TYR B 352 -22.34 -3.52 29.80
N ASP B 353 -23.07 -4.53 29.32
CA ASP B 353 -24.36 -4.28 28.71
C ASP B 353 -25.36 -3.62 29.66
N THR B 354 -25.39 -4.05 30.92
CA THR B 354 -26.30 -3.43 31.90
C THR B 354 -26.00 -1.95 32.06
N PHE B 355 -24.72 -1.62 32.18
CA PHE B 355 -24.32 -0.21 32.28
C PHE B 355 -24.86 0.57 31.08
N MSE B 356 -24.66 0.05 29.87
CA MSE B 356 -25.12 0.76 28.66
C MSE B 356 -26.64 0.95 28.61
O MSE B 356 -27.13 2.00 28.19
CB MSE B 356 -24.61 0.05 27.40
CG MSE B 356 -23.09 -0.05 27.34
SE MSE B 356 -22.25 1.72 27.31
CE MSE B 356 -22.93 2.40 25.56
N MSE B 357 -27.36 -0.07 29.05
CA MSE B 357 -28.81 -0.02 29.09
C MSE B 357 -29.30 1.02 30.11
O MSE B 357 -30.28 1.75 29.85
CB MSE B 357 -29.36 -1.41 29.39
CG MSE B 357 -29.10 -2.41 28.28
SE MSE B 357 -29.40 -4.23 28.97
CE MSE B 357 -28.88 -5.21 27.32
N VAL B 358 -28.61 1.10 31.24
CA VAL B 358 -28.94 2.10 32.25
C VAL B 358 -28.70 3.50 31.67
N GLN B 359 -27.60 3.67 30.92
CA GLN B 359 -27.34 4.97 30.25
C GLN B 359 -28.47 5.25 29.25
N GLN B 360 -28.88 4.24 28.50
CA GLN B 360 -29.90 4.43 27.46
C GLN B 360 -31.22 4.87 28.09
N ASN B 361 -31.59 4.20 29.17
CA ASN B 361 -32.85 4.48 29.86
C ASN B 361 -32.85 5.87 30.47
N ALA B 362 -31.66 6.41 30.71
CA ALA B 362 -31.53 7.76 31.28
C ALA B 362 -31.47 8.84 30.21
N GLY B 363 -31.56 8.44 28.93
CA GLY B 363 -31.39 9.38 27.83
C GLY B 363 -29.95 9.86 27.61
N LYS B 364 -28.97 9.11 28.10
CA LYS B 364 -27.57 9.54 28.11
C LYS B 364 -26.73 9.06 26.93
N LEU B 365 -27.30 8.23 26.06
CA LEU B 365 -26.64 7.78 24.84
C LEU B 365 -27.04 8.59 23.63
N LYS C 31 7.86 40.06 -31.79
CA LYS C 31 8.73 41.25 -31.58
C LYS C 31 10.22 40.90 -31.76
N VAL C 32 10.58 39.63 -31.62
CA VAL C 32 11.93 39.17 -31.94
C VAL C 32 11.91 38.28 -33.19
N THR C 33 12.62 38.74 -34.24
CA THR C 33 12.73 37.98 -35.46
C THR C 33 14.20 37.79 -35.78
N TRP C 34 14.69 36.59 -35.46
CA TRP C 34 16.11 36.25 -35.60
C TRP C 34 16.33 35.20 -36.66
N ARG C 35 17.55 35.20 -37.21
CA ARG C 35 18.00 34.15 -38.11
C ARG C 35 19.10 33.39 -37.40
N LEU C 36 19.04 32.07 -37.51
CA LEU C 36 20.08 31.18 -36.97
C LEU C 36 20.79 30.48 -38.12
N ALA C 37 22.10 30.64 -38.17
CA ALA C 37 22.93 29.97 -39.16
C ALA C 37 23.47 28.70 -38.51
N SER C 38 23.05 27.55 -39.00
CA SER C 38 23.58 26.28 -38.46
C SER C 38 24.92 25.93 -39.11
N SER C 39 25.80 25.33 -38.34
CA SER C 39 27.03 24.77 -38.91
C SER C 39 26.78 23.41 -39.59
N PHE C 40 25.55 22.91 -39.50
CA PHE C 40 25.26 21.51 -39.83
C PHE C 40 24.33 21.36 -41.01
N PRO C 41 24.54 20.30 -41.81
CA PRO C 41 23.58 20.00 -42.87
C PRO C 41 22.34 19.32 -42.29
N LYS C 42 21.23 19.35 -43.03
CA LYS C 42 20.03 18.66 -42.59
C LYS C 42 20.18 17.14 -42.43
N SER C 43 21.10 16.55 -43.19
CA SER C 43 21.40 15.11 -43.12
C SER C 43 21.92 14.64 -41.76
N LEU C 44 22.45 15.58 -40.99
CA LEU C 44 22.93 15.32 -39.63
C LEU C 44 21.74 15.69 -38.74
N ASP C 45 20.69 14.88 -38.83
CA ASP C 45 19.35 15.34 -38.43
C ASP C 45 19.19 15.60 -36.93
N THR C 46 19.91 14.83 -36.10
CA THR C 46 19.75 14.99 -34.65
C THR C 46 20.54 16.19 -34.15
N ILE C 47 21.68 16.43 -34.76
CA ILE C 47 22.48 17.61 -34.39
C ILE C 47 21.89 18.90 -34.98
N PHE C 48 21.68 18.91 -36.30
CA PHE C 48 20.99 20.02 -36.95
C PHE C 48 19.65 20.31 -36.26
N GLY C 49 18.90 19.24 -35.99
CA GLY C 49 17.60 19.31 -35.31
C GLY C 49 17.55 20.06 -33.99
N GLY C 50 18.68 20.16 -33.28
CA GLY C 50 18.70 20.91 -32.01
C GLY C 50 18.23 22.35 -32.16
N ALA C 51 18.61 22.99 -33.26
CA ALA C 51 18.20 24.36 -33.56
C ALA C 51 16.68 24.42 -33.78
N GLU C 52 16.13 23.44 -34.48
CA GLU C 52 14.67 23.34 -34.71
C GLU C 52 13.92 23.18 -33.40
N VAL C 53 14.49 22.37 -32.50
CA VAL C 53 13.92 22.16 -31.17
C VAL C 53 13.87 23.47 -30.37
N LEU C 54 14.98 24.19 -30.32
CA LEU C 54 15.03 25.46 -29.63
C LEU C 54 14.03 26.43 -30.25
N SER C 55 14.02 26.50 -31.58
CA SER C 55 13.10 27.44 -32.27
C SER C 55 11.63 27.17 -31.88
N LYS C 56 11.26 25.90 -31.89
CA LYS C 56 9.90 25.45 -31.54
C LYS C 56 9.59 25.75 -30.08
N MSE C 57 10.54 25.44 -29.19
CA MSE C 57 10.35 25.81 -27.78
C MSE C 57 10.04 27.28 -27.58
O MSE C 57 9.11 27.65 -26.86
CB MSE C 57 11.56 25.41 -26.95
CG MSE C 57 11.70 23.90 -26.81
SE MSE C 57 13.39 23.54 -25.88
CE MSE C 57 13.16 21.62 -25.64
N LEU C 58 10.83 28.15 -28.22
CA LEU C 58 10.65 29.60 -28.04
C LEU C 58 9.36 30.11 -28.69
N SER C 59 9.08 29.62 -29.89
CA SER C 59 7.88 30.02 -30.61
C SER C 59 6.63 29.59 -29.82
N GLU C 60 6.59 28.32 -29.43
CA GLU C 60 5.42 27.85 -28.67
C GLU C 60 5.21 28.59 -27.34
N ALA C 61 6.30 28.92 -26.65
CA ALA C 61 6.19 29.59 -25.35
C ALA C 61 5.76 31.06 -25.45
N THR C 62 5.81 31.64 -26.67
CA THR C 62 5.54 33.07 -26.83
C THR C 62 4.50 33.33 -27.92
N ASP C 63 3.80 32.29 -28.33
CA ASP C 63 2.82 32.40 -29.41
C ASP C 63 3.43 33.03 -30.66
N GLY C 64 4.67 32.63 -30.98
CA GLY C 64 5.36 33.12 -32.18
C GLY C 64 6.04 34.47 -32.05
N ASN C 65 5.96 35.10 -30.88
CA ASN C 65 6.57 36.41 -30.66
C ASN C 65 8.10 36.39 -30.60
N PHE C 66 8.66 35.27 -30.14
CA PHE C 66 10.11 35.05 -30.20
C PHE C 66 10.36 34.06 -31.31
N GLN C 67 10.76 34.58 -32.48
CA GLN C 67 10.89 33.77 -33.67
C GLN C 67 12.36 33.64 -34.08
N ILE C 68 12.86 32.41 -34.08
CA ILE C 68 14.18 32.11 -34.63
C ILE C 68 14.03 31.27 -35.88
N GLN C 69 14.36 31.87 -37.02
CA GLN C 69 14.29 31.15 -38.29
C GLN C 69 15.59 30.37 -38.52
N VAL C 70 15.47 29.06 -38.73
CA VAL C 70 16.65 28.19 -38.78
C VAL C 70 17.08 27.91 -40.22
N PHE C 71 18.38 28.11 -40.49
CA PHE C 71 18.97 27.85 -41.78
C PHE C 71 20.08 26.80 -41.65
N SER C 72 20.06 25.80 -42.52
CA SER C 72 21.10 24.76 -42.52
C SER C 72 22.40 25.30 -43.14
N ALA C 73 23.50 24.57 -42.91
CA ALA C 73 24.82 24.98 -43.36
C ALA C 73 24.80 25.33 -44.85
N GLY C 74 25.33 26.51 -45.15
CA GLY C 74 25.53 26.94 -46.54
C GLY C 74 24.38 27.77 -47.07
N GLU C 75 23.22 27.72 -46.40
CA GLU C 75 22.07 28.50 -46.86
C GLU C 75 22.32 30.01 -46.75
N LEU C 76 22.83 30.44 -45.60
CA LEU C 76 23.20 31.83 -45.38
C LEU C 76 24.71 32.04 -45.54
N VAL C 77 25.49 31.22 -44.87
CA VAL C 77 26.96 31.30 -44.90
C VAL C 77 27.46 29.86 -44.77
N PRO C 78 28.72 29.58 -45.18
CA PRO C 78 29.28 28.25 -44.96
C PRO C 78 29.20 27.84 -43.49
N GLY C 79 29.01 26.54 -43.26
CA GLY C 79 28.88 26.01 -41.90
C GLY C 79 30.02 26.40 -40.98
N LEU C 80 31.25 26.34 -41.51
CA LEU C 80 32.43 26.66 -40.68
C LEU C 80 32.59 28.15 -40.39
N GLN C 81 31.75 28.97 -41.00
CA GLN C 81 31.82 30.43 -40.82
C GLN C 81 30.66 30.96 -39.97
N ALA C 82 29.84 30.04 -39.44
CA ALA C 82 28.64 30.42 -38.72
C ALA C 82 28.94 31.36 -37.55
N ALA C 83 29.94 31.03 -36.73
CA ALA C 83 30.25 31.90 -35.58
C ALA C 83 30.75 33.27 -36.03
N ASP C 84 31.50 33.33 -37.12
CA ASP C 84 31.93 34.64 -37.65
C ASP C 84 30.73 35.51 -38.09
N ALA C 85 29.74 34.87 -38.73
CA ALA C 85 28.51 35.57 -39.13
C ALA C 85 27.81 36.18 -37.91
N VAL C 86 27.83 35.45 -36.79
CA VAL C 86 27.25 35.95 -35.53
C VAL C 86 28.07 37.11 -34.97
N THR C 87 29.39 36.93 -34.95
CA THR C 87 30.28 37.92 -34.36
C THR C 87 30.10 39.29 -35.04
N GLU C 88 30.01 39.28 -36.36
CA GLU C 88 29.90 40.53 -37.12
C GLU C 88 28.46 41.03 -37.22
N GLY C 89 27.51 40.27 -36.68
CA GLY C 89 26.11 40.66 -36.69
C GLY C 89 25.35 40.46 -38.01
N THR C 90 25.88 39.63 -38.91
CA THR C 90 25.14 39.27 -40.12
C THR C 90 23.90 38.42 -39.81
N VAL C 91 24.05 37.52 -38.83
CA VAL C 91 22.90 36.80 -38.26
C VAL C 91 22.95 36.97 -36.74
N GLU C 92 21.83 36.79 -36.05
CA GLU C 92 21.95 36.98 -34.60
C GLU C 92 22.39 35.77 -33.79
N CYS C 93 22.37 34.60 -34.41
CA CYS C 93 22.79 33.39 -33.70
C CYS C 93 23.22 32.26 -34.62
N CYS C 94 23.92 31.28 -34.02
CA CYS C 94 24.27 30.06 -34.71
C CYS C 94 24.15 28.85 -33.78
N HIS C 95 24.21 27.65 -34.37
CA HIS C 95 24.26 26.39 -33.65
C HIS C 95 25.50 25.70 -34.25
N THR C 96 26.48 25.42 -33.40
CA THR C 96 27.81 25.04 -33.88
C THR C 96 28.57 24.21 -32.84
N VAL C 97 29.76 23.74 -33.20
CA VAL C 97 30.64 23.07 -32.24
C VAL C 97 31.84 23.98 -32.07
N GLY C 98 32.16 24.33 -30.83
CA GLY C 98 33.22 25.31 -30.54
C GLY C 98 34.58 24.93 -31.13
N TYR C 99 34.85 23.63 -31.20
CA TYR C 99 36.15 23.18 -31.72
C TYR C 99 36.32 23.41 -33.23
N TYR C 100 35.24 23.72 -33.94
CA TYR C 100 35.37 24.18 -35.34
C TYR C 100 36.24 25.43 -35.46
N TYR C 101 36.35 26.19 -34.37
CA TYR C 101 37.08 27.46 -34.35
C TYR C 101 38.41 27.40 -33.60
N TRP C 102 38.93 26.18 -33.49
CA TRP C 102 40.18 25.97 -32.76
C TRP C 102 41.36 26.63 -33.51
N GLY C 103 41.22 26.73 -34.83
CA GLY C 103 42.18 27.46 -35.66
C GLY C 103 42.17 28.96 -35.42
N LYS C 104 41.08 29.46 -34.86
CA LYS C 104 40.97 30.86 -34.44
C LYS C 104 41.62 31.06 -33.05
N ASP C 105 41.31 30.15 -32.12
CA ASP C 105 41.93 30.13 -30.81
C ASP C 105 41.55 28.74 -30.27
N PRO C 106 42.55 27.93 -29.86
CA PRO C 106 42.21 26.60 -29.34
C PRO C 106 41.31 26.63 -28.10
N THR C 107 41.22 27.79 -27.47
CA THR C 107 40.31 27.97 -26.31
C THR C 107 38.84 27.69 -26.68
N PHE C 108 38.47 28.00 -27.92
CA PHE C 108 37.10 27.72 -28.40
C PHE C 108 36.72 26.26 -28.20
N ALA C 109 37.69 25.35 -28.31
CA ALA C 109 37.42 23.92 -28.23
C ALA C 109 37.02 23.45 -26.83
N LEU C 110 37.47 24.15 -25.81
CA LEU C 110 37.48 23.55 -24.48
C LEU C 110 36.11 23.24 -23.91
N ALA C 111 35.16 24.16 -24.13
CA ALA C 111 33.80 23.94 -23.63
C ALA C 111 32.95 23.08 -24.58
N ALA C 112 33.53 22.72 -25.72
CA ALA C 112 32.86 21.89 -26.71
C ALA C 112 33.35 20.46 -26.48
N ALA C 113 34.58 20.17 -26.93
CA ALA C 113 35.25 18.91 -26.56
C ALA C 113 36.72 19.01 -26.92
N VAL C 114 37.55 18.49 -26.03
CA VAL C 114 38.97 18.26 -26.30
C VAL C 114 39.27 16.83 -25.83
N PRO C 115 40.38 16.25 -26.32
CA PRO C 115 40.77 14.88 -25.91
C PRO C 115 40.84 14.66 -24.40
N PHE C 116 40.25 13.56 -23.93
CA PHE C 116 40.36 13.12 -22.55
C PHE C 116 39.79 14.13 -21.56
N SER C 117 38.68 14.73 -21.97
CA SER C 117 37.94 15.65 -21.09
C SER C 117 36.80 14.86 -20.40
N LEU C 118 35.80 15.56 -19.88
CA LEU C 118 34.69 14.91 -19.18
C LEU C 118 33.66 14.31 -20.16
N SER C 119 33.00 13.21 -19.76
CA SER C 119 31.83 12.74 -20.51
C SER C 119 30.62 13.65 -20.20
N ALA C 120 29.46 13.35 -20.80
CA ALA C 120 28.31 14.29 -20.83
C ALA C 120 27.86 14.77 -19.46
N ARG C 121 27.59 13.83 -18.55
CA ARG C 121 27.13 14.29 -17.23
C ARG C 121 28.19 15.14 -16.51
N GLY C 122 29.47 14.77 -16.64
CA GLY C 122 30.55 15.52 -15.99
C GLY C 122 30.66 16.93 -16.56
N ILE C 123 30.68 17.06 -17.89
CA ILE C 123 30.85 18.39 -18.51
C ILE C 123 29.64 19.27 -18.19
N ASN C 124 28.45 18.68 -18.17
CA ASN C 124 27.23 19.43 -17.86
C ASN C 124 27.21 19.91 -16.41
N ALA C 125 27.68 19.08 -15.48
CA ALA C 125 27.85 19.52 -14.07
C ALA C 125 28.71 20.78 -14.04
N TRP C 126 29.84 20.72 -14.75
CA TRP C 126 30.77 21.86 -14.81
C TRP C 126 30.13 23.09 -15.50
N HIS C 127 29.48 22.89 -16.66
CA HIS C 127 28.80 23.97 -17.37
C HIS C 127 27.84 24.74 -16.45
N TYR C 128 26.91 23.99 -15.86
CA TYR C 128 25.74 24.61 -15.21
C TYR C 128 25.97 24.94 -13.75
N HIS C 129 26.87 24.21 -13.09
CA HIS C 129 27.05 24.42 -11.66
C HIS C 129 28.49 24.57 -11.21
N GLY C 130 29.42 24.46 -12.16
CA GLY C 130 30.85 24.62 -11.88
C GLY C 130 31.38 25.96 -12.38
N GLY C 131 30.48 26.82 -12.86
CA GLY C 131 30.88 28.13 -13.40
C GLY C 131 31.34 28.07 -14.86
N GLY C 132 31.18 26.92 -15.51
CA GLY C 132 31.68 26.72 -16.88
C GLY C 132 31.05 27.63 -17.92
N ILE C 133 29.74 27.78 -17.88
CA ILE C 133 29.06 28.69 -18.83
C ILE C 133 29.60 30.12 -18.71
N ASP C 134 29.71 30.59 -17.48
CA ASP C 134 30.28 31.94 -17.24
C ASP C 134 31.74 32.04 -17.73
N LEU C 135 32.54 31.02 -17.45
CA LEU C 135 33.95 31.03 -17.84
C LEU C 135 34.06 31.11 -19.37
N TYR C 136 33.28 30.28 -20.07
CA TYR C 136 33.30 30.30 -21.54
C TYR C 136 32.80 31.67 -22.06
N ASN C 137 31.77 32.24 -21.41
CA ASN C 137 31.23 33.54 -21.83
C ASN C 137 32.20 34.71 -21.56
N GLU C 138 33.00 34.56 -20.52
CA GLU C 138 34.08 35.51 -20.28
C GLU C 138 35.07 35.50 -21.46
N PHE C 139 35.38 34.31 -21.98
CA PHE C 139 36.23 34.20 -23.16
C PHE C 139 35.56 34.74 -24.44
N LEU C 140 34.27 34.42 -24.63
CA LEU C 140 33.53 34.73 -25.85
C LEU C 140 33.12 36.19 -25.92
N SER C 141 33.17 36.89 -24.79
CA SER C 141 32.76 38.32 -24.76
C SER C 141 33.52 39.15 -25.83
N GLN C 142 34.83 38.93 -25.92
CA GLN C 142 35.64 39.67 -26.90
C GLN C 142 35.30 39.25 -28.34
N HIS C 143 34.74 38.05 -28.50
CA HIS C 143 34.28 37.56 -29.80
C HIS C 143 32.83 37.98 -30.08
N ASN C 144 32.33 38.89 -29.26
CA ASN C 144 31.01 39.50 -29.45
C ASN C 144 29.90 38.45 -29.41
N ILE C 145 30.11 37.46 -28.53
CA ILE C 145 29.21 36.29 -28.44
C ILE C 145 28.85 36.00 -26.99
N VAL C 146 27.59 35.60 -26.79
CA VAL C 146 27.13 34.99 -25.53
C VAL C 146 26.57 33.63 -25.97
N ALA C 147 27.01 32.57 -25.30
CA ALA C 147 26.69 31.21 -25.73
C ALA C 147 26.18 30.36 -24.57
N PHE C 148 25.34 29.37 -24.90
CA PHE C 148 24.82 28.41 -23.93
C PHE C 148 24.85 27.03 -24.57
N PRO C 149 25.10 25.98 -23.76
CA PRO C 149 25.03 24.63 -24.32
C PRO C 149 23.73 24.39 -25.08
N GLY C 150 23.88 23.67 -26.18
CA GLY C 150 22.80 23.43 -27.13
C GLY C 150 22.69 21.99 -27.56
N GLY C 151 23.16 21.08 -26.70
CA GLY C 151 23.10 19.64 -27.02
C GLY C 151 24.39 18.96 -26.63
N ASN C 152 24.31 17.65 -26.43
CA ASN C 152 25.50 16.84 -26.28
C ASN C 152 25.25 15.55 -27.07
N THR C 153 26.30 15.00 -27.67
CA THR C 153 26.16 13.73 -28.40
C THR C 153 26.48 12.50 -27.54
N GLY C 154 27.03 12.69 -26.35
CA GLY C 154 27.60 11.56 -25.60
C GLY C 154 28.91 11.12 -26.28
N VAL C 155 29.57 10.11 -25.73
CA VAL C 155 30.85 9.67 -26.31
C VAL C 155 30.68 9.30 -27.80
N GLN C 156 31.55 9.83 -28.65
CA GLN C 156 31.48 9.46 -30.06
C GLN C 156 32.34 8.23 -30.31
N MSE C 157 32.18 7.61 -31.48
CA MSE C 157 32.89 6.37 -31.76
C MSE C 157 34.29 6.73 -32.28
O MSE C 157 34.59 7.91 -32.58
CB MSE C 157 32.12 5.50 -32.74
CG MSE C 157 30.84 4.89 -32.15
SE MSE C 157 31.27 3.57 -30.76
CE MSE C 157 31.83 2.03 -32.01
N GLY C 158 35.15 5.72 -32.40
CA GLY C 158 36.55 5.95 -32.76
C GLY C 158 36.81 5.89 -34.25
N GLY C 159 35.76 5.63 -35.03
CA GLY C 159 35.85 5.66 -36.49
C GLY C 159 35.87 4.29 -37.18
N TRP C 160 35.89 4.32 -38.52
CA TRP C 160 35.74 3.13 -39.36
C TRP C 160 37.08 2.83 -40.03
N PHE C 161 37.53 1.59 -39.90
CA PHE C 161 38.89 1.21 -40.27
C PHE C 161 38.84 0.04 -41.27
N ARG C 162 39.63 0.10 -42.33
CA ARG C 162 39.70 -1.01 -43.30
C ARG C 162 40.48 -2.16 -42.69
N ARG C 163 41.45 -1.83 -41.86
CA ARG C 163 42.37 -2.83 -41.29
C ARG C 163 42.56 -2.52 -39.79
N GLU C 164 42.71 -3.56 -38.97
CA GLU C 164 42.88 -3.35 -37.53
C GLU C 164 44.18 -2.63 -37.14
N ILE C 165 44.10 -1.86 -36.05
CA ILE C 165 45.26 -1.35 -35.33
C ILE C 165 45.25 -1.86 -33.90
N ASN C 166 46.40 -2.35 -33.45
CA ASN C 166 46.52 -2.90 -32.12
C ASN C 166 47.62 -2.27 -31.28
N THR C 167 48.69 -1.79 -31.92
CA THR C 167 49.80 -1.20 -31.21
C THR C 167 50.05 0.21 -31.74
N VAL C 168 50.86 0.96 -31.00
CA VAL C 168 51.31 2.28 -31.43
C VAL C 168 52.01 2.22 -32.79
N ALA C 169 52.84 1.19 -33.00
CA ALA C 169 53.53 0.97 -34.25
C ALA C 169 52.57 0.93 -35.45
N ASP C 170 51.38 0.35 -35.22
CA ASP C 170 50.37 0.20 -36.26
C ASP C 170 49.84 1.55 -36.74
N MSE C 171 50.00 2.58 -35.91
CA MSE C 171 49.49 3.92 -36.25
C MSE C 171 50.42 4.67 -37.21
O MSE C 171 50.01 5.66 -37.83
CB MSE C 171 49.28 4.74 -34.98
CG MSE C 171 48.45 4.04 -33.94
SE MSE C 171 48.23 5.16 -32.36
CE MSE C 171 50.01 5.32 -31.77
N GLN C 172 51.68 4.23 -37.31
CA GLN C 172 52.67 4.88 -38.16
C GLN C 172 52.23 4.86 -39.64
N GLY C 173 52.04 6.05 -40.22
CA GLY C 173 51.59 6.19 -41.61
C GLY C 173 50.11 5.96 -41.86
N LEU C 174 49.32 5.79 -40.80
CA LEU C 174 47.89 5.57 -40.95
C LEU C 174 47.23 6.80 -41.60
N LYS C 175 46.56 6.59 -42.73
CA LYS C 175 45.88 7.70 -43.40
C LYS C 175 44.46 7.76 -42.89
N MSE C 176 44.21 8.65 -41.94
CA MSE C 176 42.88 8.74 -41.35
C MSE C 176 42.25 10.10 -41.63
O MSE C 176 42.90 11.12 -41.45
CB MSE C 176 42.94 8.49 -39.85
CG MSE C 176 41.58 8.63 -39.19
SE MSE C 176 41.64 8.04 -37.34
CE MSE C 176 39.67 7.95 -37.05
N ARG C 177 41.00 10.09 -42.09
CA ARG C 177 40.19 11.29 -42.24
C ARG C 177 39.80 11.74 -40.84
N VAL C 178 40.52 12.75 -40.37
CA VAL C 178 40.36 13.29 -39.03
C VAL C 178 41.06 14.65 -39.05
N GLY C 179 40.65 15.54 -38.15
CA GLY C 179 41.27 16.87 -38.05
C GLY C 179 41.28 17.41 -36.63
N GLY C 180 41.51 18.70 -36.52
CA GLY C 180 41.49 19.40 -35.23
C GLY C 180 42.46 18.83 -34.20
N PHE C 181 42.02 18.86 -32.94
CA PHE C 181 42.81 18.34 -31.82
C PHE C 181 43.14 16.85 -31.99
N ALA C 182 42.14 16.07 -32.41
CA ALA C 182 42.30 14.63 -32.60
C ALA C 182 43.43 14.34 -33.60
N GLY C 183 43.37 15.01 -34.75
CA GLY C 183 44.41 14.85 -35.78
C GLY C 183 45.78 15.28 -35.28
N LYS C 184 45.83 16.39 -34.54
CA LYS C 184 47.08 16.92 -33.99
C LYS C 184 47.75 15.92 -33.06
N VAL C 185 46.96 15.36 -32.14
CA VAL C 185 47.46 14.38 -31.17
C VAL C 185 47.95 13.13 -31.91
N MSE C 186 47.18 12.63 -32.86
CA MSE C 186 47.54 11.39 -33.55
C MSE C 186 48.73 11.56 -34.49
O MSE C 186 49.47 10.62 -34.72
CB MSE C 186 46.35 10.79 -34.29
CG MSE C 186 45.44 9.99 -33.35
SE MSE C 186 43.98 9.11 -34.27
CE MSE C 186 42.68 10.59 -34.28
N GLU C 187 48.90 12.77 -35.01
CA GLU C 187 50.06 13.09 -35.85
C GLU C 187 51.37 12.90 -35.07
N ARG C 188 51.34 13.17 -33.76
CA ARG C 188 52.50 12.95 -32.89
C ARG C 188 52.90 11.49 -32.81
N LEU C 189 51.97 10.61 -33.14
CA LEU C 189 52.18 9.16 -33.09
C LEU C 189 52.31 8.57 -34.50
N GLY C 190 52.40 9.47 -35.48
CA GLY C 190 52.73 9.07 -36.85
C GLY C 190 51.56 8.90 -37.79
N VAL C 191 50.34 9.11 -37.32
CA VAL C 191 49.25 9.10 -38.29
C VAL C 191 49.30 10.35 -39.20
N VAL C 192 48.82 10.20 -40.42
CA VAL C 192 48.79 11.32 -41.36
C VAL C 192 47.34 11.69 -41.64
N PRO C 193 46.85 12.73 -40.96
CA PRO C 193 45.48 13.20 -41.14
C PRO C 193 45.17 13.56 -42.59
N GLN C 194 43.98 13.15 -43.03
CA GLN C 194 43.52 13.39 -44.39
C GLN C 194 42.39 14.41 -44.37
N GLN C 195 42.39 15.27 -45.39
CA GLN C 195 41.34 16.26 -45.60
C GLN C 195 40.54 15.79 -46.82
N ILE C 196 39.31 15.37 -46.58
CA ILE C 196 38.47 14.77 -47.61
C ILE C 196 37.03 15.23 -47.39
N ALA C 197 36.38 15.67 -48.47
CA ALA C 197 34.96 15.99 -48.44
C ALA C 197 34.15 14.74 -48.06
N GLY C 198 33.08 14.94 -47.31
CA GLY C 198 32.21 13.85 -46.83
C GLY C 198 31.79 12.85 -47.90
N GLY C 199 31.42 13.37 -49.07
CA GLY C 199 30.95 12.55 -50.20
C GLY C 199 32.03 11.70 -50.85
N ASP C 200 33.29 12.06 -50.61
CA ASP C 200 34.45 11.36 -51.18
C ASP C 200 35.08 10.30 -50.27
N ILE C 201 34.61 10.22 -49.03
CA ILE C 201 35.17 9.29 -48.04
C ILE C 201 34.92 7.82 -48.39
N TYR C 202 33.67 7.47 -48.64
CA TYR C 202 33.30 6.10 -48.99
C TYR C 202 34.12 5.55 -50.18
N PRO C 203 34.15 6.30 -51.32
CA PRO C 203 34.97 5.90 -52.46
C PRO C 203 36.45 5.71 -52.12
N ALA C 204 36.98 6.57 -51.25
CA ALA C 204 38.38 6.48 -50.83
C ALA C 204 38.63 5.21 -50.02
N LEU C 205 37.71 4.89 -49.10
CA LEU C 205 37.79 3.66 -48.31
C LEU C 205 37.70 2.41 -49.18
N GLU C 206 36.75 2.41 -50.10
CA GLU C 206 36.55 1.24 -50.96
C GLU C 206 37.72 0.97 -51.91
N LYS C 207 38.32 2.05 -52.44
CA LYS C 207 39.52 1.96 -53.27
C LYS C 207 40.79 1.77 -52.43
N GLY C 208 40.70 2.00 -51.13
CA GLY C 208 41.87 1.89 -50.23
C GLY C 208 42.82 3.07 -50.27
N THR C 209 42.32 4.22 -50.73
CA THR C 209 43.06 5.47 -50.82
C THR C 209 43.36 6.06 -49.44
N ILE C 210 42.45 5.78 -48.49
CA ILE C 210 42.66 6.10 -47.08
C ILE C 210 42.42 4.83 -46.28
N ASP C 211 42.87 4.84 -45.03
CA ASP C 211 42.81 3.67 -44.17
C ASP C 211 41.61 3.72 -43.23
N ALA C 212 41.24 4.93 -42.82
CA ALA C 212 40.23 5.07 -41.77
C ALA C 212 39.51 6.42 -41.87
N THR C 213 38.35 6.54 -41.24
CA THR C 213 37.68 7.83 -41.11
C THR C 213 36.95 7.94 -39.77
N GLU C 214 36.91 9.14 -39.22
CA GLU C 214 35.98 9.45 -38.14
C GLU C 214 34.64 9.78 -38.78
N TRP C 215 33.58 9.73 -37.99
CA TRP C 215 32.34 10.37 -38.38
C TRP C 215 31.66 10.88 -37.11
N VAL C 216 30.68 10.16 -36.58
CA VAL C 216 30.05 10.58 -35.31
C VAL C 216 29.85 9.36 -34.40
N GLY C 217 28.70 8.68 -34.56
CA GLY C 217 28.36 7.51 -33.77
C GLY C 217 27.42 6.61 -34.54
N PRO C 218 26.89 5.55 -33.87
CA PRO C 218 26.10 4.51 -34.56
C PRO C 218 24.92 5.09 -35.35
N TYR C 219 24.16 5.99 -34.74
CA TYR C 219 22.95 6.49 -35.38
C TYR C 219 23.23 7.24 -36.69
N ASP C 220 24.17 8.19 -36.67
CA ASP C 220 24.55 8.92 -37.88
C ASP C 220 25.36 8.05 -38.85
N ASP C 221 26.25 7.21 -38.31
CA ASP C 221 27.23 6.50 -39.14
C ASP C 221 26.59 5.43 -40.03
N GLU C 222 25.54 4.81 -39.52
CA GLU C 222 24.88 3.73 -40.24
C GLU C 222 24.37 4.18 -41.61
N LYS C 223 23.87 5.40 -41.67
CA LYS C 223 23.35 5.99 -42.92
C LYS C 223 24.41 6.13 -44.02
N LEU C 224 25.67 6.30 -43.62
CA LEU C 224 26.78 6.43 -44.57
C LEU C 224 27.23 5.10 -45.20
N GLY C 225 26.92 3.99 -44.54
CA GLY C 225 27.29 2.66 -45.03
C GLY C 225 28.78 2.34 -45.05
N PHE C 226 29.57 3.02 -44.22
CA PHE C 226 31.02 2.76 -44.10
C PHE C 226 31.35 1.29 -43.78
N PHE C 227 30.46 0.63 -43.02
CA PHE C 227 30.63 -0.78 -42.66
C PHE C 227 30.83 -1.71 -43.86
N LYS C 228 30.39 -1.28 -45.03
CA LYS C 228 30.51 -2.06 -46.27
C LYS C 228 31.95 -2.13 -46.78
N VAL C 229 32.74 -1.10 -46.47
CA VAL C 229 34.09 -0.97 -47.02
C VAL C 229 35.18 -0.83 -45.93
N ALA C 230 34.75 -0.69 -44.68
CA ALA C 230 35.67 -0.60 -43.56
C ALA C 230 35.00 -1.28 -42.38
N PRO C 231 35.23 -2.58 -42.21
CA PRO C 231 34.36 -3.31 -41.29
C PRO C 231 34.65 -3.11 -39.80
N TYR C 232 35.83 -2.59 -39.48
CA TYR C 232 36.19 -2.41 -38.08
C TYR C 232 35.74 -1.06 -37.55
N TYR C 233 34.94 -1.09 -36.49
CA TYR C 233 34.34 0.13 -35.90
C TYR C 233 34.97 0.25 -34.54
N TYR C 234 35.87 1.22 -34.40
CA TYR C 234 36.63 1.42 -33.18
C TYR C 234 35.93 2.29 -32.16
N TYR C 235 36.31 2.09 -30.89
CA TYR C 235 35.81 2.87 -29.78
C TYR C 235 36.79 2.86 -28.58
N PRO C 236 36.70 3.88 -27.71
CA PRO C 236 35.84 5.08 -27.83
C PRO C 236 36.52 6.16 -28.67
N GLY C 237 35.76 7.15 -29.13
CA GLY C 237 36.37 8.34 -29.72
C GLY C 237 36.84 9.21 -28.57
N TRP C 238 38.08 8.99 -28.13
CA TRP C 238 38.67 9.63 -26.96
C TRP C 238 38.85 11.14 -27.15
N TRP C 239 38.68 11.62 -28.39
CA TRP C 239 38.76 13.06 -28.65
C TRP C 239 37.41 13.72 -28.41
N GLU C 240 36.36 12.91 -28.20
CA GLU C 240 35.00 13.44 -28.03
C GLU C 240 34.18 12.66 -27.01
N GLY C 241 34.62 12.78 -25.77
CA GLY C 241 34.00 12.08 -24.64
C GLY C 241 32.61 12.58 -24.30
N GLY C 242 32.37 13.88 -24.48
CA GLY C 242 31.07 14.45 -24.16
C GLY C 242 30.89 15.81 -24.83
N PRO C 243 30.85 15.82 -26.17
CA PRO C 243 30.88 17.06 -26.94
C PRO C 243 29.60 17.86 -26.81
N THR C 244 29.70 19.09 -26.28
CA THR C 244 28.55 19.98 -26.37
C THR C 244 28.54 20.81 -27.62
N VAL C 245 27.32 21.01 -28.12
CA VAL C 245 27.07 21.74 -29.35
C VAL C 245 26.41 23.05 -28.90
N HIS C 246 27.13 24.14 -28.98
CA HIS C 246 26.63 25.42 -28.44
C HIS C 246 25.66 26.16 -29.36
N PHE C 247 24.68 26.83 -28.74
CA PHE C 247 24.03 27.99 -29.35
C PHE C 247 24.88 29.20 -29.02
N MSE C 248 25.26 29.97 -30.05
CA MSE C 248 26.00 31.22 -29.85
C MSE C 248 25.16 32.41 -30.34
O MSE C 248 24.64 32.36 -31.44
CB MSE C 248 27.35 31.16 -30.59
CG MSE C 248 28.20 30.01 -30.10
SE MSE C 248 29.97 30.12 -30.87
CE MSE C 248 30.81 28.56 -29.87
N PHE C 249 25.02 33.42 -29.50
CA PHE C 249 24.19 34.59 -29.79
C PHE C 249 25.06 35.84 -29.89
N ASN C 250 24.80 36.66 -30.91
CA ASN C 250 25.46 37.96 -31.00
C ASN C 250 25.23 38.71 -29.69
N LYS C 251 26.30 39.22 -29.11
CA LYS C 251 26.23 39.83 -27.77
C LYS C 251 25.26 41.02 -27.74
N SER C 252 25.30 41.86 -28.76
CA SER C 252 24.34 42.97 -28.85
C SER C 252 22.89 42.49 -28.94
N ALA C 253 22.64 41.47 -29.77
CA ALA C 253 21.28 40.93 -29.90
C ALA C 253 20.80 40.37 -28.56
N TYR C 254 21.67 39.60 -27.91
CA TYR C 254 21.31 39.01 -26.62
C TYR C 254 21.03 40.10 -25.56
N GLU C 255 21.92 41.10 -25.47
CA GLU C 255 21.77 42.18 -24.48
C GLU C 255 20.54 43.06 -24.77
N GLY C 256 20.08 43.06 -26.03
CA GLY C 256 18.92 43.83 -26.47
C GLY C 256 17.59 43.18 -26.12
N LEU C 257 17.61 41.91 -25.74
CA LEU C 257 16.39 41.22 -25.31
C LEU C 257 15.96 41.75 -23.96
N THR C 258 14.66 41.70 -23.69
CA THR C 258 14.17 42.04 -22.37
C THR C 258 14.69 40.97 -21.40
N PRO C 259 14.81 41.30 -20.10
CA PRO C 259 15.20 40.27 -19.09
C PRO C 259 14.32 39.01 -19.16
N THR C 260 13.04 39.20 -19.49
CA THR C 260 12.09 38.10 -19.63
C THR C 260 12.52 37.14 -20.74
N TYR C 261 12.83 37.69 -21.91
CA TYR C 261 13.26 36.87 -23.04
C TYR C 261 14.67 36.31 -22.87
N GLN C 262 15.56 37.03 -22.18
CA GLN C 262 16.88 36.46 -21.86
C GLN C 262 16.70 35.21 -21.01
N SER C 263 15.87 35.31 -19.99
CA SER C 263 15.61 34.16 -19.12
C SER C 263 14.99 32.97 -19.86
N LEU C 264 13.92 33.24 -20.61
CA LEU C 264 13.31 32.23 -21.49
C LEU C 264 14.33 31.55 -22.41
N LEU C 265 15.21 32.35 -23.00
CA LEU C 265 16.21 31.82 -23.91
C LEU C 265 17.14 30.84 -23.18
N ARG C 266 17.60 31.23 -21.99
CA ARG C 266 18.48 30.34 -21.21
C ARG C 266 17.74 29.06 -20.84
N THR C 267 16.50 29.20 -20.39
CA THR C 267 15.70 28.02 -20.00
C THR C 267 15.51 27.06 -21.17
N ALA C 268 15.14 27.61 -22.33
CA ALA C 268 14.95 26.81 -23.53
C ALA C 268 16.26 26.13 -24.00
N CYS C 269 17.38 26.85 -23.95
CA CYS C 269 18.66 26.22 -24.35
C CYS C 269 18.97 25.07 -23.40
N HIS C 270 18.73 25.26 -22.11
CA HIS C 270 18.99 24.22 -21.11
C HIS C 270 18.17 22.95 -21.42
N ALA C 271 16.89 23.15 -21.75
CA ALA C 271 16.02 22.04 -22.15
C ALA C 271 16.48 21.42 -23.46
N ALA C 272 16.84 22.24 -24.44
CA ALA C 272 17.22 21.70 -25.76
C ALA C 272 18.52 20.89 -25.62
N ASP C 273 19.39 21.36 -24.73
CA ASP C 273 20.70 20.72 -24.48
C ASP C 273 20.51 19.29 -23.98
N ALA C 274 19.62 19.14 -23.00
CA ALA C 274 19.25 17.83 -22.45
C ALA C 274 18.59 16.99 -23.55
N ASN C 275 17.67 17.61 -24.31
CA ASN C 275 16.92 16.92 -25.36
C ASN C 275 17.79 16.15 -26.37
N MSE C 276 18.86 16.81 -26.86
CA MSE C 276 19.71 16.17 -27.86
C MSE C 276 20.41 14.95 -27.31
O MSE C 276 20.46 13.90 -27.96
CB MSE C 276 20.74 17.13 -28.46
CG MSE C 276 21.48 16.44 -29.60
SE MSE C 276 23.03 17.46 -30.17
CE MSE C 276 22.05 19.02 -30.88
N LEU C 277 20.93 15.08 -26.08
CA LEU C 277 21.60 13.94 -25.41
C LEU C 277 20.63 12.77 -25.27
N GLN C 278 19.41 13.09 -24.82
CA GLN C 278 18.39 12.07 -24.59
C GLN C 278 17.98 11.40 -25.90
N LEU C 279 17.96 12.17 -26.99
CA LEU C 279 17.66 11.62 -28.32
C LEU C 279 18.73 10.63 -28.79
N TYR C 280 20.00 11.00 -28.66
CA TYR C 280 21.08 10.04 -28.98
C TYR C 280 21.07 8.83 -28.09
N ASP C 281 20.79 9.02 -26.80
CA ASP C 281 20.75 7.91 -25.84
C ASP C 281 19.63 6.93 -26.22
N TRP C 282 18.55 7.46 -26.80
CA TRP C 282 17.42 6.65 -27.26
C TRP C 282 17.76 5.91 -28.57
N LYS C 283 18.36 6.63 -29.52
CA LYS C 283 18.55 6.12 -30.90
C LYS C 283 19.81 5.25 -31.07
N ASN C 284 20.89 5.59 -30.37
CA ASN C 284 22.15 4.85 -30.53
C ASN C 284 22.07 3.32 -30.32
N PRO C 285 21.35 2.85 -29.26
CA PRO C 285 21.28 1.40 -29.00
C PRO C 285 20.65 0.59 -30.14
N THR C 286 19.64 1.16 -30.80
CA THR C 286 19.01 0.54 -31.97
C THR C 286 20.01 0.47 -33.14
N ALA C 287 20.69 1.59 -33.38
CA ALA C 287 21.63 1.72 -34.47
C ALA C 287 22.84 0.79 -34.32
N ILE C 288 23.40 0.69 -33.12
CA ILE C 288 24.57 -0.22 -32.94
C ILE C 288 24.18 -1.69 -33.16
N LYS C 289 23.00 -2.08 -32.70
CA LYS C 289 22.50 -3.43 -32.97
C LYS C 289 22.32 -3.68 -34.47
N SER C 290 21.77 -2.69 -35.18
CA SER C 290 21.62 -2.77 -36.64
C SER C 290 22.97 -2.90 -37.35
N LEU C 291 23.95 -2.11 -36.91
CA LEU C 291 25.29 -2.17 -37.49
C LEU C 291 25.94 -3.55 -37.32
N VAL C 292 25.91 -4.07 -36.09
CA VAL C 292 26.46 -5.40 -35.78
C VAL C 292 25.74 -6.51 -36.55
N ALA C 293 24.42 -6.35 -36.74
CA ALA C 293 23.61 -7.26 -37.57
C ALA C 293 24.07 -7.29 -39.02
N GLN C 294 24.56 -6.15 -39.51
CA GLN C 294 24.99 -6.02 -40.89
C GLN C 294 26.48 -6.35 -41.11
N GLY C 295 27.11 -6.93 -40.11
CA GLY C 295 28.49 -7.42 -40.24
C GLY C 295 29.60 -6.62 -39.56
N THR C 296 29.25 -5.47 -38.96
CA THR C 296 30.24 -4.61 -38.30
C THR C 296 31.02 -5.32 -37.19
N GLN C 297 32.33 -5.16 -37.20
CA GLN C 297 33.19 -5.74 -36.18
C GLN C 297 33.68 -4.65 -35.23
N LEU C 298 33.10 -4.61 -34.03
CA LEU C 298 33.45 -3.59 -33.04
C LEU C 298 34.80 -3.89 -32.45
N ARG C 299 35.64 -2.88 -32.27
CA ARG C 299 36.97 -3.10 -31.71
C ARG C 299 37.34 -1.98 -30.74
N PRO C 300 37.75 -2.32 -29.51
CA PRO C 300 38.24 -1.26 -28.63
C PRO C 300 39.66 -0.82 -29.03
N PHE C 301 39.96 0.48 -28.93
CA PHE C 301 41.38 0.89 -28.99
C PHE C 301 42.12 0.22 -27.83
N SER C 302 43.24 -0.42 -28.14
CA SER C 302 44.03 -1.10 -27.11
C SER C 302 44.44 -0.15 -25.98
N PRO C 303 44.70 -0.70 -24.77
CA PRO C 303 45.26 0.15 -23.71
C PRO C 303 46.54 0.87 -24.13
N GLU C 304 47.40 0.20 -24.93
CA GLU C 304 48.65 0.80 -25.42
C GLU C 304 48.37 2.03 -26.27
N ILE C 305 47.40 1.90 -27.18
CA ILE C 305 47.01 3.00 -28.06
C ILE C 305 46.41 4.14 -27.23
N LEU C 306 45.47 3.83 -26.35
CA LEU C 306 44.86 4.88 -25.53
C LEU C 306 45.88 5.62 -24.68
N GLN C 307 46.81 4.89 -24.07
CA GLN C 307 47.83 5.53 -23.23
C GLN C 307 48.73 6.46 -24.05
N ALA C 308 49.09 6.02 -25.26
CA ALA C 308 49.94 6.86 -26.13
C ALA C 308 49.22 8.14 -26.54
N CYS C 309 47.93 8.01 -26.88
CA CYS C 309 47.11 9.19 -27.25
C CYS C 309 46.97 10.13 -26.06
N PHE C 310 46.75 9.55 -24.89
CA PHE C 310 46.68 10.33 -23.65
C PHE C 310 47.94 11.18 -23.43
N GLU C 311 49.11 10.53 -23.52
CA GLU C 311 50.38 11.23 -23.30
C GLU C 311 50.66 12.28 -24.38
N ALA C 312 50.32 11.95 -25.63
CA ALA C 312 50.49 12.87 -26.76
C ALA C 312 49.58 14.08 -26.55
N ALA C 313 48.34 13.82 -26.11
CA ALA C 313 47.42 14.91 -25.77
C ALA C 313 47.98 15.82 -24.67
N ASN C 314 48.52 15.24 -23.61
CA ASN C 314 49.12 16.04 -22.52
C ASN C 314 50.27 16.94 -22.97
N GLU C 315 51.02 16.47 -23.96
CA GLU C 315 52.07 17.25 -24.61
C GLU C 315 51.50 18.49 -25.29
N VAL C 316 50.46 18.30 -26.11
CA VAL C 316 49.76 19.40 -26.76
C VAL C 316 49.23 20.40 -25.72
N TYR C 317 48.56 19.90 -24.68
CA TYR C 317 48.01 20.77 -23.61
C TYR C 317 49.08 21.58 -22.90
N ALA C 318 50.21 20.94 -22.60
CA ALA C 318 51.32 21.65 -21.95
C ALA C 318 51.81 22.82 -22.80
N GLU C 319 51.93 22.60 -24.10
CA GLU C 319 52.34 23.64 -25.05
C GLU C 319 51.35 24.81 -25.03
N MSE C 320 50.06 24.48 -25.10
CA MSE C 320 49.04 25.52 -25.13
C MSE C 320 48.93 26.27 -23.81
O MSE C 320 48.78 27.49 -23.80
CB MSE C 320 47.69 24.95 -25.56
CG MSE C 320 47.65 24.72 -27.08
SE MSE C 320 46.10 23.65 -27.55
CE MSE C 320 46.41 23.53 -29.55
N GLU C 321 49.03 25.55 -22.69
CA GLU C 321 48.94 26.18 -21.39
C GLU C 321 50.08 27.16 -21.14
N ALA C 322 51.24 26.86 -21.71
CA ALA C 322 52.44 27.66 -21.51
C ALA C 322 52.37 28.98 -22.27
N SER C 323 51.57 29.02 -23.34
CA SER C 323 51.58 30.17 -24.24
C SER C 323 50.22 30.86 -24.43
N ASN C 324 49.17 30.27 -23.87
CA ASN C 324 47.80 30.78 -24.07
C ASN C 324 47.08 30.82 -22.71
N PRO C 325 47.16 31.97 -22.00
CA PRO C 325 46.52 32.11 -20.70
C PRO C 325 45.00 31.83 -20.67
N ALA C 326 44.29 32.23 -21.73
CA ALA C 326 42.84 32.00 -21.77
C ALA C 326 42.55 30.49 -21.80
N PHE C 327 43.33 29.78 -22.61
CA PHE C 327 43.26 28.32 -22.68
C PHE C 327 43.56 27.71 -21.31
N LYS C 328 44.68 28.11 -20.69
CA LYS C 328 45.04 27.60 -19.37
C LYS C 328 43.96 27.80 -18.32
N LYS C 329 43.36 28.99 -18.28
CA LYS C 329 42.32 29.28 -17.29
C LYS C 329 41.17 28.27 -17.37
N ILE C 330 40.66 28.04 -18.58
CA ILE C 330 39.48 27.17 -18.73
C ILE C 330 39.86 25.71 -18.55
N TRP C 331 40.96 25.28 -19.16
CA TRP C 331 41.40 23.88 -19.05
C TRP C 331 41.72 23.51 -17.59
N ASP C 332 42.39 24.40 -16.87
CA ASP C 332 42.65 24.18 -15.44
C ASP C 332 41.36 23.97 -14.64
N SER C 333 40.33 24.77 -14.96
CA SER C 333 39.02 24.64 -14.30
C SER C 333 38.39 23.27 -14.61
N ILE C 334 38.36 22.87 -15.88
CA ILE C 334 37.81 21.56 -16.27
C ILE C 334 38.60 20.47 -15.56
N LYS C 335 39.93 20.57 -15.60
CA LYS C 335 40.80 19.54 -14.99
C LYS C 335 40.54 19.40 -13.48
N ALA C 336 40.28 20.51 -12.82
CA ALA C 336 40.07 20.49 -11.36
C ALA C 336 38.83 19.63 -11.07
N PHE C 337 37.79 19.77 -11.88
CA PHE C 337 36.57 18.96 -11.67
C PHE C 337 36.73 17.54 -12.19
N ARG C 338 37.44 17.40 -13.31
CA ARG C 338 37.66 16.11 -13.94
C ARG C 338 38.14 15.07 -12.92
N SER C 339 39.12 15.44 -12.10
CA SER C 339 39.66 14.46 -11.15
C SER C 339 38.61 14.09 -10.10
N GLU C 340 37.84 15.09 -9.64
CA GLU C 340 36.79 14.85 -8.64
C GLU C 340 35.66 13.99 -9.20
N HIS C 341 35.23 14.33 -10.41
CA HIS C 341 34.18 13.57 -11.08
C HIS C 341 34.56 12.09 -11.21
N TYR C 342 35.76 11.82 -11.71
CA TYR C 342 36.19 10.44 -11.95
C TYR C 342 36.57 9.65 -10.68
N THR C 343 36.63 10.35 -9.56
CA THR C 343 36.71 9.71 -8.25
C THR C 343 35.30 9.25 -7.85
N TRP C 344 34.34 10.16 -7.83
CA TRP C 344 32.98 9.84 -7.42
C TRP C 344 32.29 8.84 -8.34
N ALA C 345 32.46 9.02 -9.66
CA ALA C 345 31.78 8.19 -10.65
C ALA C 345 32.10 6.70 -10.54
N GLN C 346 33.25 6.35 -9.97
CA GLN C 346 33.58 4.94 -9.87
C GLN C 346 32.93 4.22 -8.66
N ILE C 347 32.19 4.98 -7.85
CA ILE C 347 31.51 4.42 -6.67
C ILE C 347 30.09 3.93 -7.02
N ALA C 348 29.06 4.73 -6.72
CA ALA C 348 27.67 4.33 -6.97
C ALA C 348 27.37 4.07 -8.44
N GLU C 349 27.67 5.06 -9.29
CA GLU C 349 27.27 4.99 -10.71
C GLU C 349 27.90 3.79 -11.41
N TYR C 350 29.24 3.68 -11.28
CA TYR C 350 29.97 2.60 -11.92
C TYR C 350 29.52 1.23 -11.43
N ASN C 351 29.34 1.10 -10.11
CA ASN C 351 28.99 -0.21 -9.56
C ASN C 351 27.58 -0.60 -9.98
N TYR C 352 26.65 0.36 -9.97
CA TYR C 352 25.30 0.10 -10.44
C TYR C 352 25.28 -0.33 -11.91
N ASP C 353 25.85 0.50 -12.80
CA ASP C 353 25.84 0.18 -14.22
C ASP C 353 26.57 -1.12 -14.56
N THR C 354 27.72 -1.36 -13.93
CA THR C 354 28.49 -2.59 -14.18
C THR C 354 27.64 -3.81 -13.85
N PHE C 355 26.95 -3.78 -12.71
CA PHE C 355 26.06 -4.89 -12.37
C PHE C 355 25.00 -5.12 -13.47
N MSE C 356 24.40 -4.03 -13.96
CA MSE C 356 23.38 -4.13 -14.99
C MSE C 356 23.95 -4.72 -16.27
O MSE C 356 23.29 -5.53 -16.91
CB MSE C 356 22.77 -2.75 -15.27
CG MSE C 356 22.07 -2.16 -14.07
SE MSE C 356 20.61 -3.33 -13.33
CE MSE C 356 19.50 -3.40 -14.87
N MSE C 357 25.17 -4.33 -16.61
CA MSE C 357 25.83 -4.82 -17.81
C MSE C 357 26.18 -6.30 -17.72
O MSE C 357 26.03 -7.03 -18.70
CB MSE C 357 27.08 -4.00 -18.09
CG MSE C 357 26.76 -2.55 -18.46
SE MSE C 357 28.35 -1.42 -18.31
CE MSE C 357 27.44 0.33 -18.79
N VAL C 358 26.65 -6.72 -16.55
CA VAL C 358 26.89 -8.15 -16.27
C VAL C 358 25.60 -8.97 -16.47
N GLN C 359 24.50 -8.49 -15.90
CA GLN C 359 23.20 -9.13 -16.07
C GLN C 359 22.77 -9.17 -17.53
N GLN C 360 22.98 -8.08 -18.28
CA GLN C 360 22.65 -8.07 -19.70
C GLN C 360 23.43 -9.15 -20.45
N ASN C 361 24.73 -9.21 -20.18
CA ASN C 361 25.66 -10.11 -20.88
C ASN C 361 25.40 -11.57 -20.53
N ALA C 362 24.84 -11.80 -19.35
CA ALA C 362 24.44 -13.15 -18.91
C ALA C 362 23.05 -13.55 -19.41
N GLY C 363 22.38 -12.64 -20.11
CA GLY C 363 21.04 -12.89 -20.62
C GLY C 363 19.95 -12.83 -19.56
N LYS C 364 20.21 -12.13 -18.44
CA LYS C 364 19.28 -12.11 -17.31
C LYS C 364 18.32 -10.90 -17.29
N LEU C 365 18.51 -9.98 -18.25
CA LEU C 365 17.63 -8.80 -18.35
C LEU C 365 16.52 -9.00 -19.38
N SER D 28 -0.85 38.49 -24.44
CA SER D 28 -1.66 38.53 -23.18
C SER D 28 -2.19 37.13 -22.86
N ALA D 29 -1.68 36.51 -21.81
CA ALA D 29 -2.16 35.21 -21.36
C ALA D 29 -2.87 35.34 -20.01
N PRO D 30 -3.84 34.43 -19.71
CA PRO D 30 -4.47 34.46 -18.39
C PRO D 30 -3.43 34.39 -17.27
N LYS D 31 -3.64 35.15 -16.21
CA LYS D 31 -2.76 35.10 -15.04
C LYS D 31 -2.87 33.72 -14.38
N VAL D 32 -1.73 33.13 -14.04
CA VAL D 32 -1.71 31.84 -13.37
C VAL D 32 -1.11 32.06 -11.98
N THR D 33 -1.87 31.69 -10.95
CA THR D 33 -1.43 31.91 -9.58
C THR D 33 -1.67 30.60 -8.86
N TRP D 34 -0.65 29.75 -8.85
CA TRP D 34 -0.75 28.39 -8.33
C TRP D 34 0.02 28.18 -7.03
N ARG D 35 -0.35 27.13 -6.31
CA ARG D 35 0.40 26.67 -5.14
C ARG D 35 0.97 25.29 -5.42
N LEU D 36 2.21 25.09 -5.02
CA LEU D 36 2.84 23.78 -5.14
C LEU D 36 3.13 23.23 -3.76
N ALA D 37 2.70 21.99 -3.53
CA ALA D 37 2.99 21.32 -2.26
C ALA D 37 4.14 20.35 -2.49
N SER D 38 5.28 20.58 -1.83
CA SER D 38 6.43 19.69 -2.00
C SER D 38 6.29 18.49 -1.08
N SER D 39 6.79 17.34 -1.53
CA SER D 39 6.93 16.20 -0.61
C SER D 39 8.17 16.33 0.28
N PHE D 40 8.94 17.40 0.05
CA PHE D 40 10.27 17.49 0.64
C PHE D 40 10.42 18.62 1.64
N PRO D 41 11.22 18.41 2.71
CA PRO D 41 11.54 19.49 3.64
C PRO D 41 12.60 20.42 3.03
N LYS D 42 12.67 21.67 3.49
CA LYS D 42 13.68 22.61 3.00
C LYS D 42 15.11 22.11 3.21
N SER D 43 15.32 21.29 4.25
CA SER D 43 16.63 20.72 4.56
C SER D 43 17.18 19.80 3.46
N LEU D 44 16.29 19.23 2.65
CA LEU D 44 16.70 18.45 1.48
C LEU D 44 16.84 19.47 0.34
N ASP D 45 17.90 20.29 0.38
CA ASP D 45 17.88 21.55 -0.35
C ASP D 45 17.90 21.42 -1.87
N THR D 46 18.59 20.41 -2.37
CA THR D 46 18.73 20.22 -3.82
C THR D 46 17.44 19.62 -4.41
N ILE D 47 16.83 18.69 -3.67
CA ILE D 47 15.60 18.06 -4.15
C ILE D 47 14.44 19.04 -3.97
N PHE D 48 14.23 19.52 -2.74
CA PHE D 48 13.22 20.56 -2.51
C PHE D 48 13.40 21.73 -3.49
N GLY D 49 14.66 22.12 -3.68
CA GLY D 49 15.07 23.26 -4.51
C GLY D 49 14.60 23.18 -5.95
N GLY D 50 14.42 21.97 -6.48
CA GLY D 50 13.91 21.78 -7.85
C GLY D 50 12.63 22.57 -8.12
N ALA D 51 11.75 22.63 -7.11
CA ALA D 51 10.48 23.36 -7.28
C ALA D 51 10.72 24.87 -7.35
N GLU D 52 11.69 25.36 -6.55
CA GLU D 52 12.07 26.79 -6.58
C GLU D 52 12.67 27.16 -7.95
N VAL D 53 13.44 26.24 -8.50
CA VAL D 53 14.05 26.42 -9.81
C VAL D 53 12.95 26.54 -10.88
N LEU D 54 11.98 25.61 -10.87
CA LEU D 54 10.86 25.65 -11.83
C LEU D 54 10.09 26.98 -11.67
N SER D 55 9.73 27.29 -10.43
CA SER D 55 8.97 28.51 -10.16
C SER D 55 9.66 29.76 -10.71
N LYS D 56 10.96 29.87 -10.46
CA LYS D 56 11.78 30.96 -10.96
C LYS D 56 11.83 31.00 -12.49
N MSE D 57 12.03 29.85 -13.13
CA MSE D 57 12.02 29.75 -14.59
C MSE D 57 10.73 30.28 -15.18
O MSE D 57 10.73 31.04 -16.16
CB MSE D 57 12.19 28.30 -15.03
CG MSE D 57 13.62 27.83 -14.90
SE MSE D 57 13.73 25.95 -15.32
CE MSE D 57 15.77 25.77 -15.28
N LEU D 58 9.61 29.88 -14.57
CA LEU D 58 8.29 30.24 -15.10
C LEU D 58 7.96 31.73 -14.89
N SER D 59 8.29 32.24 -13.72
CA SER D 59 8.00 33.63 -13.37
C SER D 59 8.85 34.57 -14.24
N GLU D 60 10.13 34.27 -14.34
CA GLU D 60 11.05 35.07 -15.14
C GLU D 60 10.72 35.08 -16.61
N ALA D 61 10.27 33.93 -17.14
CA ALA D 61 9.94 33.83 -18.55
C ALA D 61 8.62 34.48 -18.90
N THR D 62 7.87 34.89 -17.87
CA THR D 62 6.52 35.48 -18.08
C THR D 62 6.34 36.81 -17.38
N ASP D 63 7.45 37.38 -16.92
CA ASP D 63 7.43 38.63 -16.16
C ASP D 63 6.38 38.55 -15.02
N GLY D 64 6.35 37.42 -14.31
CA GLY D 64 5.50 37.27 -13.14
C GLY D 64 4.06 36.83 -13.43
N ASN D 65 3.72 36.61 -14.69
CA ASN D 65 2.35 36.20 -15.03
C ASN D 65 2.01 34.73 -14.70
N PHE D 66 3.03 33.87 -14.76
CA PHE D 66 2.89 32.46 -14.44
C PHE D 66 3.62 32.29 -13.12
N GLN D 67 2.85 32.28 -12.03
CA GLN D 67 3.42 32.19 -10.70
C GLN D 67 3.06 30.89 -10.00
N ILE D 68 4.09 30.19 -9.54
CA ILE D 68 3.89 29.03 -8.68
C ILE D 68 4.54 29.29 -7.32
N GLN D 69 3.72 29.35 -6.28
CA GLN D 69 4.21 29.60 -4.93
C GLN D 69 4.55 28.26 -4.29
N VAL D 70 5.80 28.09 -3.86
CA VAL D 70 6.27 26.78 -3.39
C VAL D 70 6.21 26.66 -1.87
N PHE D 71 5.62 25.57 -1.40
CA PHE D 71 5.53 25.26 0.03
C PHE D 71 6.24 23.95 0.32
N SER D 72 7.05 23.94 1.37
CA SER D 72 7.76 22.71 1.74
C SER D 72 6.83 21.75 2.47
N ALA D 73 7.30 20.51 2.63
CA ALA D 73 6.50 19.44 3.23
C ALA D 73 5.90 19.87 4.58
N GLY D 74 4.60 19.63 4.75
CA GLY D 74 3.92 19.96 6.01
C GLY D 74 3.31 21.35 6.09
N GLU D 75 3.73 22.27 5.21
CA GLU D 75 3.24 23.66 5.28
C GLU D 75 1.76 23.75 4.89
N LEU D 76 1.40 23.06 3.81
CA LEU D 76 0.01 22.95 3.38
C LEU D 76 -0.59 21.57 3.70
N VAL D 77 0.14 20.52 3.37
CA VAL D 77 -0.24 19.13 3.66
C VAL D 77 1.03 18.34 4.02
N PRO D 78 0.88 17.20 4.73
CA PRO D 78 2.05 16.33 4.93
C PRO D 78 2.70 15.99 3.58
N GLY D 79 4.01 15.87 3.58
CA GLY D 79 4.77 15.57 2.37
C GLY D 79 4.23 14.39 1.59
N LEU D 80 3.90 13.31 2.30
CA LEU D 80 3.38 12.09 1.65
C LEU D 80 1.92 12.22 1.14
N GLN D 81 1.24 13.31 1.47
CA GLN D 81 -0.13 13.56 0.99
C GLN D 81 -0.15 14.55 -0.19
N ALA D 82 1.03 14.88 -0.71
CA ALA D 82 1.12 15.94 -1.72
C ALA D 82 0.36 15.58 -2.99
N ALA D 83 0.55 14.35 -3.47
CA ALA D 83 -0.13 13.89 -4.70
C ALA D 83 -1.65 13.85 -4.53
N ASP D 84 -2.10 13.38 -3.37
CA ASP D 84 -3.54 13.36 -3.04
C ASP D 84 -4.15 14.75 -3.11
N ALA D 85 -3.44 15.73 -2.56
CA ALA D 85 -3.88 17.13 -2.58
C ALA D 85 -4.03 17.64 -4.02
N VAL D 86 -3.14 17.19 -4.90
CA VAL D 86 -3.22 17.52 -6.34
C VAL D 86 -4.45 16.88 -6.99
N THR D 87 -4.61 15.58 -6.77
CA THR D 87 -5.74 14.81 -7.29
C THR D 87 -7.07 15.47 -6.90
N GLU D 88 -7.14 15.94 -5.65
CA GLU D 88 -8.38 16.56 -5.10
C GLU D 88 -8.55 18.04 -5.49
N GLY D 89 -7.53 18.63 -6.09
CA GLY D 89 -7.55 20.05 -6.46
C GLY D 89 -7.37 21.01 -5.29
N THR D 90 -6.87 20.51 -4.16
CA THR D 90 -6.54 21.31 -2.98
C THR D 90 -5.38 22.26 -3.30
N VAL D 91 -4.43 21.76 -4.09
CA VAL D 91 -3.34 22.55 -4.67
C VAL D 91 -3.30 22.20 -6.15
N GLU D 92 -2.65 23.05 -6.95
CA GLU D 92 -2.57 22.80 -8.39
C GLU D 92 -1.45 21.84 -8.77
N CYS D 93 -0.44 21.70 -7.91
CA CYS D 93 0.71 20.88 -8.28
C CYS D 93 1.52 20.44 -7.06
N CYS D 94 2.37 19.44 -7.28
CA CYS D 94 3.27 19.00 -6.25
C CYS D 94 4.61 18.63 -6.88
N HIS D 95 5.62 18.44 -6.03
CA HIS D 95 6.93 17.96 -6.49
C HIS D 95 7.22 16.78 -5.58
N THR D 96 7.41 15.61 -6.16
CA THR D 96 7.41 14.37 -5.38
C THR D 96 8.20 13.25 -6.09
N VAL D 97 8.33 12.11 -5.43
CA VAL D 97 8.85 10.91 -6.10
C VAL D 97 7.74 9.88 -6.18
N GLY D 98 7.48 9.43 -7.40
CA GLY D 98 6.41 8.46 -7.68
C GLY D 98 6.44 7.23 -6.79
N TYR D 99 7.63 6.76 -6.42
CA TYR D 99 7.67 5.56 -5.58
C TYR D 99 7.15 5.76 -4.15
N TYR D 100 6.99 7.03 -3.72
CA TYR D 100 6.31 7.32 -2.44
C TYR D 100 4.88 6.75 -2.45
N TYR D 101 4.36 6.47 -3.65
CA TYR D 101 2.97 6.01 -3.83
C TYR D 101 2.86 4.55 -4.29
N TRP D 102 3.95 3.80 -4.09
CA TRP D 102 4.00 2.38 -4.36
C TRP D 102 2.81 1.70 -3.66
N GLY D 103 2.57 2.14 -2.42
CA GLY D 103 1.46 1.64 -1.60
C GLY D 103 0.08 1.86 -2.19
N LYS D 104 -0.10 2.95 -2.93
CA LYS D 104 -1.38 3.28 -3.56
C LYS D 104 -1.57 2.48 -4.84
N ASP D 105 -0.50 2.41 -5.64
CA ASP D 105 -0.44 1.55 -6.81
C ASP D 105 1.05 1.38 -7.19
N PRO D 106 1.54 0.14 -7.30
CA PRO D 106 2.96 -0.04 -7.66
C PRO D 106 3.35 0.63 -8.97
N THR D 107 2.39 0.82 -9.87
CA THR D 107 2.64 1.51 -11.16
C THR D 107 3.24 2.91 -10.94
N PHE D 108 2.81 3.58 -9.87
CA PHE D 108 3.38 4.90 -9.54
C PHE D 108 4.90 4.92 -9.51
N ALA D 109 5.52 3.81 -9.08
CA ALA D 109 6.96 3.78 -8.82
C ALA D 109 7.78 3.73 -10.12
N LEU D 110 7.17 3.21 -11.17
CA LEU D 110 7.92 2.75 -12.36
C LEU D 110 8.69 3.85 -13.06
N ALA D 111 8.05 5.01 -13.25
CA ALA D 111 8.68 6.15 -13.94
C ALA D 111 9.54 7.01 -12.98
N ALA D 112 9.59 6.61 -11.71
CA ALA D 112 10.32 7.30 -10.68
C ALA D 112 11.62 6.54 -10.40
N ALA D 113 11.51 5.45 -9.65
CA ALA D 113 12.64 4.52 -9.49
C ALA D 113 12.08 3.19 -9.00
N VAL D 114 12.53 2.12 -9.63
CA VAL D 114 12.31 0.75 -9.13
C VAL D 114 13.64 -0.05 -9.21
N PRO D 115 13.75 -1.14 -8.42
CA PRO D 115 14.98 -1.97 -8.38
C PRO D 115 15.47 -2.46 -9.75
N PHE D 116 16.76 -2.23 -10.03
CA PHE D 116 17.37 -2.73 -11.26
C PHE D 116 16.71 -2.18 -12.53
N SER D 117 16.31 -0.92 -12.46
CA SER D 117 15.84 -0.17 -13.63
C SER D 117 17.03 0.57 -14.29
N LEU D 118 16.73 1.55 -15.14
CA LEU D 118 17.78 2.32 -15.82
C LEU D 118 18.37 3.43 -14.95
N SER D 119 19.67 3.70 -15.13
CA SER D 119 20.29 4.86 -14.48
C SER D 119 19.82 6.11 -15.24
N ALA D 120 20.31 7.27 -14.81
CA ALA D 120 19.72 8.57 -15.21
C ALA D 120 19.62 8.81 -16.72
N ARG D 121 20.73 8.67 -17.45
CA ARG D 121 20.64 8.91 -18.91
C ARG D 121 19.69 7.94 -19.61
N GLY D 122 19.71 6.67 -19.18
CA GLY D 122 18.79 5.68 -19.72
C GLY D 122 17.33 6.02 -19.51
N ILE D 123 16.95 6.29 -18.26
CA ILE D 123 15.55 6.56 -17.97
C ILE D 123 15.10 7.85 -18.67
N ASN D 124 15.97 8.87 -18.71
CA ASN D 124 15.64 10.10 -19.46
C ASN D 124 15.43 9.86 -20.96
N ALA D 125 16.27 9.03 -21.57
CA ALA D 125 16.05 8.61 -22.97
C ALA D 125 14.61 8.07 -23.15
N TRP D 126 14.21 7.17 -22.25
CA TRP D 126 12.89 6.57 -22.28
C TRP D 126 11.79 7.63 -22.04
N HIS D 127 11.97 8.47 -21.00
CA HIS D 127 11.00 9.55 -20.72
C HIS D 127 10.70 10.42 -21.93
N TYR D 128 11.75 10.96 -22.52
CA TYR D 128 11.61 12.03 -23.49
C TYR D 128 11.49 11.56 -24.94
N HIS D 129 12.02 10.39 -25.23
CA HIS D 129 12.03 9.90 -26.61
C HIS D 129 11.54 8.46 -26.82
N GLY D 130 11.31 7.77 -25.70
CA GLY D 130 10.81 6.41 -25.75
C GLY D 130 9.33 6.30 -25.42
N GLY D 131 8.63 7.45 -25.34
CA GLY D 131 7.19 7.47 -25.05
C GLY D 131 6.84 7.35 -23.58
N GLY D 132 7.86 7.40 -22.72
CA GLY D 132 7.65 7.20 -21.27
C GLY D 132 6.79 8.24 -20.61
N ILE D 133 6.97 9.51 -20.95
CA ILE D 133 6.11 10.56 -20.39
C ILE D 133 4.63 10.27 -20.71
N ASP D 134 4.34 9.95 -21.96
CA ASP D 134 2.96 9.64 -22.36
C ASP D 134 2.42 8.38 -21.65
N LEU D 135 3.25 7.35 -21.57
CA LEU D 135 2.84 6.12 -20.89
C LEU D 135 2.49 6.39 -19.43
N TYR D 136 3.35 7.11 -18.71
CA TYR D 136 3.04 7.44 -17.33
C TYR D 136 1.77 8.29 -17.23
N ASN D 137 1.61 9.24 -18.15
CA ASN D 137 0.42 10.13 -18.11
C ASN D 137 -0.86 9.38 -18.43
N GLU D 138 -0.74 8.33 -19.23
CA GLU D 138 -1.90 7.45 -19.49
C GLU D 138 -2.38 6.82 -18.16
N PHE D 139 -1.44 6.33 -17.36
CA PHE D 139 -1.76 5.80 -16.03
C PHE D 139 -2.31 6.88 -15.08
N LEU D 140 -1.69 8.06 -15.10
CA LEU D 140 -2.01 9.11 -14.14
C LEU D 140 -3.35 9.82 -14.40
N SER D 141 -3.85 9.72 -15.64
CA SER D 141 -5.11 10.39 -16.03
C SER D 141 -6.28 10.10 -15.07
N GLN D 142 -6.46 8.82 -14.74
CA GLN D 142 -7.52 8.41 -13.80
C GLN D 142 -7.34 9.00 -12.41
N HIS D 143 -6.12 9.39 -12.07
CA HIS D 143 -5.80 10.04 -10.81
C HIS D 143 -5.82 11.56 -10.92
N ASN D 144 -6.31 12.08 -12.05
CA ASN D 144 -6.48 13.52 -12.21
C ASN D 144 -5.14 14.27 -12.14
N ILE D 145 -4.11 13.63 -12.70
CA ILE D 145 -2.76 14.17 -12.71
C ILE D 145 -2.15 14.11 -14.10
N VAL D 146 -1.44 15.19 -14.44
CA VAL D 146 -0.52 15.18 -15.57
C VAL D 146 0.86 15.48 -14.97
N ALA D 147 1.85 14.63 -15.28
CA ALA D 147 3.19 14.77 -14.66
C ALA D 147 4.28 14.87 -15.71
N PHE D 148 5.36 15.55 -15.32
CA PHE D 148 6.57 15.60 -16.14
C PHE D 148 7.79 15.48 -15.22
N PRO D 149 8.88 14.86 -15.72
CA PRO D 149 10.11 14.75 -14.89
C PRO D 149 10.52 16.10 -14.35
N GLY D 150 10.97 16.11 -13.11
CA GLY D 150 11.32 17.36 -12.43
C GLY D 150 12.61 17.23 -11.66
N GLY D 151 13.51 16.37 -12.15
CA GLY D 151 14.83 16.21 -11.54
C GLY D 151 15.23 14.75 -11.56
N ASN D 152 16.53 14.50 -11.48
CA ASN D 152 17.03 13.15 -11.24
C ASN D 152 18.15 13.33 -10.24
N THR D 153 18.27 12.40 -9.30
CA THR D 153 19.34 12.47 -8.31
C THR D 153 20.62 11.72 -8.75
N GLY D 154 20.51 10.92 -9.82
CA GLY D 154 21.57 9.93 -10.15
C GLY D 154 21.53 8.82 -9.11
N VAL D 155 22.43 7.84 -9.22
CA VAL D 155 22.36 6.67 -8.35
C VAL D 155 22.48 7.15 -6.91
N GLN D 156 21.60 6.65 -6.04
CA GLN D 156 21.70 6.97 -4.61
C GLN D 156 22.50 5.91 -3.88
N MSE D 157 22.86 6.20 -2.63
CA MSE D 157 23.65 5.21 -1.88
C MSE D 157 22.78 4.10 -1.29
O MSE D 157 21.55 4.21 -1.27
CB MSE D 157 24.51 5.91 -0.84
CG MSE D 157 25.55 6.87 -1.47
SE MSE D 157 26.96 5.92 -2.48
CE MSE D 157 28.03 5.34 -0.87
N GLY D 158 23.43 3.01 -0.83
CA GLY D 158 22.72 1.88 -0.25
C GLY D 158 22.47 1.97 1.24
N GLY D 159 22.87 3.07 1.86
CA GLY D 159 22.57 3.31 3.27
C GLY D 159 23.73 3.22 4.27
N TRP D 160 23.39 3.50 5.53
CA TRP D 160 24.35 3.62 6.63
C TRP D 160 24.16 2.45 7.59
N PHE D 161 25.23 1.71 7.86
CA PHE D 161 25.13 0.44 8.58
C PHE D 161 26.05 0.43 9.82
N ARG D 162 25.52 -0.07 10.94
CA ARG D 162 26.31 -0.17 12.17
C ARG D 162 27.43 -1.20 12.03
N ARG D 163 27.12 -2.26 11.30
CA ARG D 163 28.01 -3.39 11.14
C ARG D 163 27.99 -3.81 9.68
N GLU D 164 29.09 -4.39 9.22
CA GLU D 164 29.19 -4.88 7.86
C GLU D 164 28.25 -6.06 7.58
N ILE D 165 27.75 -6.10 6.35
CA ILE D 165 27.10 -7.30 5.81
C ILE D 165 27.81 -7.73 4.54
N ASN D 166 28.00 -9.04 4.39
CA ASN D 166 28.72 -9.61 3.23
C ASN D 166 27.95 -10.69 2.51
N THR D 167 27.05 -11.37 3.22
CA THR D 167 26.28 -12.48 2.67
C THR D 167 24.78 -12.26 2.88
N VAL D 168 23.96 -13.05 2.21
CA VAL D 168 22.50 -13.03 2.43
C VAL D 168 22.20 -13.40 3.88
N ALA D 169 22.99 -14.34 4.42
CA ALA D 169 22.86 -14.78 5.81
C ALA D 169 23.05 -13.62 6.79
N ASP D 170 23.95 -12.69 6.47
CA ASP D 170 24.18 -11.51 7.32
C ASP D 170 22.96 -10.60 7.43
N MSE D 171 22.01 -10.76 6.52
CA MSE D 171 20.87 -9.87 6.46
C MSE D 171 19.68 -10.32 7.30
O MSE D 171 18.81 -9.50 7.60
CB MSE D 171 20.43 -9.67 5.01
CG MSE D 171 21.60 -9.31 4.12
SE MSE D 171 21.06 -8.91 2.31
CE MSE D 171 20.16 -10.52 1.83
N GLN D 172 19.64 -11.60 7.68
CA GLN D 172 18.51 -12.10 8.47
C GLN D 172 18.38 -11.37 9.79
N GLY D 173 17.19 -10.82 10.02
CA GLY D 173 16.89 -10.06 11.23
C GLY D 173 17.41 -8.63 11.24
N LEU D 174 18.11 -8.22 10.18
CA LEU D 174 18.62 -6.86 10.06
C LEU D 174 17.46 -5.89 10.15
N LYS D 175 17.52 -4.96 11.11
CA LYS D 175 16.48 -3.93 11.27
C LYS D 175 16.90 -2.67 10.50
N MSE D 176 16.28 -2.46 9.34
CA MSE D 176 16.65 -1.33 8.50
C MSE D 176 15.49 -0.41 8.22
O MSE D 176 14.40 -0.87 7.86
CB MSE D 176 17.22 -1.83 7.18
CG MSE D 176 17.69 -0.71 6.26
SE MSE D 176 18.43 -1.44 4.63
CE MSE D 176 19.27 0.26 3.92
N ARG D 177 15.73 0.89 8.36
CA ARG D 177 14.77 1.90 7.96
C ARG D 177 14.71 1.94 6.42
N VAL D 178 13.67 1.32 5.86
CA VAL D 178 13.46 1.13 4.42
C VAL D 178 12.00 0.68 4.21
N GLY D 179 11.43 0.93 3.03
CA GLY D 179 10.05 0.53 2.79
C GLY D 179 9.70 0.46 1.31
N GLY D 180 8.40 0.29 1.04
CA GLY D 180 7.92 0.12 -0.33
C GLY D 180 8.57 -1.05 -1.05
N PHE D 181 8.81 -0.88 -2.36
CA PHE D 181 9.37 -1.95 -3.19
C PHE D 181 10.70 -2.45 -2.61
N ALA D 182 11.59 -1.51 -2.30
CA ALA D 182 12.90 -1.84 -1.73
C ALA D 182 12.75 -2.65 -0.45
N GLY D 183 11.88 -2.19 0.45
CA GLY D 183 11.59 -2.88 1.71
C GLY D 183 11.02 -4.28 1.49
N LYS D 184 10.12 -4.40 0.51
CA LYS D 184 9.51 -5.68 0.16
C LYS D 184 10.55 -6.69 -0.30
N VAL D 185 11.48 -6.26 -1.15
CA VAL D 185 12.52 -7.14 -1.66
C VAL D 185 13.44 -7.63 -0.53
N MSE D 186 13.90 -6.69 0.28
CA MSE D 186 14.82 -7.00 1.35
C MSE D 186 14.20 -7.84 2.45
O MSE D 186 14.86 -8.66 3.07
CB MSE D 186 15.38 -5.73 1.91
CG MSE D 186 16.23 -5.08 0.87
SE MSE D 186 17.58 -4.14 1.73
CE MSE D 186 16.61 -2.58 2.08
N GLU D 187 12.90 -7.65 2.65
CA GLU D 187 12.15 -8.48 3.57
C GLU D 187 12.16 -9.96 3.15
N ARG D 188 12.09 -10.22 1.83
CA ARG D 188 12.20 -11.58 1.29
C ARG D 188 13.52 -12.25 1.68
N LEU D 189 14.55 -11.43 1.85
CA LEU D 189 15.87 -11.92 2.21
C LEU D 189 16.13 -11.81 3.72
N GLY D 190 15.07 -11.61 4.49
CA GLY D 190 15.17 -11.64 5.95
C GLY D 190 15.36 -10.34 6.71
N VAL D 191 15.48 -9.21 6.02
CA VAL D 191 15.52 -7.95 6.76
C VAL D 191 14.12 -7.58 7.27
N VAL D 192 14.08 -6.84 8.37
CA VAL D 192 12.81 -6.40 8.92
C VAL D 192 12.72 -4.87 8.85
N PRO D 193 11.98 -4.37 7.82
CA PRO D 193 11.85 -2.96 7.59
C PRO D 193 11.28 -2.24 8.78
N GLN D 194 11.83 -1.05 9.04
CA GLN D 194 11.42 -0.22 10.16
C GLN D 194 10.90 1.11 9.62
N GLN D 195 9.88 1.65 10.30
CA GLN D 195 9.42 3.01 10.08
C GLN D 195 9.84 3.83 11.29
N ILE D 196 10.60 4.89 11.03
CA ILE D 196 11.15 5.74 12.08
C ILE D 196 11.14 7.16 11.52
N ALA D 197 10.65 8.10 12.32
CA ALA D 197 10.67 9.51 11.93
C ALA D 197 12.12 9.93 11.68
N GLY D 198 12.31 10.70 10.61
CA GLY D 198 13.63 11.19 10.21
C GLY D 198 14.53 11.64 11.35
N GLY D 199 13.95 12.39 12.28
CA GLY D 199 14.69 12.93 13.43
C GLY D 199 15.04 11.97 14.53
N ASP D 200 14.50 10.75 14.48
CA ASP D 200 14.78 9.71 15.49
C ASP D 200 15.77 8.65 15.01
N ILE D 201 16.12 8.70 13.72
CA ILE D 201 17.04 7.74 13.13
C ILE D 201 18.42 7.77 13.79
N TYR D 202 18.96 8.97 14.02
CA TYR D 202 20.28 9.09 14.64
C TYR D 202 20.34 8.46 16.06
N PRO D 203 19.41 8.83 16.97
CA PRO D 203 19.34 8.17 18.30
C PRO D 203 19.20 6.65 18.26
N ALA D 204 18.37 6.15 17.34
CA ALA D 204 18.13 4.71 17.19
C ALA D 204 19.40 3.95 16.76
N LEU D 205 20.15 4.54 15.84
CA LEU D 205 21.42 3.97 15.38
C LEU D 205 22.45 3.99 16.51
N GLU D 206 22.48 5.11 17.23
CA GLU D 206 23.36 5.31 18.37
C GLU D 206 23.12 4.30 19.49
N LYS D 207 21.85 4.00 19.77
CA LYS D 207 21.50 3.03 20.82
C LYS D 207 21.51 1.58 20.33
N GLY D 208 21.57 1.38 19.01
CA GLY D 208 21.53 0.04 18.42
C GLY D 208 20.11 -0.50 18.29
N THR D 209 19.12 0.39 18.43
CA THR D 209 17.70 0.07 18.26
C THR D 209 17.40 -0.38 16.82
N ILE D 210 18.15 0.18 15.89
CA ILE D 210 18.10 -0.24 14.49
C ILE D 210 19.52 -0.50 14.00
N ASP D 211 19.64 -1.24 12.91
CA ASP D 211 20.95 -1.64 12.37
C ASP D 211 21.41 -0.78 11.20
N ALA D 212 20.45 -0.24 10.45
CA ALA D 212 20.77 0.47 9.20
C ALA D 212 19.66 1.46 8.82
N THR D 213 20.00 2.44 7.98
CA THR D 213 19.01 3.35 7.43
C THR D 213 19.38 3.72 5.99
N GLU D 214 18.37 3.92 5.16
CA GLU D 214 18.59 4.58 3.90
C GLU D 214 18.46 6.09 4.13
N TRP D 215 19.06 6.87 3.25
CA TRP D 215 18.78 8.30 3.26
C TRP D 215 18.76 8.78 1.81
N VAL D 216 19.81 9.45 1.36
CA VAL D 216 19.89 9.77 -0.09
C VAL D 216 21.28 9.36 -0.62
N GLY D 217 22.18 10.33 -0.72
CA GLY D 217 23.57 10.09 -1.15
C GLY D 217 24.52 10.99 -0.37
N PRO D 218 25.77 11.12 -0.84
CA PRO D 218 26.78 11.82 -0.03
C PRO D 218 26.43 13.26 0.30
N TYR D 219 25.89 13.99 -0.68
CA TYR D 219 25.64 15.40 -0.46
C TYR D 219 24.65 15.63 0.70
N ASP D 220 23.49 14.97 0.62
CA ASP D 220 22.49 15.10 1.68
C ASP D 220 22.89 14.39 2.97
N ASP D 221 23.50 13.21 2.85
CA ASP D 221 23.78 12.35 4.03
C ASP D 221 24.83 12.92 4.98
N GLU D 222 25.81 13.63 4.43
CA GLU D 222 26.90 14.17 5.24
C GLU D 222 26.36 15.04 6.37
N LYS D 223 25.33 15.82 6.04
CA LYS D 223 24.72 16.79 6.97
C LYS D 223 24.12 16.13 8.22
N LEU D 224 23.75 14.85 8.12
CA LEU D 224 23.10 14.11 9.20
C LEU D 224 24.11 13.44 10.15
N GLY D 225 25.37 13.38 9.72
CA GLY D 225 26.44 12.81 10.53
C GLY D 225 26.25 11.35 10.94
N PHE D 226 25.57 10.58 10.10
CA PHE D 226 25.31 9.16 10.38
C PHE D 226 26.61 8.37 10.55
N PHE D 227 27.69 8.86 9.94
CA PHE D 227 28.99 8.17 9.96
C PHE D 227 29.53 8.00 11.39
N LYS D 228 29.08 8.87 12.30
CA LYS D 228 29.52 8.85 13.71
C LYS D 228 28.96 7.67 14.49
N VAL D 229 27.87 7.08 14.01
CA VAL D 229 27.14 6.01 14.71
C VAL D 229 26.89 4.77 13.85
N ALA D 230 27.12 4.92 12.55
CA ALA D 230 26.97 3.83 11.60
C ALA D 230 27.98 4.08 10.49
N PRO D 231 29.24 3.67 10.70
CA PRO D 231 30.33 4.09 9.81
C PRO D 231 30.34 3.44 8.43
N TYR D 232 29.61 2.36 8.25
CA TYR D 232 29.66 1.63 7.00
C TYR D 232 28.63 2.17 6.00
N TYR D 233 29.14 2.74 4.92
CA TYR D 233 28.30 3.40 3.89
C TYR D 233 28.29 2.51 2.67
N TYR D 234 27.14 1.86 2.43
CA TYR D 234 27.05 0.87 1.36
C TYR D 234 26.61 1.45 0.02
N TYR D 235 27.02 0.78 -1.05
CA TYR D 235 26.60 1.18 -2.41
C TYR D 235 26.60 -0.02 -3.37
N PRO D 236 25.84 0.08 -4.49
CA PRO D 236 24.91 1.14 -4.86
C PRO D 236 23.54 0.92 -4.23
N GLY D 237 22.75 1.99 -4.09
CA GLY D 237 21.32 1.86 -3.81
C GLY D 237 20.66 1.30 -5.04
N TRP D 238 20.59 -0.03 -5.14
CA TRP D 238 20.08 -0.72 -6.33
C TRP D 238 18.58 -0.49 -6.58
N TRP D 239 17.89 0.12 -5.62
CA TRP D 239 16.48 0.46 -5.80
C TRP D 239 16.32 1.92 -6.24
N GLU D 240 17.46 2.59 -6.47
CA GLU D 240 17.51 4.03 -6.74
C GLU D 240 18.59 4.30 -7.78
N GLY D 241 18.55 3.56 -8.88
CA GLY D 241 19.53 3.69 -9.98
C GLY D 241 19.49 5.01 -10.75
N GLY D 242 18.29 5.51 -11.02
CA GLY D 242 18.17 6.78 -11.76
C GLY D 242 16.87 7.48 -11.37
N PRO D 243 16.73 7.89 -10.09
CA PRO D 243 15.39 8.29 -9.62
C PRO D 243 14.96 9.64 -10.17
N THR D 244 13.87 9.67 -10.92
N THR D 244 13.84 9.63 -10.86
CA THR D 244 13.32 10.97 -11.33
CA THR D 244 13.21 10.87 -11.31
C THR D 244 12.26 11.44 -10.34
C THR D 244 12.29 11.41 -10.23
N VAL D 245 12.31 12.73 -10.06
CA VAL D 245 11.46 13.41 -9.10
C VAL D 245 10.43 14.23 -9.91
N HIS D 246 9.18 13.79 -9.94
CA HIS D 246 8.21 14.40 -10.84
C HIS D 246 7.57 15.66 -10.32
N PHE D 247 7.27 16.58 -11.25
CA PHE D 247 6.25 17.59 -11.03
C PHE D 247 4.93 16.95 -11.45
N MSE D 248 3.93 17.01 -10.58
CA MSE D 248 2.61 16.48 -10.91
C MSE D 248 1.61 17.62 -10.83
O MSE D 248 1.59 18.34 -9.84
CB MSE D 248 2.23 15.36 -9.94
CG MSE D 248 3.19 14.18 -9.99
SE MSE D 248 2.48 12.70 -8.92
CE MSE D 248 3.89 11.35 -9.29
N PHE D 249 0.81 17.76 -11.88
CA PHE D 249 -0.12 18.88 -12.01
C PHE D 249 -1.54 18.36 -12.01
N ASN D 250 -2.43 19.08 -11.34
CA ASN D 250 -3.85 18.75 -11.42
C ASN D 250 -4.27 18.78 -12.90
N LYS D 251 -4.93 17.74 -13.36
CA LYS D 251 -5.23 17.57 -14.78
C LYS D 251 -6.12 18.71 -15.27
N SER D 252 -7.10 19.10 -14.46
CA SER D 252 -7.97 20.22 -14.85
C SER D 252 -7.17 21.53 -14.94
N ALA D 253 -6.31 21.78 -13.95
CA ALA D 253 -5.45 22.96 -13.93
C ALA D 253 -4.57 23.01 -15.17
N TYR D 254 -3.96 21.88 -15.51
CA TYR D 254 -3.04 21.82 -16.66
C TYR D 254 -3.81 22.03 -17.97
N GLU D 255 -4.90 21.29 -18.12
CA GLU D 255 -5.72 21.41 -19.32
C GLU D 255 -6.33 22.83 -19.46
N GLY D 256 -6.46 23.53 -18.34
CA GLY D 256 -7.00 24.88 -18.31
C GLY D 256 -6.01 25.98 -18.68
N LEU D 257 -4.72 25.63 -18.77
CA LEU D 257 -3.70 26.60 -19.19
C LEU D 257 -3.85 26.94 -20.66
N THR D 258 -3.58 28.18 -21.04
CA THR D 258 -3.38 28.44 -22.46
C THR D 258 -2.26 27.50 -23.01
N PRO D 259 -2.43 26.97 -24.24
CA PRO D 259 -1.40 26.06 -24.80
C PRO D 259 0.00 26.64 -24.81
N THR D 260 0.11 27.97 -24.92
CA THR D 260 1.39 28.67 -24.81
C THR D 260 2.07 28.30 -23.50
N TYR D 261 1.29 28.31 -22.41
CA TYR D 261 1.81 28.01 -21.09
C TYR D 261 2.00 26.50 -20.84
N GLN D 262 1.16 25.67 -21.48
CA GLN D 262 1.38 24.22 -21.45
C GLN D 262 2.78 23.91 -22.01
N SER D 263 3.09 24.55 -23.14
CA SER D 263 4.38 24.33 -23.78
C SER D 263 5.51 24.85 -22.91
N LEU D 264 5.36 26.09 -22.42
CA LEU D 264 6.39 26.67 -21.55
C LEU D 264 6.61 25.76 -20.33
N LEU D 265 5.52 25.24 -19.76
CA LEU D 265 5.64 24.42 -18.57
C LEU D 265 6.46 23.16 -18.86
N ARG D 266 6.22 22.52 -19.99
CA ARG D 266 6.98 21.31 -20.36
C ARG D 266 8.45 21.67 -20.60
N THR D 267 8.69 22.78 -21.28
CA THR D 267 10.08 23.21 -21.54
C THR D 267 10.79 23.47 -20.23
N ALA D 268 10.14 24.22 -19.33
CA ALA D 268 10.72 24.53 -18.03
C ALA D 268 10.98 23.26 -17.17
N CYS D 269 10.03 22.34 -17.12
CA CYS D 269 10.23 21.06 -16.39
C CYS D 269 11.44 20.31 -16.98
N HIS D 270 11.55 20.31 -18.31
CA HIS D 270 12.66 19.64 -19.01
C HIS D 270 14.03 20.20 -18.56
N ALA D 271 14.11 21.52 -18.49
CA ALA D 271 15.30 22.20 -18.04
C ALA D 271 15.57 21.96 -16.55
N ALA D 272 14.52 22.05 -15.74
CA ALA D 272 14.67 21.88 -14.28
C ALA D 272 15.09 20.45 -13.98
N ASP D 273 14.58 19.52 -14.76
CA ASP D 273 14.91 18.09 -14.64
C ASP D 273 16.42 17.87 -14.84
N ALA D 274 16.95 18.45 -15.91
CA ALA D 274 18.39 18.39 -16.20
C ALA D 274 19.19 19.10 -15.10
N ASN D 275 18.69 20.26 -14.67
CA ASN D 275 19.34 21.05 -13.63
C ASN D 275 19.65 20.28 -12.37
N MSE D 276 18.70 19.51 -11.88
CA MSE D 276 18.91 18.85 -10.58
C MSE D 276 19.98 17.78 -10.70
O MSE D 276 20.84 17.64 -9.83
CB MSE D 276 17.62 18.22 -10.09
CG MSE D 276 17.86 17.58 -8.69
SE MSE D 276 16.33 16.55 -8.04
CE MSE D 276 15.02 18.01 -7.91
N LEU D 277 19.94 17.04 -11.80
CA LEU D 277 20.94 16.00 -12.04
C LEU D 277 22.34 16.59 -12.09
N GLN D 278 22.45 17.72 -12.80
CA GLN D 278 23.71 18.44 -12.94
C GLN D 278 24.23 18.99 -11.60
N LEU D 279 23.30 19.39 -10.73
CA LEU D 279 23.66 19.91 -9.42
C LEU D 279 24.21 18.79 -8.54
N TYR D 280 23.53 17.64 -8.52
CA TYR D 280 24.06 16.49 -7.78
C TYR D 280 25.40 15.98 -8.34
N ASP D 281 25.52 15.93 -9.66
CA ASP D 281 26.78 15.51 -10.27
C ASP D 281 27.93 16.47 -9.92
N TRP D 282 27.62 17.76 -9.77
CA TRP D 282 28.59 18.75 -9.32
C TRP D 282 28.95 18.58 -7.82
N LYS D 283 27.92 18.38 -6.99
CA LYS D 283 28.08 18.45 -5.53
C LYS D 283 28.56 17.15 -4.87
N ASN D 284 28.15 16.01 -5.41
CA ASN D 284 28.45 14.71 -4.79
C ASN D 284 29.96 14.42 -4.62
N PRO D 285 30.79 14.73 -5.66
CA PRO D 285 32.22 14.44 -5.51
C PRO D 285 32.85 15.09 -4.27
N THR D 286 32.53 16.36 -4.02
CA THR D 286 33.02 17.06 -2.83
C THR D 286 32.54 16.36 -1.55
N ALA D 287 31.26 15.98 -1.54
CA ALA D 287 30.66 15.39 -0.35
C ALA D 287 31.22 14.03 -0.05
N ILE D 288 31.43 13.21 -1.08
CA ILE D 288 31.97 11.86 -0.80
C ILE D 288 33.39 11.96 -0.24
N LYS D 289 34.16 12.93 -0.71
CA LYS D 289 35.54 13.11 -0.26
C LYS D 289 35.53 13.55 1.20
N SER D 290 34.59 14.44 1.52
CA SER D 290 34.45 14.96 2.87
C SER D 290 34.07 13.87 3.84
N LEU D 291 33.13 13.00 3.44
CA LEU D 291 32.70 11.90 4.29
C LEU D 291 33.85 10.93 4.59
N VAL D 292 34.62 10.56 3.56
CA VAL D 292 35.74 9.62 3.74
C VAL D 292 36.81 10.24 4.66
N ALA D 293 37.12 11.51 4.43
CA ALA D 293 38.07 12.24 5.28
C ALA D 293 37.65 12.24 6.76
N GLN D 294 36.35 12.14 7.01
CA GLN D 294 35.79 12.16 8.36
C GLN D 294 35.64 10.78 8.98
N GLY D 295 36.15 9.75 8.32
CA GLY D 295 36.13 8.38 8.84
C GLY D 295 35.11 7.42 8.25
N THR D 296 34.31 7.89 7.29
CA THR D 296 33.31 7.03 6.63
C THR D 296 33.96 5.85 5.93
N GLN D 297 33.34 4.69 6.13
CA GLN D 297 33.86 3.42 5.65
C GLN D 297 33.03 2.89 4.47
N LEU D 298 33.45 3.21 3.25
CA LEU D 298 32.74 2.80 2.02
C LEU D 298 32.84 1.31 1.76
N ARG D 299 31.69 0.70 1.48
CA ARG D 299 31.60 -0.74 1.24
C ARG D 299 30.62 -1.02 0.10
N PRO D 300 31.09 -1.75 -0.94
CA PRO D 300 30.14 -2.22 -1.97
C PRO D 300 29.28 -3.37 -1.45
N PHE D 301 28.00 -3.38 -1.80
CA PHE D 301 27.20 -4.59 -1.61
C PHE D 301 27.86 -5.71 -2.42
N SER D 302 28.08 -6.86 -1.77
CA SER D 302 28.77 -7.96 -2.43
C SER D 302 27.98 -8.49 -3.62
N PRO D 303 28.66 -9.14 -4.60
CA PRO D 303 27.92 -9.76 -5.69
C PRO D 303 26.83 -10.76 -5.23
N GLU D 304 27.09 -11.52 -4.14
CA GLU D 304 26.09 -12.42 -3.57
C GLU D 304 24.81 -11.66 -3.15
N ILE D 305 24.98 -10.55 -2.44
CA ILE D 305 23.86 -9.73 -1.97
C ILE D 305 23.09 -9.11 -3.16
N LEU D 306 23.83 -8.56 -4.12
CA LEU D 306 23.17 -7.94 -5.27
C LEU D 306 22.40 -8.96 -6.10
N GLN D 307 23.00 -10.13 -6.32
CA GLN D 307 22.35 -11.19 -7.07
C GLN D 307 21.03 -11.64 -6.40
N ALA D 308 21.06 -11.80 -5.08
CA ALA D 308 19.87 -12.19 -4.31
C ALA D 308 18.77 -11.13 -4.38
N CYS D 309 19.18 -9.87 -4.23
CA CYS D 309 18.26 -8.75 -4.35
C CYS D 309 17.65 -8.68 -5.74
N PHE D 310 18.46 -8.97 -6.77
CA PHE D 310 17.99 -9.02 -8.15
C PHE D 310 16.93 -10.10 -8.35
N GLU D 311 17.21 -11.30 -7.84
CA GLU D 311 16.30 -12.42 -7.98
C GLU D 311 15.01 -12.18 -7.19
N ALA D 312 15.14 -11.66 -5.97
CA ALA D 312 13.96 -11.30 -5.16
C ALA D 312 13.11 -10.25 -5.87
N ALA D 313 13.75 -9.22 -6.43
CA ALA D 313 13.03 -8.19 -7.19
C ALA D 313 12.29 -8.78 -8.39
N ASN D 314 12.92 -9.70 -9.12
CA ASN D 314 12.28 -10.31 -10.28
C ASN D 314 11.01 -11.10 -9.92
N GLU D 315 11.03 -11.77 -8.76
CA GLU D 315 9.84 -12.40 -8.16
C GLU D 315 8.72 -11.38 -8.02
N VAL D 316 9.05 -10.22 -7.45
CA VAL D 316 8.05 -9.16 -7.25
C VAL D 316 7.52 -8.67 -8.60
N TYR D 317 8.43 -8.36 -9.53
CA TYR D 317 8.01 -7.94 -10.88
C TYR D 317 7.03 -8.93 -11.52
N ALA D 318 7.32 -10.21 -11.38
CA ALA D 318 6.50 -11.28 -11.98
C ALA D 318 5.09 -11.29 -11.37
N GLU D 319 5.02 -11.12 -10.07
CA GLU D 319 3.73 -11.05 -9.35
C GLU D 319 2.93 -9.81 -9.75
N MSE D 320 3.63 -8.67 -9.93
CA MSE D 320 2.95 -7.41 -10.30
C MSE D 320 2.44 -7.40 -11.75
O MSE D 320 1.36 -6.86 -12.03
CB MSE D 320 3.88 -6.21 -10.06
CG MSE D 320 4.21 -5.97 -8.62
SE MSE D 320 2.57 -5.66 -7.59
CE MSE D 320 3.38 -5.43 -5.84
N GLU D 321 3.20 -8.00 -12.66
CA GLU D 321 2.81 -8.09 -14.05
C GLU D 321 1.58 -8.99 -14.22
N ALA D 322 1.48 -10.00 -13.36
CA ALA D 322 0.40 -10.98 -13.43
C ALA D 322 -0.93 -10.37 -12.98
N SER D 323 -0.85 -9.40 -12.06
CA SER D 323 -2.05 -8.91 -11.36
C SER D 323 -2.41 -7.44 -11.64
N ASN D 324 -1.56 -6.73 -12.39
CA ASN D 324 -1.69 -5.29 -12.57
C ASN D 324 -1.32 -4.89 -14.01
N PRO D 325 -2.32 -4.90 -14.91
CA PRO D 325 -2.15 -4.58 -16.33
C PRO D 325 -1.45 -3.23 -16.62
N ALA D 326 -1.79 -2.18 -15.87
CA ALA D 326 -1.12 -0.87 -16.03
C ALA D 326 0.39 -0.98 -15.72
N PHE D 327 0.71 -1.69 -14.63
CA PHE D 327 2.09 -1.92 -14.26
C PHE D 327 2.82 -2.69 -15.38
N LYS D 328 2.21 -3.78 -15.86
CA LYS D 328 2.82 -4.62 -16.89
C LYS D 328 3.18 -3.80 -18.14
N LYS D 329 2.26 -2.91 -18.55
CA LYS D 329 2.44 -2.15 -19.79
C LYS D 329 3.64 -1.21 -19.70
N ILE D 330 3.74 -0.47 -18.61
CA ILE D 330 4.87 0.44 -18.43
C ILE D 330 6.17 -0.33 -18.18
N TRP D 331 6.14 -1.34 -17.29
CA TRP D 331 7.37 -2.08 -16.98
C TRP D 331 7.92 -2.81 -18.21
N ASP D 332 7.03 -3.40 -19.02
CA ASP D 332 7.47 -4.05 -20.25
C ASP D 332 8.16 -3.05 -21.19
N SER D 333 7.68 -1.81 -21.20
CA SER D 333 8.28 -0.78 -22.05
C SER D 333 9.70 -0.46 -21.55
N ILE D 334 9.82 -0.26 -20.24
CA ILE D 334 11.11 0.05 -19.61
C ILE D 334 12.09 -1.12 -19.84
N LYS D 335 11.60 -2.34 -19.62
CA LYS D 335 12.46 -3.53 -19.83
C LYS D 335 12.97 -3.67 -21.25
N ALA D 336 12.13 -3.32 -22.23
CA ALA D 336 12.52 -3.43 -23.64
C ALA D 336 13.72 -2.53 -23.91
N PHE D 337 13.65 -1.29 -23.42
CA PHE D 337 14.77 -0.38 -23.54
C PHE D 337 15.95 -0.70 -22.65
N ARG D 338 15.68 -1.17 -21.43
CA ARG D 338 16.73 -1.50 -20.48
C ARG D 338 17.82 -2.40 -21.09
N SER D 339 17.42 -3.45 -21.81
CA SER D 339 18.43 -4.36 -22.37
C SER D 339 19.21 -3.72 -23.53
N GLU D 340 18.51 -2.97 -24.40
CA GLU D 340 19.16 -2.23 -25.49
C GLU D 340 20.17 -1.22 -24.93
N HIS D 341 19.72 -0.45 -23.93
CA HIS D 341 20.53 0.59 -23.34
C HIS D 341 21.81 0.01 -22.79
N TYR D 342 21.72 -1.05 -22.00
CA TYR D 342 22.89 -1.60 -21.37
C TYR D 342 23.79 -2.39 -22.33
N THR D 343 23.24 -2.72 -23.51
CA THR D 343 24.07 -3.27 -24.60
C THR D 343 24.97 -2.17 -25.15
N TRP D 344 24.37 -1.03 -25.46
CA TRP D 344 25.11 0.10 -26.02
C TRP D 344 26.05 0.78 -24.99
N ALA D 345 25.56 0.98 -23.77
CA ALA D 345 26.32 1.78 -22.80
C ALA D 345 27.66 1.13 -22.43
N GLN D 346 27.77 -0.18 -22.57
CA GLN D 346 29.03 -0.86 -22.28
C GLN D 346 30.12 -0.67 -23.35
N ILE D 347 29.76 -0.01 -24.44
CA ILE D 347 30.69 0.15 -25.57
C ILE D 347 31.47 1.46 -25.40
N ALA D 348 31.04 2.55 -26.03
CA ALA D 348 31.83 3.79 -26.00
C ALA D 348 31.84 4.44 -24.62
N GLU D 349 30.66 4.56 -23.99
CA GLU D 349 30.58 5.30 -22.73
C GLU D 349 31.41 4.63 -21.65
N TYR D 350 31.18 3.33 -21.47
CA TYR D 350 31.80 2.56 -20.41
C TYR D 350 33.32 2.51 -20.62
N ASN D 351 33.73 2.26 -21.85
CA ASN D 351 35.14 2.20 -22.14
C ASN D 351 35.87 3.53 -21.93
N TYR D 352 35.25 4.62 -22.38
CA TYR D 352 35.82 5.95 -22.14
C TYR D 352 35.94 6.24 -20.63
N ASP D 353 34.83 6.14 -19.91
CA ASP D 353 34.84 6.44 -18.48
C ASP D 353 35.79 5.52 -17.73
N THR D 354 35.82 4.23 -18.08
CA THR D 354 36.74 3.27 -17.45
C THR D 354 38.20 3.74 -17.60
N PHE D 355 38.55 4.12 -18.81
CA PHE D 355 39.90 4.63 -19.07
C PHE D 355 40.22 5.80 -18.14
N MSE D 356 39.30 6.76 -18.09
CA MSE D 356 39.47 7.95 -17.23
C MSE D 356 39.60 7.62 -15.74
O MSE D 356 40.42 8.21 -15.05
CB MSE D 356 38.35 8.96 -17.47
CG MSE D 356 38.22 9.44 -18.90
SE MSE D 356 39.89 10.29 -19.55
CE MSE D 356 39.83 11.89 -18.40
N MSE D 357 38.81 6.65 -15.27
CA MSE D 357 38.86 6.21 -13.87
C MSE D 357 40.20 5.57 -13.54
O MSE D 357 40.77 5.83 -12.48
CB MSE D 357 37.72 5.25 -13.59
CG MSE D 357 36.36 5.93 -13.65
SE MSE D 357 34.89 4.62 -13.70
CE MSE D 357 33.36 5.91 -14.06
N VAL D 358 40.68 4.74 -14.46
CA VAL D 358 42.01 4.11 -14.32
C VAL D 358 43.11 5.17 -14.25
N GLN D 359 43.05 6.17 -15.14
CA GLN D 359 44.02 7.27 -15.11
C GLN D 359 43.95 8.02 -13.80
N GLN D 360 42.73 8.25 -13.30
CA GLN D 360 42.56 8.96 -12.05
C GLN D 360 43.24 8.16 -10.92
N ASN D 361 42.98 6.87 -10.88
CA ASN D 361 43.56 6.00 -9.84
C ASN D 361 45.08 5.91 -9.91
N ALA D 362 45.61 5.99 -11.12
CA ALA D 362 47.08 6.03 -11.33
C ALA D 362 47.73 7.38 -11.03
N GLY D 363 46.93 8.39 -10.68
CA GLY D 363 47.42 9.74 -10.42
C GLY D 363 47.77 10.50 -11.70
N LYS D 364 47.23 10.05 -12.83
CA LYS D 364 47.60 10.62 -14.14
C LYS D 364 46.74 11.82 -14.57
N LEU D 365 45.67 12.11 -13.84
CA LEU D 365 44.80 13.23 -14.21
C LEU D 365 45.16 14.51 -13.48
C1 GOL E . -4.13 -7.91 22.59
O1 GOL E . -2.76 -7.58 22.46
C2 GOL E . -5.01 -6.93 21.83
O2 GOL E . -4.81 -5.64 22.34
C3 GOL E . -6.47 -7.40 21.93
O3 GOL E . -7.32 -6.39 22.42
C1 GOL F . -39.66 -19.42 11.78
O1 GOL F . -40.79 -19.92 11.10
C2 GOL F . -38.80 -20.63 12.16
O2 GOL F . -39.52 -21.42 13.09
C3 GOL F . -37.49 -20.13 12.78
O3 GOL F . -37.71 -19.78 14.13
C1 GOL G . 29.56 16.47 -34.06
O1 GOL G . 30.50 16.31 -33.02
C2 GOL G . 30.32 16.61 -35.37
O2 GOL G . 31.16 17.73 -35.32
C3 GOL G . 29.32 16.81 -36.50
O3 GOL G . 29.98 16.57 -37.73
C1 GOL H . 14.20 11.00 -2.93
O1 GOL H . 14.68 10.14 -3.94
C2 GOL H . 15.06 10.84 -1.70
O2 GOL H . 15.39 9.48 -1.51
C3 GOL H . 14.29 11.37 -0.49
O3 GOL H . 13.50 10.34 0.06
#